data_8EIN
#
_entry.id   8EIN
#
_cell.length_a   152.632
_cell.length_b   128.015
_cell.length_c   107.078
_cell.angle_alpha   90.00
_cell.angle_beta   129.48
_cell.angle_gamma   90.00
#
_symmetry.space_group_name_H-M   'C 1 2 1'
#
loop_
_entity.id
_entity.type
_entity.pdbx_description
1 polymer 'Succinylglutamate desuccinylase'
2 non-polymer 'ZINC ION'
3 non-polymer 'MANGANESE (II) ION'
#
_entity_poly.entity_id   1
_entity_poly.type   'polypeptide(L)'
_entity_poly.pdbx_seq_one_letter_code
;TSACENFLLPADQDGIQRQVTIFRYGQENSAPKAYLQAGLHADEFPGMLALKYLRDLLDEAARRNRIKGEIVIIPQANPI
GLSQWKDGFLLGRFDHQTGTNFNRDYPDLCQLTVEKLDGQLTENAEHNIDVIRKTMRSALSELKPEQAVDVLRHKLISES
CDADLVLDLHADNQAQCHMYTLTPLWPAMHDVAAEIDARAVLLAEESGGHPFDEACSAPWMNLSRAFPDYPIPLACQSAT
FELGSNDEVDLRLAQDQAEALFRILIRRGFIEDVHVGELPQLACEGTLLEAMQQLKAPCQGLIVYHNRLGDFVRSGDKVV
SIVDPIGETVDILAHTDGVLFARHSQTYAYPNKVIGKIAGKEPLPERKGF
;
_entity_poly.pdbx_strand_id   A,B,C,D
#
# COMPACT_ATOMS: atom_id res chain seq x y z
N THR A 1 32.41 -17.25 9.35
CA THR A 1 31.22 -18.14 9.59
C THR A 1 30.24 -18.08 8.40
N SER A 2 30.69 -17.58 7.25
CA SER A 2 29.93 -17.65 5.96
C SER A 2 30.87 -18.10 4.83
N ALA A 3 30.51 -19.17 4.11
CA ALA A 3 31.28 -19.71 2.97
C ALA A 3 30.97 -18.86 1.73
N CYS A 4 31.95 -18.67 0.87
CA CYS A 4 31.80 -17.91 -0.40
C CYS A 4 32.45 -18.71 -1.52
N GLU A 5 31.66 -19.09 -2.52
CA GLU A 5 32.12 -19.83 -3.72
C GLU A 5 31.96 -18.92 -4.93
N ASN A 6 32.92 -18.93 -5.85
CA ASN A 6 32.86 -18.09 -7.07
C ASN A 6 32.89 -19.04 -8.25
N PHE A 7 31.72 -19.54 -8.67
CA PHE A 7 31.58 -20.60 -9.69
C PHE A 7 31.76 -19.98 -11.08
N LEU A 8 32.71 -20.52 -11.83
CA LEU A 8 33.19 -19.93 -13.12
C LEU A 8 32.41 -20.59 -14.27
N LEU A 9 31.78 -19.76 -15.08
CA LEU A 9 31.10 -20.20 -16.32
C LEU A 9 32.16 -20.27 -17.42
N PRO A 10 31.92 -21.05 -18.51
CA PRO A 10 32.82 -21.05 -19.66
C PRO A 10 32.76 -19.68 -20.34
N ALA A 11 33.81 -19.34 -21.10
CA ALA A 11 33.89 -18.08 -21.85
C ALA A 11 32.77 -17.99 -22.89
N ASP A 12 32.17 -16.80 -23.04
CA ASP A 12 31.06 -16.49 -23.99
C ASP A 12 31.66 -16.24 -25.38
N GLN A 13 30.87 -15.71 -26.32
CA GLN A 13 31.28 -15.45 -27.73
C GLN A 13 32.40 -14.41 -27.81
N ASP A 14 32.57 -13.57 -26.78
CA ASP A 14 33.61 -12.50 -26.73
C ASP A 14 34.80 -12.98 -25.91
N GLY A 15 34.81 -14.27 -25.53
CA GLY A 15 35.84 -14.92 -24.71
C GLY A 15 35.86 -14.40 -23.27
N ILE A 16 34.69 -14.00 -22.74
CA ILE A 16 34.60 -13.48 -21.35
C ILE A 16 34.00 -14.56 -20.45
N GLN A 17 34.73 -14.88 -19.38
CA GLN A 17 34.34 -15.90 -18.38
C GLN A 17 33.73 -15.12 -17.22
N ARG A 18 32.49 -15.47 -16.84
CA ARG A 18 31.73 -14.77 -15.79
C ARG A 18 31.59 -15.70 -14.59
N GLN A 19 31.28 -15.14 -13.43
CA GLN A 19 31.20 -15.92 -12.18
C GLN A 19 29.84 -15.72 -11.53
N VAL A 20 29.34 -16.77 -10.89
CA VAL A 20 28.18 -16.72 -9.96
C VAL A 20 28.74 -16.76 -8.54
N THR A 21 28.56 -15.69 -7.78
CA THR A 21 29.01 -15.68 -6.37
C THR A 21 27.91 -16.28 -5.50
N ILE A 22 28.23 -17.34 -4.75
CA ILE A 22 27.28 -18.09 -3.88
C ILE A 22 27.73 -18.01 -2.41
N PHE A 23 26.83 -17.61 -1.51
CA PHE A 23 27.10 -17.51 -0.06
C PHE A 23 26.33 -18.60 0.68
N ARG A 24 26.95 -19.23 1.67
CA ARG A 24 26.33 -20.33 2.47
C ARG A 24 26.53 -20.07 3.95
N TYR A 25 25.44 -20.11 4.73
CA TYR A 25 25.43 -19.59 6.12
C TYR A 25 25.45 -20.71 7.18
N GLY A 26 25.25 -21.96 6.81
CA GLY A 26 25.00 -23.00 7.83
C GLY A 26 25.94 -24.19 7.80
N GLN A 27 25.40 -25.36 8.13
CA GLN A 27 26.13 -26.65 8.19
C GLN A 27 25.92 -27.37 6.85
N GLU A 28 26.99 -27.66 6.10
CA GLU A 28 26.85 -28.16 4.70
C GLU A 28 26.08 -29.50 4.68
N ASN A 29 25.05 -29.60 3.83
CA ASN A 29 24.19 -30.78 3.58
C ASN A 29 23.42 -31.16 4.84
N SER A 30 23.14 -30.22 5.75
CA SER A 30 22.58 -30.54 7.08
C SER A 30 21.21 -29.90 7.29
N ALA A 31 20.51 -30.43 8.31
CA ALA A 31 19.30 -29.88 8.94
C ALA A 31 18.14 -29.60 7.98
N PRO A 32 17.50 -28.41 8.02
CA PRO A 32 16.66 -27.96 6.90
C PRO A 32 17.55 -27.17 5.93
N LYS A 33 17.27 -27.20 4.63
CA LYS A 33 18.06 -26.43 3.61
C LYS A 33 17.17 -25.37 2.95
N ALA A 34 17.64 -24.12 2.96
CA ALA A 34 17.00 -22.94 2.31
C ALA A 34 17.88 -22.46 1.15
N TYR A 35 17.24 -22.05 0.07
CA TYR A 35 17.90 -21.49 -1.13
C TYR A 35 17.15 -20.23 -1.55
N LEU A 36 17.87 -19.10 -1.60
CA LEU A 36 17.33 -17.80 -2.03
C LEU A 36 18.24 -17.22 -3.10
N GLN A 37 17.69 -16.93 -4.27
CA GLN A 37 18.45 -16.28 -5.36
C GLN A 37 17.68 -15.06 -5.84
N ALA A 38 18.40 -14.11 -6.42
CA ALA A 38 17.82 -12.90 -7.02
C ALA A 38 18.60 -12.56 -8.29
N GLY A 39 17.91 -11.90 -9.23
CA GLY A 39 18.54 -11.34 -10.42
C GLY A 39 18.79 -12.40 -11.48
N LEU A 40 17.93 -13.44 -11.51
CA LEU A 40 17.94 -14.40 -12.63
C LEU A 40 17.64 -13.62 -13.91
N HIS A 41 16.62 -12.77 -13.85
CA HIS A 41 16.44 -11.67 -14.83
C HIS A 41 17.30 -10.51 -14.31
N ALA A 42 18.40 -10.19 -15.01
CA ALA A 42 19.47 -9.30 -14.49
C ALA A 42 18.98 -7.84 -14.44
N ASP A 43 17.80 -7.53 -14.96
CA ASP A 43 17.27 -6.15 -14.94
C ASP A 43 16.20 -6.01 -13.83
N GLU A 44 16.10 -7.01 -12.95
CA GLU A 44 15.14 -7.01 -11.82
C GLU A 44 15.91 -6.86 -10.51
N PHE A 45 15.90 -5.66 -9.93
CA PHE A 45 16.86 -5.19 -8.90
C PHE A 45 16.41 -5.36 -7.44
N PRO A 46 15.14 -5.20 -7.04
CA PRO A 46 14.78 -5.19 -5.62
C PRO A 46 15.30 -6.40 -4.82
N GLY A 47 15.25 -7.60 -5.43
CA GLY A 47 15.78 -8.84 -4.83
C GLY A 47 17.28 -8.79 -4.56
N MET A 48 18.03 -8.11 -5.42
CA MET A 48 19.50 -8.00 -5.30
C MET A 48 19.81 -7.26 -4.01
N LEU A 49 19.18 -6.11 -3.78
CA LEU A 49 19.45 -5.26 -2.59
C LEU A 49 18.89 -5.97 -1.35
N ALA A 50 17.74 -6.63 -1.47
CA ALA A 50 17.10 -7.36 -0.34
C ALA A 50 18.05 -8.45 0.17
N LEU A 51 18.66 -9.21 -0.73
CA LEU A 51 19.57 -10.30 -0.33
C LEU A 51 20.87 -9.71 0.23
N LYS A 52 21.34 -8.55 -0.26
CA LYS A 52 22.52 -7.88 0.36
C LYS A 52 22.21 -7.66 1.86
N TYR A 53 21.04 -7.13 2.19
CA TYR A 53 20.67 -6.82 3.58
C TYR A 53 20.33 -8.10 4.33
N LEU A 54 19.79 -9.13 3.66
CA LEU A 54 19.54 -10.43 4.35
C LEU A 54 20.87 -11.01 4.80
N ARG A 55 21.91 -10.88 3.96
CA ARG A 55 23.28 -11.29 4.34
C ARG A 55 23.70 -10.56 5.63
N ASP A 56 23.54 -9.25 5.71
CA ASP A 56 23.91 -8.48 6.93
C ASP A 56 23.21 -9.12 8.14
N LEU A 57 21.93 -9.48 8.04
CA LEU A 57 21.15 -10.08 9.16
C LEU A 57 21.69 -11.48 9.48
N LEU A 58 22.03 -12.27 8.47
CA LEU A 58 22.56 -13.65 8.65
C LEU A 58 24.00 -13.59 9.17
N ASP A 59 24.79 -12.58 8.81
CA ASP A 59 26.16 -12.38 9.36
C ASP A 59 26.04 -12.32 10.89
N GLU A 60 25.08 -11.53 11.37
CA GLU A 60 24.80 -11.33 12.81
C GLU A 60 24.30 -12.65 13.40
N ALA A 61 23.38 -13.35 12.74
CA ALA A 61 22.85 -14.67 13.20
C ALA A 61 24.00 -15.67 13.32
N ALA A 62 24.95 -15.66 12.39
CA ALA A 62 26.11 -16.57 12.38
C ALA A 62 27.02 -16.22 13.56
N ARG A 63 27.31 -14.94 13.78
CA ARG A 63 28.16 -14.45 14.90
C ARG A 63 27.52 -14.89 16.22
N ARG A 64 26.19 -14.85 16.34
CA ARG A 64 25.45 -15.25 17.57
C ARG A 64 25.26 -16.78 17.60
N ASN A 65 25.79 -17.50 16.61
CA ASN A 65 25.76 -18.99 16.50
C ASN A 65 24.31 -19.50 16.46
N ARG A 66 23.44 -18.88 15.66
CA ARG A 66 21.97 -19.16 15.70
C ARG A 66 21.49 -19.84 14.42
N ILE A 67 22.38 -20.15 13.47
CA ILE A 67 21.95 -20.75 12.17
C ILE A 67 21.83 -22.26 12.35
N LYS A 68 20.65 -22.81 12.10
CA LYS A 68 20.30 -24.21 12.41
C LYS A 68 20.54 -25.11 11.19
N GLY A 69 20.33 -24.61 9.97
CA GLY A 69 20.35 -25.46 8.77
C GLY A 69 21.52 -25.14 7.85
N GLU A 70 21.31 -25.26 6.54
CA GLU A 70 22.14 -24.65 5.47
C GLU A 70 21.28 -23.61 4.74
N ILE A 71 21.69 -22.34 4.75
CA ILE A 71 20.99 -21.25 4.00
C ILE A 71 21.89 -20.77 2.86
N VAL A 72 21.42 -20.91 1.61
CA VAL A 72 22.19 -20.54 0.40
C VAL A 72 21.63 -19.23 -0.18
N ILE A 73 22.49 -18.22 -0.35
CA ILE A 73 22.11 -16.84 -0.82
C ILE A 73 22.88 -16.52 -2.11
N ILE A 74 22.17 -16.22 -3.20
CA ILE A 74 22.78 -15.75 -4.49
C ILE A 74 22.14 -14.43 -4.92
N PRO A 75 22.69 -13.28 -4.48
CA PRO A 75 22.13 -11.97 -4.79
C PRO A 75 22.11 -11.65 -6.29
N GLN A 76 23.05 -12.19 -7.06
CA GLN A 76 23.11 -11.92 -8.52
C GLN A 76 23.30 -13.24 -9.25
N ALA A 77 22.19 -13.95 -9.51
CA ALA A 77 22.16 -15.34 -9.99
C ALA A 77 22.55 -15.38 -11.47
N ASN A 78 22.65 -14.22 -12.13
CA ASN A 78 22.78 -14.19 -13.60
C ASN A 78 23.74 -13.09 -14.01
N PRO A 79 25.05 -13.39 -13.99
CA PRO A 79 26.08 -12.45 -14.43
C PRO A 79 26.18 -12.32 -15.96
N ILE A 80 25.49 -13.18 -16.72
CA ILE A 80 25.46 -13.07 -18.20
C ILE A 80 24.57 -11.89 -18.56
N GLY A 81 23.32 -11.94 -18.12
CA GLY A 81 22.36 -10.85 -18.30
C GLY A 81 22.89 -9.53 -17.78
N LEU A 82 23.61 -9.56 -16.67
CA LEU A 82 24.05 -8.36 -15.93
C LEU A 82 25.05 -7.57 -16.77
N SER A 83 25.63 -8.16 -17.81
CA SER A 83 26.64 -7.52 -18.69
C SER A 83 25.97 -6.96 -19.94
N GLN A 84 24.70 -7.30 -20.16
CA GLN A 84 24.00 -7.05 -21.45
C GLN A 84 23.44 -5.62 -21.46
N TRP A 85 24.31 -4.63 -21.57
CA TRP A 85 23.96 -3.21 -21.78
C TRP A 85 23.81 -2.95 -23.28
N LYS A 86 22.76 -2.19 -23.65
CA LYS A 86 22.59 -1.68 -25.03
C LYS A 86 22.10 -0.24 -24.95
N ASP A 87 22.86 0.68 -25.51
CA ASP A 87 22.49 2.12 -25.62
C ASP A 87 22.16 2.64 -24.22
N GLY A 88 22.91 2.16 -23.20
CA GLY A 88 22.86 2.69 -21.83
C GLY A 88 21.79 2.03 -20.98
N PHE A 89 21.10 1.01 -21.51
CA PHE A 89 20.02 0.30 -20.78
C PHE A 89 20.43 -1.17 -20.59
N LEU A 90 20.10 -1.72 -19.43
CA LEU A 90 20.44 -3.13 -19.11
C LEU A 90 19.24 -3.99 -19.53
N LEU A 91 19.47 -4.87 -20.48
CA LEU A 91 18.44 -5.80 -21.02
C LEU A 91 18.78 -7.20 -20.51
N GLY A 92 18.14 -7.60 -19.43
CA GLY A 92 18.60 -8.74 -18.61
C GLY A 92 17.63 -9.91 -18.68
N ARG A 93 16.62 -9.85 -19.54
CA ARG A 93 15.53 -10.86 -19.54
C ARG A 93 15.90 -12.03 -20.46
N PHE A 94 16.56 -11.75 -21.59
CA PHE A 94 16.89 -12.76 -22.62
C PHE A 94 18.39 -12.82 -22.81
N ASP A 95 18.88 -14.02 -23.14
CA ASP A 95 20.32 -14.28 -23.41
C ASP A 95 20.63 -13.82 -24.85
N HIS A 96 21.59 -12.91 -25.03
CA HIS A 96 21.98 -12.33 -26.35
C HIS A 96 22.37 -13.46 -27.30
N GLN A 97 23.15 -14.44 -26.80
CA GLN A 97 23.78 -15.53 -27.61
C GLN A 97 22.69 -16.47 -28.15
N THR A 98 21.72 -16.88 -27.33
CA THR A 98 20.70 -17.92 -27.68
C THR A 98 19.36 -17.27 -28.04
N GLY A 99 19.09 -16.07 -27.55
CA GLY A 99 17.77 -15.42 -27.66
C GLY A 99 16.76 -15.95 -26.66
N THR A 100 17.12 -16.96 -25.84
CA THR A 100 16.21 -17.66 -24.91
C THR A 100 16.10 -16.87 -23.61
N ASN A 101 14.97 -17.06 -22.94
CA ASN A 101 14.62 -16.46 -21.62
C ASN A 101 15.50 -17.13 -20.56
N PHE A 102 16.08 -16.34 -19.67
CA PHE A 102 16.97 -16.85 -18.59
C PHE A 102 16.17 -17.73 -17.61
N ASN A 103 14.84 -17.55 -17.53
CA ASN A 103 14.00 -18.31 -16.56
C ASN A 103 13.15 -19.30 -17.34
N ARG A 104 13.76 -19.97 -18.33
CA ARG A 104 13.11 -21.05 -19.13
C ARG A 104 14.14 -22.16 -19.37
N ASP A 105 13.66 -23.33 -19.78
CA ASP A 105 14.47 -24.49 -20.24
C ASP A 105 15.34 -25.03 -19.10
N TYR A 106 14.78 -25.14 -17.89
CA TYR A 106 15.44 -25.86 -16.78
C TYR A 106 15.21 -27.36 -16.94
N PRO A 107 16.13 -28.22 -16.44
CA PRO A 107 15.96 -29.68 -16.46
C PRO A 107 14.69 -30.21 -15.78
N ASP A 108 14.06 -31.24 -16.36
CA ASP A 108 12.91 -31.96 -15.76
C ASP A 108 13.46 -33.09 -14.90
N LEU A 109 13.49 -32.91 -13.59
CA LEU A 109 14.12 -33.87 -12.64
C LEU A 109 13.20 -35.07 -12.41
N CYS A 110 11.94 -35.02 -12.84
CA CYS A 110 11.07 -36.23 -12.87
C CYS A 110 11.56 -37.13 -14.01
N GLN A 111 11.54 -36.61 -15.25
CA GLN A 111 12.02 -37.32 -16.46
C GLN A 111 13.42 -37.90 -16.22
N LEU A 112 14.30 -37.22 -15.49
CA LEU A 112 15.72 -37.62 -15.32
C LEU A 112 15.89 -38.66 -14.20
N THR A 113 14.88 -38.90 -13.36
CA THR A 113 15.03 -39.76 -12.16
C THR A 113 14.06 -40.95 -12.17
N VAL A 114 12.97 -40.93 -12.94
CA VAL A 114 11.90 -41.98 -12.89
C VAL A 114 12.54 -43.35 -13.16
N GLU A 115 13.43 -43.41 -14.16
CA GLU A 115 14.17 -44.65 -14.53
C GLU A 115 15.00 -45.13 -13.34
N LYS A 116 15.82 -44.26 -12.78
CA LYS A 116 16.76 -44.58 -11.67
C LYS A 116 16.02 -45.05 -10.41
N LEU A 117 14.83 -44.50 -10.12
CA LEU A 117 14.06 -44.70 -8.85
C LEU A 117 13.24 -46.01 -8.89
N ASP A 118 13.25 -46.71 -10.04
CA ASP A 118 12.47 -47.96 -10.34
C ASP A 118 12.36 -48.85 -9.09
N GLY A 119 13.45 -49.16 -8.39
CA GLY A 119 13.40 -50.17 -7.33
C GLY A 119 13.81 -49.59 -6.00
N GLN A 120 13.72 -48.27 -5.79
CA GLN A 120 14.43 -47.62 -4.65
C GLN A 120 13.47 -47.07 -3.60
N LEU A 121 12.18 -47.01 -3.92
CA LEU A 121 11.17 -46.35 -3.06
C LEU A 121 10.57 -47.37 -2.07
N THR A 122 10.19 -46.90 -0.88
CA THR A 122 9.60 -47.71 0.23
C THR A 122 8.36 -47.00 0.80
N GLU A 123 7.77 -47.57 1.88
CA GLU A 123 6.58 -46.99 2.55
C GLU A 123 6.99 -45.84 3.48
N ASN A 124 8.30 -45.63 3.67
CA ASN A 124 8.88 -44.59 4.55
C ASN A 124 9.12 -43.31 3.73
N ALA A 125 8.29 -42.28 3.94
CA ALA A 125 8.30 -41.01 3.19
C ALA A 125 9.69 -40.34 3.35
N GLU A 126 10.25 -40.33 4.56
CA GLU A 126 11.52 -39.62 4.86
C GLU A 126 12.63 -40.29 4.05
N HIS A 127 12.64 -41.64 3.99
CA HIS A 127 13.56 -42.45 3.15
C HIS A 127 13.42 -41.96 1.71
N ASN A 128 12.20 -41.94 1.19
CA ASN A 128 11.92 -41.59 -0.22
C ASN A 128 12.51 -40.21 -0.51
N ILE A 129 12.35 -39.25 0.41
CA ILE A 129 12.86 -37.85 0.23
C ILE A 129 14.37 -37.92 0.01
N ASP A 130 15.10 -38.62 0.89
CA ASP A 130 16.59 -38.69 0.85
C ASP A 130 17.03 -39.42 -0.41
N VAL A 131 16.34 -40.49 -0.79
CA VAL A 131 16.64 -41.30 -2.00
C VAL A 131 16.44 -40.42 -3.24
N ILE A 132 15.32 -39.71 -3.32
CA ILE A 132 14.96 -38.89 -4.52
C ILE A 132 15.98 -37.76 -4.63
N ARG A 133 16.31 -37.10 -3.52
CA ARG A 133 17.28 -35.97 -3.51
C ARG A 133 18.66 -36.48 -3.96
N LYS A 134 19.10 -37.63 -3.46
CA LYS A 134 20.42 -38.20 -3.86
C LYS A 134 20.39 -38.54 -5.35
N THR A 135 19.28 -39.13 -5.82
CA THR A 135 19.08 -39.53 -7.25
C THR A 135 19.16 -38.28 -8.12
N MET A 136 18.48 -37.18 -7.72
CA MET A 136 18.46 -35.89 -8.45
C MET A 136 19.89 -35.37 -8.59
N ARG A 137 20.68 -35.35 -7.49
CA ARG A 137 22.09 -34.88 -7.50
C ARG A 137 22.91 -35.72 -8.49
N SER A 138 22.76 -37.05 -8.45
CA SER A 138 23.47 -38.00 -9.34
C SER A 138 23.12 -37.70 -10.79
N ALA A 139 21.81 -37.61 -11.09
CA ALA A 139 21.26 -37.40 -12.45
C ALA A 139 21.88 -36.14 -13.04
N LEU A 140 21.98 -35.08 -12.23
CA LEU A 140 22.51 -33.77 -12.68
C LEU A 140 24.02 -33.88 -12.89
N SER A 141 24.72 -34.62 -12.01
CA SER A 141 26.18 -34.82 -12.12
C SER A 141 26.54 -35.40 -13.49
N GLU A 142 25.67 -36.25 -14.04
CA GLU A 142 25.91 -36.99 -15.30
C GLU A 142 25.76 -36.06 -16.51
N LEU A 143 25.09 -34.91 -16.37
CA LEU A 143 24.84 -33.95 -17.48
C LEU A 143 26.09 -33.10 -17.72
N LYS A 144 26.37 -32.79 -18.98
CA LYS A 144 27.56 -31.99 -19.39
C LYS A 144 27.10 -30.88 -20.32
N PRO A 145 26.51 -29.78 -19.78
CA PRO A 145 26.13 -28.62 -20.58
C PRO A 145 27.37 -27.85 -21.09
N GLU A 146 27.27 -27.21 -22.26
CA GLU A 146 28.42 -26.55 -22.94
C GLU A 146 28.29 -25.03 -22.92
N GLN A 147 27.10 -24.48 -23.26
CA GLN A 147 26.85 -23.02 -23.35
C GLN A 147 26.81 -22.43 -21.94
N ALA A 148 27.42 -21.25 -21.74
CA ALA A 148 27.50 -20.55 -20.45
C ALA A 148 26.12 -20.54 -19.77
N VAL A 149 25.06 -20.25 -20.52
CA VAL A 149 23.68 -20.08 -19.98
C VAL A 149 23.15 -21.43 -19.50
N ASP A 150 23.51 -22.54 -20.17
CA ASP A 150 23.05 -23.91 -19.81
C ASP A 150 23.82 -24.36 -18.57
N VAL A 151 25.10 -23.99 -18.49
CA VAL A 151 25.97 -24.32 -17.33
C VAL A 151 25.46 -23.54 -16.11
N LEU A 152 25.03 -22.29 -16.33
CA LEU A 152 24.47 -21.43 -15.26
C LEU A 152 23.20 -22.07 -14.71
N ARG A 153 22.26 -22.38 -15.60
CA ARG A 153 20.95 -22.98 -15.22
C ARG A 153 21.25 -24.28 -14.44
N HIS A 154 22.19 -25.10 -14.92
CA HIS A 154 22.60 -26.42 -14.36
C HIS A 154 23.08 -26.23 -12.93
N LYS A 155 23.99 -25.29 -12.70
CA LYS A 155 24.56 -25.04 -11.36
C LYS A 155 23.43 -24.62 -10.41
N LEU A 156 22.56 -23.72 -10.84
CA LEU A 156 21.52 -23.13 -9.96
C LEU A 156 20.56 -24.23 -9.51
N ILE A 157 20.16 -25.16 -10.42
CA ILE A 157 19.21 -26.25 -10.07
C ILE A 157 19.97 -27.29 -9.22
N SER A 158 21.24 -27.56 -9.53
CA SER A 158 22.09 -28.50 -8.76
C SER A 158 22.14 -28.09 -7.29
N GLU A 159 22.17 -26.79 -6.99
CA GLU A 159 22.36 -26.26 -5.63
C GLU A 159 21.01 -25.98 -4.96
N SER A 160 19.87 -26.24 -5.62
CA SER A 160 18.53 -25.88 -5.09
C SER A 160 17.56 -27.08 -5.08
N CYS A 161 17.75 -28.10 -5.93
CA CYS A 161 16.77 -29.21 -6.12
C CYS A 161 16.53 -29.96 -4.80
N ASP A 162 17.52 -29.98 -3.91
CA ASP A 162 17.50 -30.78 -2.66
C ASP A 162 17.15 -29.90 -1.47
N ALA A 163 16.69 -28.67 -1.70
CA ALA A 163 16.32 -27.71 -0.63
C ALA A 163 14.90 -28.01 -0.17
N ASP A 164 14.59 -27.63 1.07
CA ASP A 164 13.23 -27.71 1.65
C ASP A 164 12.47 -26.46 1.26
N LEU A 165 13.17 -25.31 1.20
CA LEU A 165 12.60 -23.97 0.92
C LEU A 165 13.40 -23.29 -0.20
N VAL A 166 12.73 -22.86 -1.27
CA VAL A 166 13.36 -22.18 -2.43
C VAL A 166 12.57 -20.90 -2.74
N LEU A 167 13.21 -19.73 -2.61
CA LEU A 167 12.61 -18.44 -3.00
C LEU A 167 13.42 -17.86 -4.15
N ASP A 168 12.82 -17.83 -5.34
CA ASP A 168 13.35 -17.13 -6.54
C ASP A 168 12.82 -15.69 -6.52
N LEU A 169 13.70 -14.72 -6.28
CA LEU A 169 13.31 -13.30 -6.12
C LEU A 169 13.38 -12.60 -7.48
N HIS A 170 12.24 -12.08 -7.90
CA HIS A 170 12.01 -11.43 -9.21
C HIS A 170 11.36 -10.07 -9.00
N ALA A 171 11.04 -9.40 -10.11
CA ALA A 171 10.28 -8.14 -10.17
C ALA A 171 9.56 -8.11 -11.52
N ASP A 172 8.57 -7.21 -11.66
CA ASP A 172 7.89 -6.99 -12.95
C ASP A 172 8.17 -5.54 -13.34
N ASN A 173 7.80 -5.15 -14.56
CA ASN A 173 8.23 -3.84 -15.09
C ASN A 173 7.63 -2.74 -14.21
N GLN A 174 6.37 -2.87 -13.83
CA GLN A 174 5.71 -1.99 -12.84
C GLN A 174 4.67 -2.83 -12.14
N ALA A 175 4.90 -3.20 -10.87
CA ALA A 175 4.02 -4.15 -10.17
C ALA A 175 4.06 -3.98 -8.65
N GLN A 176 2.97 -4.39 -8.01
CA GLN A 176 2.88 -4.59 -6.56
C GLN A 176 3.56 -5.91 -6.24
N CYS A 177 4.03 -6.05 -5.01
CA CYS A 177 4.57 -7.33 -4.51
C CYS A 177 3.52 -8.43 -4.78
N HIS A 178 3.92 -9.50 -5.45
CA HIS A 178 3.06 -10.68 -5.70
C HIS A 178 3.92 -11.97 -5.74
N MET A 179 3.26 -13.12 -5.74
CA MET A 179 3.89 -14.44 -5.60
C MET A 179 3.30 -15.43 -6.61
N TYR A 180 4.15 -16.32 -7.12
CA TYR A 180 3.74 -17.52 -7.90
C TYR A 180 4.20 -18.76 -7.14
N THR A 181 3.38 -19.81 -7.10
CA THR A 181 3.82 -21.13 -6.61
C THR A 181 3.03 -22.24 -7.31
N LEU A 182 3.48 -23.47 -7.07
CA LEU A 182 2.81 -24.71 -7.54
C LEU A 182 1.45 -24.83 -6.84
N THR A 183 0.38 -25.09 -7.59
CA THR A 183 -1.02 -25.10 -7.05
C THR A 183 -1.10 -25.89 -5.75
N PRO A 184 -0.62 -27.16 -5.68
CA PRO A 184 -0.72 -27.94 -4.44
C PRO A 184 0.15 -27.48 -3.25
N LEU A 185 1.02 -26.48 -3.43
CA LEU A 185 1.82 -25.88 -2.31
C LEU A 185 1.04 -24.73 -1.68
N TRP A 186 -0.20 -24.53 -2.11
CA TRP A 186 -1.15 -23.61 -1.47
C TRP A 186 -2.16 -24.45 -0.71
N PRO A 187 -2.51 -24.22 0.58
CA PRO A 187 -2.06 -23.06 1.37
C PRO A 187 -0.79 -23.25 2.18
N ALA A 188 0.00 -24.28 1.88
CA ALA A 188 1.24 -24.62 2.63
C ALA A 188 2.14 -23.38 2.73
N MET A 189 2.21 -22.53 1.70
CA MET A 189 3.12 -21.36 1.69
C MET A 189 2.35 -20.06 1.98
N HIS A 190 1.25 -20.14 2.73
CA HIS A 190 0.46 -18.98 3.23
C HIS A 190 1.35 -18.07 4.08
N ASP A 191 2.19 -18.65 4.94
CA ASP A 191 3.05 -17.90 5.90
C ASP A 191 4.05 -17.05 5.11
N VAL A 192 4.61 -17.61 4.05
CA VAL A 192 5.62 -16.96 3.17
C VAL A 192 4.95 -15.75 2.49
N ALA A 193 3.76 -15.97 1.93
CA ALA A 193 2.97 -14.94 1.22
C ALA A 193 2.65 -13.80 2.18
N ALA A 194 2.28 -14.13 3.41
CA ALA A 194 1.85 -13.16 4.44
C ALA A 194 3.04 -12.27 4.83
N GLU A 195 4.20 -12.90 5.09
CA GLU A 195 5.40 -12.16 5.61
C GLU A 195 5.88 -11.14 4.57
N ILE A 196 5.83 -11.47 3.28
CA ILE A 196 6.35 -10.60 2.18
C ILE A 196 5.26 -9.60 1.73
N ASP A 197 4.03 -9.72 2.24
CA ASP A 197 2.88 -8.84 1.93
C ASP A 197 2.55 -8.93 0.44
N ALA A 198 2.41 -10.14 -0.09
CA ALA A 198 1.96 -10.38 -1.48
C ALA A 198 0.54 -9.84 -1.63
N ARG A 199 0.25 -9.19 -2.75
CA ARG A 199 -1.07 -8.60 -3.05
C ARG A 199 -1.75 -9.45 -4.11
N ALA A 200 -1.08 -10.52 -4.53
CA ALA A 200 -1.62 -11.54 -5.45
C ALA A 200 -0.78 -12.81 -5.28
N VAL A 201 -1.46 -13.96 -5.23
CA VAL A 201 -0.79 -15.29 -5.22
C VAL A 201 -1.36 -16.07 -6.39
N LEU A 202 -0.52 -16.40 -7.37
CA LEU A 202 -0.96 -17.02 -8.64
C LEU A 202 -0.48 -18.47 -8.70
N LEU A 203 -1.43 -19.40 -8.91
CA LEU A 203 -1.21 -20.87 -8.78
C LEU A 203 -1.26 -21.54 -10.16
N ALA A 204 -0.32 -22.44 -10.44
CA ALA A 204 -0.30 -23.32 -11.63
C ALA A 204 0.45 -24.62 -11.31
N GLU A 205 0.11 -25.71 -11.99
CA GLU A 205 0.83 -27.00 -11.85
C GLU A 205 1.96 -27.01 -12.88
N GLU A 206 1.69 -26.49 -14.06
CA GLU A 206 2.69 -26.33 -15.14
C GLU A 206 2.37 -25.02 -15.86
N SER A 207 3.36 -24.15 -16.00
CA SER A 207 3.21 -22.78 -16.57
C SER A 207 3.85 -22.80 -17.96
N GLY A 208 4.99 -22.12 -18.14
CA GLY A 208 5.67 -22.04 -19.44
C GLY A 208 6.68 -23.16 -19.65
N GLY A 209 7.67 -22.89 -20.50
CA GLY A 209 8.79 -23.80 -20.84
C GLY A 209 9.77 -23.94 -19.71
N HIS A 210 9.37 -24.66 -18.64
CA HIS A 210 10.26 -25.17 -17.57
C HIS A 210 10.99 -24.02 -16.87
N PRO A 211 10.26 -23.13 -16.14
CA PRO A 211 10.89 -22.11 -15.33
C PRO A 211 11.52 -22.67 -14.04
N PHE A 212 12.38 -21.90 -13.38
CA PHE A 212 13.22 -22.31 -12.22
C PHE A 212 12.38 -22.76 -11.03
N ASP A 213 11.37 -21.99 -10.60
CA ASP A 213 10.57 -22.33 -9.38
C ASP A 213 9.91 -23.70 -9.60
N GLU A 214 9.28 -23.90 -10.76
CA GLU A 214 8.60 -25.17 -11.13
C GLU A 214 9.65 -26.28 -11.27
N ALA A 215 10.83 -25.99 -11.81
CA ALA A 215 11.92 -26.97 -11.93
C ALA A 215 12.26 -27.54 -10.56
N CYS A 216 12.14 -26.74 -9.49
CA CYS A 216 12.44 -27.16 -8.11
C CYS A 216 11.27 -27.95 -7.49
N SER A 217 10.02 -27.49 -7.62
CA SER A 217 8.87 -28.04 -6.87
C SER A 217 8.06 -29.07 -7.68
N ALA A 218 7.99 -28.94 -9.01
CA ALA A 218 7.12 -29.76 -9.89
C ALA A 218 7.54 -31.24 -9.83
N PRO A 219 8.84 -31.58 -9.83
CA PRO A 219 9.27 -32.98 -9.83
C PRO A 219 8.65 -33.86 -8.73
N TRP A 220 8.41 -33.28 -7.54
CA TRP A 220 7.82 -34.00 -6.39
C TRP A 220 6.36 -34.35 -6.69
N MET A 221 5.64 -33.43 -7.33
CA MET A 221 4.24 -33.61 -7.78
C MET A 221 4.20 -34.68 -8.89
N ASN A 222 5.08 -34.57 -9.86
CA ASN A 222 5.11 -35.46 -11.05
C ASN A 222 5.60 -36.86 -10.64
N LEU A 223 6.56 -36.96 -9.71
CA LEU A 223 7.03 -38.28 -9.20
C LEU A 223 5.92 -38.95 -8.38
N SER A 224 5.20 -38.18 -7.56
CA SER A 224 4.04 -38.68 -6.78
C SER A 224 3.04 -39.34 -7.74
N ARG A 225 2.80 -38.72 -8.90
CA ARG A 225 1.86 -39.22 -9.95
C ARG A 225 2.48 -40.44 -10.67
N ALA A 226 3.79 -40.43 -10.92
CA ALA A 226 4.55 -41.53 -11.56
C ALA A 226 4.54 -42.78 -10.67
N PHE A 227 4.61 -42.60 -9.34
CA PHE A 227 4.72 -43.70 -8.34
C PHE A 227 3.64 -43.54 -7.28
N PRO A 228 2.34 -43.70 -7.65
CA PRO A 228 1.24 -43.49 -6.69
C PRO A 228 1.19 -44.55 -5.59
N ASP A 229 2.05 -45.56 -5.72
CA ASP A 229 2.20 -46.75 -4.85
C ASP A 229 3.05 -46.36 -3.62
N TYR A 230 3.66 -45.17 -3.61
CA TYR A 230 4.62 -44.76 -2.55
C TYR A 230 4.30 -43.36 -2.05
N PRO A 231 4.58 -43.06 -0.76
CA PRO A 231 4.48 -41.70 -0.24
C PRO A 231 5.62 -40.81 -0.74
N ILE A 232 5.29 -39.88 -1.65
CA ILE A 232 6.23 -38.83 -2.16
C ILE A 232 5.61 -37.47 -1.86
N PRO A 233 5.99 -36.84 -0.71
CA PRO A 233 5.47 -35.52 -0.36
C PRO A 233 6.16 -34.43 -1.20
N LEU A 234 5.57 -33.24 -1.21
CA LEU A 234 6.12 -32.10 -1.97
C LEU A 234 7.27 -31.50 -1.16
N ALA A 235 8.40 -32.23 -1.14
CA ALA A 235 9.55 -32.02 -0.22
C ALA A 235 10.19 -30.64 -0.46
N CYS A 236 10.22 -30.18 -1.71
CA CYS A 236 10.79 -28.85 -2.07
C CYS A 236 9.67 -27.84 -2.29
N GLN A 237 9.53 -26.92 -1.35
CA GLN A 237 8.51 -25.84 -1.38
C GLN A 237 9.14 -24.60 -2.00
N SER A 238 8.91 -24.39 -3.29
CA SER A 238 9.43 -23.25 -4.08
C SER A 238 8.32 -22.24 -4.35
N ALA A 239 8.72 -20.98 -4.49
CA ALA A 239 7.85 -19.85 -4.89
C ALA A 239 8.70 -18.79 -5.60
N THR A 240 8.10 -18.08 -6.55
CA THR A 240 8.65 -16.83 -7.14
C THR A 240 8.04 -15.64 -6.40
N PHE A 241 8.88 -14.76 -5.86
CA PHE A 241 8.42 -13.46 -5.33
C PHE A 241 8.73 -12.35 -6.34
N GLU A 242 7.70 -11.71 -6.90
CA GLU A 242 7.87 -10.43 -7.62
C GLU A 242 7.84 -9.36 -6.53
N LEU A 243 8.99 -8.84 -6.14
CA LEU A 243 9.12 -8.01 -4.90
C LEU A 243 8.62 -6.58 -5.16
N GLY A 244 8.38 -6.23 -6.43
CA GLY A 244 7.97 -4.88 -6.83
C GLY A 244 8.32 -4.62 -8.28
N SER A 245 8.58 -3.36 -8.60
CA SER A 245 8.91 -2.92 -9.98
C SER A 245 10.40 -3.19 -10.22
N ASN A 246 10.78 -3.46 -11.46
CA ASN A 246 12.17 -3.81 -11.88
C ASN A 246 13.15 -2.84 -11.27
N ASP A 247 12.82 -1.55 -11.24
CA ASP A 247 13.80 -0.50 -10.88
C ASP A 247 13.57 -0.01 -9.45
N GLU A 248 12.77 -0.73 -8.64
CA GLU A 248 12.34 -0.25 -7.31
C GLU A 248 13.43 -0.53 -6.28
N VAL A 249 14.46 0.30 -6.27
CA VAL A 249 15.65 0.13 -5.38
C VAL A 249 15.56 1.24 -4.32
N ASP A 250 15.12 0.86 -3.14
CA ASP A 250 14.87 1.78 -2.01
C ASP A 250 15.44 1.11 -0.76
N LEU A 251 16.16 1.90 0.04
CA LEU A 251 16.86 1.43 1.24
C LEU A 251 15.85 0.79 2.21
N ARG A 252 14.77 1.52 2.49
CA ARG A 252 13.75 1.10 3.47
C ARG A 252 13.12 -0.20 3.00
N LEU A 253 12.73 -0.26 1.73
CA LEU A 253 12.01 -1.44 1.16
C LEU A 253 12.91 -2.66 1.23
N ALA A 254 14.17 -2.55 0.77
CA ALA A 254 15.12 -3.69 0.73
C ALA A 254 15.34 -4.21 2.16
N GLN A 255 15.46 -3.31 3.13
CA GLN A 255 15.65 -3.68 4.56
C GLN A 255 14.39 -4.40 5.06
N ASP A 256 13.20 -3.87 4.76
CA ASP A 256 11.90 -4.47 5.18
C ASP A 256 11.77 -5.87 4.56
N GLN A 257 12.17 -6.05 3.30
CA GLN A 257 12.04 -7.33 2.56
C GLN A 257 13.05 -8.31 3.15
N ALA A 258 14.27 -7.86 3.43
CA ALA A 258 15.32 -8.69 4.09
C ALA A 258 14.77 -9.18 5.45
N GLU A 259 14.14 -8.29 6.24
CA GLU A 259 13.62 -8.62 7.59
C GLU A 259 12.50 -9.66 7.44
N ALA A 260 11.63 -9.50 6.43
CA ALA A 260 10.54 -10.45 6.15
C ALA A 260 11.13 -11.82 5.81
N LEU A 261 12.16 -11.86 4.95
CA LEU A 261 12.81 -13.13 4.53
C LEU A 261 13.41 -13.81 5.76
N PHE A 262 14.04 -13.02 6.64
CA PHE A 262 14.65 -13.49 7.91
C PHE A 262 13.54 -14.13 8.76
N ARG A 263 12.39 -13.46 8.91
CA ARG A 263 11.24 -13.97 9.70
C ARG A 263 10.75 -15.30 9.09
N ILE A 264 10.74 -15.42 7.75
CA ILE A 264 10.33 -16.68 7.06
C ILE A 264 11.30 -17.78 7.47
N LEU A 265 12.61 -17.47 7.43
CA LEU A 265 13.67 -18.44 7.81
C LEU A 265 13.47 -18.87 9.27
N ILE A 266 13.15 -17.94 10.18
CA ILE A 266 12.91 -18.30 11.61
C ILE A 266 11.73 -19.26 11.68
N ARG A 267 10.60 -18.89 11.06
CA ARG A 267 9.34 -19.69 11.11
C ARG A 267 9.58 -21.11 10.61
N ARG A 268 10.52 -21.32 9.69
CA ARG A 268 10.72 -22.64 9.06
C ARG A 268 11.97 -23.33 9.62
N GLY A 269 12.48 -22.84 10.75
CA GLY A 269 13.43 -23.57 11.63
C GLY A 269 14.87 -23.43 11.20
N PHE A 270 15.25 -22.26 10.66
CA PHE A 270 16.64 -21.99 10.22
C PHE A 270 17.36 -21.14 11.24
N ILE A 271 16.63 -20.47 12.15
CA ILE A 271 17.25 -19.53 13.11
C ILE A 271 16.76 -19.82 14.53
N GLU A 272 17.70 -19.97 15.48
CA GLU A 272 17.39 -20.39 16.88
C GLU A 272 17.47 -19.18 17.81
N ASP A 273 16.76 -19.23 18.95
CA ASP A 273 16.79 -18.21 20.03
C ASP A 273 16.18 -16.90 19.51
N VAL A 274 15.25 -16.94 18.54
CA VAL A 274 14.52 -15.71 18.10
C VAL A 274 13.02 -16.00 18.12
N HIS A 275 12.27 -15.15 18.82
CA HIS A 275 10.80 -15.15 18.87
C HIS A 275 10.28 -14.29 17.72
N VAL A 276 9.30 -14.78 16.97
CA VAL A 276 8.79 -14.04 15.77
C VAL A 276 7.51 -13.32 16.13
N GLY A 277 6.58 -14.04 16.76
CA GLY A 277 5.25 -13.51 17.09
C GLY A 277 4.26 -13.79 15.99
N GLU A 278 3.20 -12.97 15.94
CA GLU A 278 1.96 -13.35 15.23
C GLU A 278 2.18 -13.17 13.73
N LEU A 279 1.68 -14.10 12.91
CA LEU A 279 1.76 -14.02 11.42
C LEU A 279 0.93 -12.83 10.93
N PRO A 280 1.46 -11.99 10.02
CA PRO A 280 0.68 -10.88 9.48
C PRO A 280 -0.51 -11.39 8.69
N GLN A 281 -1.54 -10.54 8.56
CA GLN A 281 -2.76 -10.88 7.81
C GLN A 281 -2.44 -10.83 6.33
N LEU A 282 -2.77 -11.89 5.58
CA LEU A 282 -2.54 -11.92 4.10
C LEU A 282 -3.60 -11.04 3.41
N ALA A 283 -3.18 -10.16 2.52
CA ALA A 283 -4.02 -9.13 1.88
C ALA A 283 -4.74 -9.65 0.63
N CYS A 284 -4.62 -10.94 0.30
CA CYS A 284 -5.25 -11.53 -0.92
C CYS A 284 -5.48 -13.04 -0.73
N GLU A 285 -6.33 -13.65 -1.57
CA GLU A 285 -6.54 -15.12 -1.61
C GLU A 285 -5.65 -15.68 -2.72
N GLY A 286 -5.31 -16.97 -2.64
CA GLY A 286 -4.65 -17.68 -3.75
C GLY A 286 -5.63 -17.81 -4.90
N THR A 287 -5.22 -17.48 -6.13
CA THR A 287 -6.04 -17.61 -7.35
C THR A 287 -5.27 -18.39 -8.41
N LEU A 288 -5.95 -18.97 -9.39
CA LEU A 288 -5.30 -19.69 -10.51
C LEU A 288 -4.69 -18.70 -11.50
N LEU A 289 -3.52 -19.03 -12.04
CA LEU A 289 -2.84 -18.28 -13.12
C LEU A 289 -3.79 -18.21 -14.33
N GLU A 290 -4.52 -19.29 -14.58
CA GLU A 290 -5.50 -19.45 -15.69
C GLU A 290 -6.65 -18.42 -15.52
N ALA A 291 -6.84 -17.85 -14.34
CA ALA A 291 -7.91 -16.85 -14.06
C ALA A 291 -7.36 -15.43 -14.20
N MET A 292 -6.05 -15.28 -14.42
CA MET A 292 -5.40 -13.95 -14.53
C MET A 292 -5.61 -13.39 -15.95
N GLN A 293 -5.99 -12.12 -16.06
CA GLN A 293 -6.10 -11.46 -17.39
C GLN A 293 -4.81 -10.72 -17.71
N GLN A 294 -4.21 -11.01 -18.86
CA GLN A 294 -3.18 -10.15 -19.48
C GLN A 294 -3.90 -9.07 -20.28
N LEU A 295 -3.68 -7.80 -19.98
CA LEU A 295 -4.14 -6.67 -20.83
C LEU A 295 -3.14 -6.52 -21.98
N LYS A 296 -3.61 -6.59 -23.22
CA LYS A 296 -2.70 -6.45 -24.38
C LYS A 296 -3.11 -5.26 -25.24
N ALA A 297 -2.10 -4.52 -25.70
CA ALA A 297 -2.23 -3.40 -26.66
C ALA A 297 -2.58 -4.01 -28.00
N PRO A 298 -3.75 -3.69 -28.59
CA PRO A 298 -4.08 -4.14 -29.95
C PRO A 298 -3.31 -3.36 -31.02
N CYS A 299 -2.66 -2.24 -30.68
CA CYS A 299 -1.87 -1.46 -31.68
C CYS A 299 -0.72 -0.71 -31.01
N GLN A 300 0.14 -0.08 -31.80
CA GLN A 300 1.26 0.74 -31.28
C GLN A 300 0.71 2.08 -30.79
N GLY A 301 1.37 2.71 -29.81
CA GLY A 301 1.01 4.06 -29.31
C GLY A 301 1.34 4.27 -27.84
N LEU A 302 1.03 5.47 -27.34
CA LEU A 302 1.25 5.83 -25.92
C LEU A 302 0.33 4.98 -25.05
N ILE A 303 0.84 4.49 -23.92
CA ILE A 303 0.01 3.74 -22.95
C ILE A 303 -0.48 4.74 -21.91
N VAL A 304 -1.77 4.98 -21.91
CA VAL A 304 -2.44 5.90 -20.96
C VAL A 304 -3.28 5.05 -20.02
N TYR A 305 -2.90 5.01 -18.75
CA TYR A 305 -3.62 4.18 -17.75
C TYR A 305 -4.73 5.03 -17.14
N HIS A 306 -5.87 4.42 -16.89
CA HIS A 306 -7.03 5.06 -16.21
C HIS A 306 -7.14 4.53 -14.79
N ASN A 307 -6.39 3.49 -14.48
CA ASN A 307 -6.39 2.86 -13.14
C ASN A 307 -4.99 2.91 -12.57
N ARG A 308 -4.90 3.16 -11.26
CA ARG A 308 -3.61 3.20 -10.55
C ARG A 308 -3.20 1.75 -10.28
N LEU A 309 -1.90 1.54 -10.09
CA LEU A 309 -1.36 0.21 -9.74
C LEU A 309 -2.02 -0.20 -8.43
N GLY A 310 -2.63 -1.39 -8.40
CA GLY A 310 -3.22 -1.97 -7.18
C GLY A 310 -4.70 -1.71 -7.02
N ASP A 311 -5.30 -0.91 -7.90
CA ASP A 311 -6.78 -0.70 -7.99
C ASP A 311 -7.49 -2.04 -8.12
N PHE A 312 -8.59 -2.20 -7.40
CA PHE A 312 -9.54 -3.30 -7.63
C PHE A 312 -10.43 -2.85 -8.78
N VAL A 313 -10.53 -3.67 -9.82
CA VAL A 313 -11.23 -3.29 -11.09
C VAL A 313 -12.33 -4.33 -11.35
N ARG A 314 -13.37 -3.90 -12.05
CA ARG A 314 -14.53 -4.75 -12.38
C ARG A 314 -14.55 -5.01 -13.88
N SER A 315 -15.01 -6.20 -14.28
CA SER A 315 -15.25 -6.57 -15.69
C SER A 315 -16.01 -5.42 -16.35
N GLY A 316 -15.51 -4.92 -17.48
CA GLY A 316 -16.13 -3.83 -18.25
C GLY A 316 -15.48 -2.48 -18.00
N ASP A 317 -14.71 -2.33 -16.93
CA ASP A 317 -14.00 -1.06 -16.61
C ASP A 317 -12.98 -0.74 -17.71
N LYS A 318 -12.92 0.52 -18.14
CA LYS A 318 -11.82 1.03 -19.01
C LYS A 318 -10.57 1.16 -18.13
N VAL A 319 -9.55 0.36 -18.40
CA VAL A 319 -8.35 0.28 -17.53
C VAL A 319 -7.22 1.07 -18.17
N VAL A 320 -7.07 0.94 -19.48
CA VAL A 320 -5.91 1.54 -20.20
C VAL A 320 -6.32 1.81 -21.65
N SER A 321 -5.75 2.84 -22.24
CA SER A 321 -5.99 3.27 -23.64
C SER A 321 -4.66 3.36 -24.39
N ILE A 322 -4.65 2.99 -25.66
CA ILE A 322 -3.46 3.18 -26.52
C ILE A 322 -3.72 4.41 -27.39
N VAL A 323 -2.86 5.41 -27.29
CA VAL A 323 -3.11 6.75 -27.89
C VAL A 323 -2.03 7.00 -28.92
N ASP A 324 -2.43 7.02 -30.19
CA ASP A 324 -1.52 7.35 -31.30
C ASP A 324 -1.50 8.87 -31.38
N PRO A 325 -0.37 9.52 -31.05
CA PRO A 325 -0.31 10.98 -31.00
C PRO A 325 -0.59 11.63 -32.37
N ILE A 326 -0.50 10.85 -33.46
CA ILE A 326 -0.81 11.34 -34.83
C ILE A 326 -1.95 10.50 -35.42
N GLY A 327 -2.73 9.85 -34.57
CA GLY A 327 -3.77 8.92 -35.03
C GLY A 327 -4.90 8.76 -34.03
N GLU A 328 -5.33 7.50 -33.84
CA GLU A 328 -6.57 7.13 -33.12
C GLU A 328 -6.25 6.68 -31.69
N THR A 329 -7.26 6.69 -30.83
CA THR A 329 -7.21 6.16 -29.44
C THR A 329 -8.04 4.88 -29.35
N VAL A 330 -7.53 3.84 -28.70
CA VAL A 330 -8.26 2.54 -28.53
C VAL A 330 -8.35 2.23 -27.04
N ASP A 331 -9.57 2.02 -26.53
CA ASP A 331 -9.85 1.74 -25.11
C ASP A 331 -9.75 0.22 -24.87
N ILE A 332 -9.11 -0.20 -23.78
CA ILE A 332 -8.91 -1.62 -23.40
C ILE A 332 -9.58 -1.89 -22.06
N LEU A 333 -10.44 -2.91 -21.98
CA LEU A 333 -11.34 -3.14 -20.82
C LEU A 333 -10.89 -4.33 -19.99
N ALA A 334 -11.19 -4.32 -18.69
CA ALA A 334 -11.07 -5.49 -17.80
C ALA A 334 -12.12 -6.51 -18.22
N HIS A 335 -11.76 -7.78 -18.28
CA HIS A 335 -12.70 -8.88 -18.65
C HIS A 335 -12.97 -9.77 -17.43
N THR A 336 -12.53 -9.33 -16.25
CA THR A 336 -12.71 -10.07 -14.97
C THR A 336 -12.58 -9.11 -13.80
N ASP A 337 -13.24 -9.44 -12.69
CA ASP A 337 -13.12 -8.72 -11.39
C ASP A 337 -11.80 -9.16 -10.75
N GLY A 338 -11.01 -8.21 -10.23
CA GLY A 338 -9.72 -8.53 -9.58
C GLY A 338 -8.83 -7.32 -9.37
N VAL A 339 -7.61 -7.56 -8.93
CA VAL A 339 -6.66 -6.47 -8.58
C VAL A 339 -5.70 -6.26 -9.75
N LEU A 340 -5.57 -5.02 -10.21
CA LEU A 340 -4.58 -4.62 -11.23
C LEU A 340 -3.20 -4.58 -10.56
N PHE A 341 -2.61 -5.74 -10.28
CA PHE A 341 -1.34 -5.87 -9.53
C PHE A 341 -0.13 -5.53 -10.41
N ALA A 342 -0.25 -5.46 -11.73
CA ALA A 342 0.87 -5.04 -12.62
C ALA A 342 0.37 -4.16 -13.76
N ARG A 343 1.21 -3.21 -14.17
CA ARG A 343 1.01 -2.33 -15.36
C ARG A 343 2.26 -2.47 -16.22
N HIS A 344 2.94 -1.37 -16.57
CA HIS A 344 4.24 -1.40 -17.27
C HIS A 344 4.99 -0.07 -17.07
N SER A 345 6.32 -0.16 -17.04
CA SER A 345 7.24 0.97 -16.76
C SER A 345 7.43 1.83 -18.00
N GLN A 346 7.44 1.22 -19.19
CA GLN A 346 7.62 1.97 -20.46
C GLN A 346 6.26 2.14 -21.10
N THR A 347 5.80 3.39 -21.13
CA THR A 347 4.42 3.82 -21.45
C THR A 347 4.30 4.02 -22.96
N TYR A 348 4.79 3.06 -23.75
CA TYR A 348 4.55 2.97 -25.21
C TYR A 348 4.38 1.52 -25.61
N ALA A 349 3.44 1.23 -26.51
CA ALA A 349 3.06 -0.15 -26.88
C ALA A 349 3.50 -0.47 -28.30
N TYR A 350 3.74 -1.76 -28.54
CA TYR A 350 3.75 -2.43 -29.86
C TYR A 350 2.59 -3.41 -29.82
N PRO A 351 2.04 -3.83 -30.99
CA PRO A 351 0.87 -4.71 -30.98
C PRO A 351 1.13 -6.00 -30.19
N ASN A 352 0.19 -6.36 -29.31
CA ASN A 352 0.18 -7.60 -28.49
C ASN A 352 1.11 -7.48 -27.28
N LYS A 353 1.65 -6.29 -27.02
CA LYS A 353 2.45 -6.02 -25.80
C LYS A 353 1.54 -6.24 -24.58
N VAL A 354 2.01 -6.99 -23.59
CA VAL A 354 1.30 -7.09 -22.28
C VAL A 354 1.56 -5.80 -21.50
N ILE A 355 0.49 -5.09 -21.16
CA ILE A 355 0.59 -3.73 -20.57
C ILE A 355 -0.09 -3.71 -19.21
N GLY A 356 -0.44 -4.88 -18.66
CA GLY A 356 -1.05 -4.94 -17.31
C GLY A 356 -1.60 -6.32 -16.98
N LYS A 357 -1.86 -6.59 -15.71
CA LYS A 357 -2.29 -7.92 -15.23
C LYS A 357 -3.34 -7.76 -14.13
N ILE A 358 -4.45 -8.51 -14.22
CA ILE A 358 -5.56 -8.50 -13.23
C ILE A 358 -5.71 -9.92 -12.66
N ALA A 359 -5.58 -10.06 -11.34
CA ALA A 359 -5.70 -11.33 -10.60
C ALA A 359 -7.16 -11.64 -10.32
N GLY A 360 -7.78 -12.51 -11.15
CA GLY A 360 -9.23 -12.81 -11.09
C GLY A 360 -9.47 -14.18 -10.51
N LYS A 361 -10.74 -14.62 -10.47
CA LYS A 361 -11.17 -15.92 -9.92
C LYS A 361 -11.72 -16.87 -10.98
N GLU A 362 -12.02 -16.43 -12.21
CA GLU A 362 -12.60 -17.30 -13.27
C GLU A 362 -13.99 -17.79 -12.88
N PRO A 363 -14.92 -16.90 -12.44
CA PRO A 363 -16.29 -17.29 -12.09
C PRO A 363 -17.17 -17.84 -13.24
N LEU A 364 -18.32 -18.48 -12.97
CA LEU A 364 -19.19 -19.12 -14.01
C LEU A 364 -20.65 -19.18 -13.55
N THR B 1 -8.61 23.08 -41.93
CA THR B 1 -8.02 23.26 -40.55
C THR B 1 -6.49 23.48 -40.68
N SER B 2 -5.84 22.43 -41.17
CA SER B 2 -4.37 22.26 -41.14
C SER B 2 -3.93 21.40 -42.32
N ALA B 3 -2.74 21.74 -42.80
CA ALA B 3 -1.97 20.97 -43.81
C ALA B 3 -1.32 19.77 -43.10
N CYS B 4 -1.24 18.64 -43.80
CA CYS B 4 -0.61 17.40 -43.32
C CYS B 4 0.27 16.88 -44.44
N GLU B 5 1.56 16.74 -44.11
CA GLU B 5 2.56 16.22 -45.05
C GLU B 5 3.08 14.92 -44.46
N ASN B 6 3.31 13.92 -45.29
CA ASN B 6 3.98 12.68 -44.84
C ASN B 6 5.29 12.57 -45.60
N PHE B 7 6.37 13.09 -45.01
CA PHE B 7 7.72 13.13 -45.63
C PHE B 7 8.34 11.73 -45.54
N LEU B 8 8.72 11.17 -46.69
CA LEU B 8 9.18 9.77 -46.80
C LEU B 8 10.70 9.71 -46.72
N LEU B 9 11.21 8.91 -45.76
CA LEU B 9 12.65 8.63 -45.60
C LEU B 9 13.02 7.49 -46.54
N PRO B 10 14.30 7.38 -46.96
CA PRO B 10 14.73 6.23 -47.75
C PRO B 10 14.66 4.94 -46.92
N ALA B 11 14.54 3.81 -47.59
CA ALA B 11 14.39 2.47 -46.98
C ALA B 11 15.61 2.13 -46.12
N ASP B 12 15.38 1.51 -44.96
CA ASP B 12 16.42 1.06 -43.99
C ASP B 12 17.02 -0.28 -44.46
N GLN B 13 17.79 -0.94 -43.60
CA GLN B 13 18.49 -2.23 -43.89
C GLN B 13 17.49 -3.36 -44.18
N ASP B 14 16.23 -3.25 -43.74
CA ASP B 14 15.17 -4.27 -43.95
C ASP B 14 14.30 -3.86 -45.13
N GLY B 15 14.69 -2.81 -45.86
CA GLY B 15 13.94 -2.23 -46.99
C GLY B 15 12.64 -1.57 -46.57
N ILE B 16 12.58 -1.02 -45.35
CA ILE B 16 11.34 -0.36 -44.84
C ILE B 16 11.51 1.16 -44.90
N GLN B 17 10.56 1.82 -45.54
CA GLN B 17 10.51 3.29 -45.71
C GLN B 17 9.62 3.85 -44.60
N ARG B 18 10.11 4.82 -43.82
CA ARG B 18 9.37 5.42 -42.69
C ARG B 18 8.93 6.83 -43.08
N GLN B 19 7.84 7.32 -42.48
CA GLN B 19 7.40 8.72 -42.77
C GLN B 19 7.38 9.57 -41.50
N VAL B 20 7.71 10.84 -41.67
CA VAL B 20 7.57 11.91 -40.64
C VAL B 20 6.29 12.68 -40.95
N THR B 21 5.31 12.60 -40.07
CA THR B 21 4.04 13.32 -40.26
C THR B 21 4.22 14.74 -39.71
N ILE B 22 4.01 15.74 -40.57
CA ILE B 22 4.18 17.19 -40.22
C ILE B 22 2.85 17.91 -40.42
N PHE B 23 2.40 18.64 -39.40
CA PHE B 23 1.15 19.43 -39.44
C PHE B 23 1.50 20.92 -39.48
N ARG B 24 0.77 21.70 -40.30
CA ARG B 24 0.95 23.17 -40.37
C ARG B 24 -0.41 23.86 -40.21
N TYR B 25 -0.50 24.83 -39.32
CA TYR B 25 -1.80 25.42 -38.92
C TYR B 25 -2.05 26.81 -39.52
N GLY B 26 -1.05 27.43 -40.16
CA GLY B 26 -1.17 28.84 -40.56
C GLY B 26 -1.37 29.04 -42.05
N GLN B 27 -0.73 30.09 -42.58
CA GLN B 27 -0.54 30.35 -44.03
C GLN B 27 0.71 29.58 -44.50
N GLU B 28 1.62 30.21 -45.24
CA GLU B 28 2.95 29.61 -45.52
C GLU B 28 4.02 30.71 -45.66
N ASN B 29 5.14 30.57 -44.95
CA ASN B 29 6.28 31.53 -44.92
C ASN B 29 5.79 32.89 -44.40
N SER B 30 4.83 32.84 -43.48
CA SER B 30 3.96 33.98 -43.10
C SER B 30 4.29 34.47 -41.69
N ALA B 31 4.17 35.79 -41.51
CA ALA B 31 4.06 36.53 -40.23
C ALA B 31 5.17 36.11 -39.29
N PRO B 32 4.90 35.83 -37.99
CA PRO B 32 5.80 34.99 -37.20
C PRO B 32 5.69 33.50 -37.54
N LYS B 33 6.78 32.75 -37.48
CA LYS B 33 6.79 31.28 -37.69
C LYS B 33 7.21 30.56 -36.40
N ALA B 34 6.39 29.58 -35.97
CA ALA B 34 6.65 28.70 -34.82
C ALA B 34 6.88 27.27 -35.30
N TYR B 35 7.82 26.58 -34.66
CA TYR B 35 8.13 25.16 -34.91
C TYR B 35 8.19 24.42 -33.58
N LEU B 36 7.38 23.39 -33.44
CA LEU B 36 7.33 22.54 -32.23
C LEU B 36 7.43 21.08 -32.67
N GLN B 37 8.44 20.36 -32.16
CA GLN B 37 8.58 18.90 -32.43
C GLN B 37 8.73 18.18 -31.10
N ALA B 38 8.36 16.92 -31.09
CA ALA B 38 8.51 16.01 -29.94
C ALA B 38 8.92 14.63 -30.45
N GLY B 39 9.64 13.89 -29.60
CA GLY B 39 9.97 12.47 -29.86
C GLY B 39 11.12 12.32 -30.82
N LEU B 40 12.03 13.31 -30.86
CA LEU B 40 13.29 13.17 -31.63
C LEU B 40 14.04 11.98 -31.02
N HIS B 41 14.11 11.91 -29.70
CA HIS B 41 14.43 10.67 -28.97
C HIS B 41 13.11 9.90 -28.83
N ALA B 42 12.96 8.77 -29.54
CA ALA B 42 11.67 8.09 -29.73
C ALA B 42 11.17 7.44 -28.42
N ASP B 43 12.00 7.40 -27.37
CA ASP B 43 11.62 6.80 -26.08
C ASP B 43 11.24 7.90 -25.07
N GLU B 44 11.10 9.13 -25.54
CA GLU B 44 10.70 10.30 -24.71
C GLU B 44 9.26 10.72 -25.09
N PHE B 45 8.30 10.39 -24.24
CA PHE B 45 6.84 10.36 -24.56
C PHE B 45 6.08 11.64 -24.21
N PRO B 46 6.31 12.37 -23.09
CA PRO B 46 5.42 13.44 -22.66
C PRO B 46 5.09 14.49 -23.72
N GLY B 47 6.09 14.87 -24.52
CA GLY B 47 5.95 15.83 -25.65
C GLY B 47 5.01 15.29 -26.74
N MET B 48 4.97 13.98 -26.97
CA MET B 48 4.13 13.34 -28.01
C MET B 48 2.69 13.62 -27.65
N LEU B 49 2.30 13.32 -26.40
CA LEU B 49 0.89 13.45 -25.94
C LEU B 49 0.55 14.94 -25.84
N ALA B 50 1.50 15.77 -25.39
CA ALA B 50 1.30 17.23 -25.26
C ALA B 50 0.97 17.84 -26.63
N LEU B 51 1.70 17.47 -27.68
CA LEU B 51 1.46 18.04 -29.03
C LEU B 51 0.15 17.47 -29.59
N LYS B 52 -0.25 16.23 -29.26
CA LYS B 52 -1.59 15.74 -29.66
C LYS B 52 -2.67 16.71 -29.12
N TYR B 53 -2.60 17.08 -27.85
CA TYR B 53 -3.58 17.98 -27.22
C TYR B 53 -3.37 19.43 -27.70
N LEU B 54 -2.14 19.85 -28.02
CA LEU B 54 -1.92 21.21 -28.58
C LEU B 54 -2.63 21.31 -29.93
N ARG B 55 -2.59 20.23 -30.72
CA ARG B 55 -3.33 20.15 -32.00
C ARG B 55 -4.82 20.35 -31.73
N ASP B 56 -5.42 19.67 -30.75
CA ASP B 56 -6.85 19.88 -30.38
C ASP B 56 -7.10 21.39 -30.20
N LEU B 57 -6.24 22.10 -29.47
CA LEU B 57 -6.41 23.55 -29.17
C LEU B 57 -6.27 24.36 -30.48
N LEU B 58 -5.30 24.01 -31.31
CA LEU B 58 -5.04 24.71 -32.60
C LEU B 58 -6.14 24.39 -33.61
N ASP B 59 -6.71 23.18 -33.61
CA ASP B 59 -7.86 22.80 -34.49
C ASP B 59 -8.97 23.82 -34.27
N GLU B 60 -9.25 24.09 -33.00
CA GLU B 60 -10.33 25.03 -32.57
C GLU B 60 -9.91 26.44 -32.99
N ALA B 61 -8.67 26.85 -32.75
CA ALA B 61 -8.16 28.18 -33.14
C ALA B 61 -8.26 28.36 -34.65
N ALA B 62 -7.99 27.32 -35.44
CA ALA B 62 -8.04 27.34 -36.92
C ALA B 62 -9.51 27.49 -37.36
N ARG B 63 -10.42 26.74 -36.76
CA ARG B 63 -11.87 26.79 -37.05
C ARG B 63 -12.37 28.21 -36.80
N ARG B 64 -11.89 28.87 -35.73
CA ARG B 64 -12.30 30.25 -35.34
C ARG B 64 -11.48 31.28 -36.13
N ASN B 65 -10.62 30.84 -37.04
CA ASN B 65 -9.80 31.71 -37.95
C ASN B 65 -8.87 32.62 -37.14
N ARG B 66 -8.18 32.09 -36.11
CA ARG B 66 -7.42 32.92 -35.14
C ARG B 66 -5.92 32.64 -35.23
N ILE B 67 -5.46 31.86 -36.21
CA ILE B 67 -3.99 31.59 -36.38
C ILE B 67 -3.39 32.76 -37.15
N LYS B 68 -2.40 33.44 -36.57
CA LYS B 68 -1.84 34.71 -37.12
C LYS B 68 -0.62 34.42 -38.00
N GLY B 69 0.18 33.41 -37.67
CA GLY B 69 1.43 33.12 -38.40
C GLY B 69 1.38 31.79 -39.11
N GLU B 70 2.52 31.09 -39.17
CA GLU B 70 2.63 29.66 -39.53
C GLU B 70 3.11 28.88 -38.29
N ILE B 71 2.32 27.93 -37.81
CA ILE B 71 2.70 27.07 -36.65
C ILE B 71 2.90 25.63 -37.15
N VAL B 72 4.12 25.10 -36.99
CA VAL B 72 4.50 23.76 -37.49
C VAL B 72 4.60 22.79 -36.31
N ILE B 73 3.85 21.67 -36.35
CA ILE B 73 3.72 20.69 -35.24
C ILE B 73 4.17 19.30 -35.72
N ILE B 74 5.15 18.70 -35.06
CA ILE B 74 5.61 17.30 -35.33
C ILE B 74 5.62 16.48 -34.04
N PRO B 75 4.50 15.82 -33.70
CA PRO B 75 4.38 15.04 -32.47
C PRO B 75 5.34 13.86 -32.37
N GLN B 76 5.74 13.28 -33.50
CA GLN B 76 6.70 12.14 -33.51
C GLN B 76 7.75 12.40 -34.56
N ALA B 77 8.78 13.17 -34.20
CA ALA B 77 9.82 13.72 -35.12
C ALA B 77 10.77 12.61 -35.56
N ASN B 78 10.63 11.42 -34.99
CA ASN B 78 11.60 10.33 -35.23
C ASN B 78 10.89 9.00 -35.30
N PRO B 79 10.36 8.66 -36.49
CA PRO B 79 9.77 7.36 -36.75
C PRO B 79 10.81 6.22 -36.94
N ILE B 80 12.11 6.55 -37.03
CA ILE B 80 13.18 5.52 -37.10
C ILE B 80 13.32 4.90 -35.72
N GLY B 81 13.65 5.74 -34.74
CA GLY B 81 13.79 5.33 -33.34
C GLY B 81 12.52 4.66 -32.84
N LEU B 82 11.35 5.10 -33.30
CA LEU B 82 10.05 4.63 -32.76
C LEU B 82 9.83 3.15 -33.10
N SER B 83 10.59 2.61 -34.06
CA SER B 83 10.47 1.20 -34.53
C SER B 83 11.48 0.31 -33.82
N GLN B 84 12.43 0.90 -33.09
CA GLN B 84 13.64 0.21 -32.57
C GLN B 84 13.32 -0.47 -31.25
N TRP B 85 12.56 -1.57 -31.30
CA TRP B 85 12.30 -2.45 -30.14
C TRP B 85 13.39 -3.51 -30.02
N LYS B 86 13.88 -3.75 -28.80
CA LYS B 86 14.85 -4.84 -28.49
C LYS B 86 14.42 -5.51 -27.18
N ASP B 87 14.13 -6.81 -27.23
CA ASP B 87 13.76 -7.62 -26.05
C ASP B 87 12.58 -6.95 -25.35
N GLY B 88 11.66 -6.35 -26.12
CA GLY B 88 10.38 -5.81 -25.66
C GLY B 88 10.47 -4.37 -25.14
N PHE B 89 11.65 -3.75 -25.29
N PHE B 89 11.65 -3.74 -25.30
CA PHE B 89 11.90 -2.37 -24.80
CA PHE B 89 11.90 -2.37 -24.80
C PHE B 89 12.23 -1.48 -25.99
C PHE B 89 12.23 -1.47 -25.99
N LEU B 90 11.78 -0.22 -25.94
CA LEU B 90 11.98 0.75 -27.05
C LEU B 90 13.28 1.51 -26.75
N LEU B 91 14.26 1.36 -27.64
CA LEU B 91 15.57 2.06 -27.53
C LEU B 91 15.59 3.15 -28.60
N GLY B 92 15.24 4.37 -28.21
CA GLY B 92 14.90 5.44 -29.17
C GLY B 92 15.96 6.53 -29.19
N ARG B 93 17.08 6.35 -28.49
CA ARG B 93 18.08 7.41 -28.30
C ARG B 93 19.10 7.38 -29.44
N PHE B 94 19.51 6.20 -29.90
CA PHE B 94 20.56 6.03 -30.95
C PHE B 94 19.98 5.30 -32.15
N ASP B 95 20.50 5.64 -33.34
CA ASP B 95 20.10 5.05 -34.64
C ASP B 95 20.81 3.70 -34.81
N HIS B 96 20.05 2.63 -35.00
CA HIS B 96 20.58 1.24 -35.12
C HIS B 96 21.58 1.16 -36.28
N GLN B 97 21.25 1.79 -37.42
CA GLN B 97 22.01 1.69 -38.69
C GLN B 97 23.37 2.38 -38.56
N THR B 98 23.44 3.57 -37.96
CA THR B 98 24.67 4.43 -37.91
C THR B 98 25.34 4.36 -36.53
N GLY B 99 24.58 4.03 -35.48
CA GLY B 99 25.07 4.10 -34.09
C GLY B 99 25.06 5.51 -33.54
N THR B 100 24.65 6.51 -34.32
CA THR B 100 24.70 7.96 -33.94
C THR B 100 23.48 8.32 -33.09
N ASN B 101 23.66 9.35 -32.25
CA ASN B 101 22.59 9.95 -31.40
C ASN B 101 21.66 10.72 -32.33
N PHE B 102 20.34 10.55 -32.17
CA PHE B 102 19.34 11.23 -33.01
C PHE B 102 19.42 12.76 -32.84
N ASN B 103 19.92 13.26 -31.71
CA ASN B 103 19.97 14.71 -31.42
C ASN B 103 21.42 15.17 -31.42
N ARG B 104 22.21 14.66 -32.38
CA ARG B 104 23.62 15.08 -32.60
C ARG B 104 23.87 15.18 -34.11
N ASP B 105 24.96 15.85 -34.48
CA ASP B 105 25.47 15.94 -35.88
C ASP B 105 24.47 16.67 -36.79
N TYR B 106 23.89 17.76 -36.31
CA TYR B 106 23.09 18.71 -37.14
C TYR B 106 24.04 19.66 -37.85
N PRO B 107 23.61 20.22 -39.01
CA PRO B 107 24.38 21.23 -39.74
C PRO B 107 24.72 22.49 -38.94
N ASP B 108 25.93 23.04 -39.16
CA ASP B 108 26.33 24.39 -38.68
C ASP B 108 25.95 25.38 -39.78
N LEU B 109 24.84 26.10 -39.61
CA LEU B 109 24.31 27.03 -40.66
C LEU B 109 25.11 28.33 -40.67
N CYS B 110 25.98 28.59 -39.68
CA CYS B 110 26.97 29.70 -39.77
C CYS B 110 28.05 29.28 -40.78
N GLN B 111 28.73 28.16 -40.54
CA GLN B 111 29.78 27.62 -41.45
C GLN B 111 29.25 27.50 -42.88
N LEU B 112 27.98 27.14 -43.07
CA LEU B 112 27.39 26.91 -44.42
C LEU B 112 26.98 28.21 -45.12
N THR B 113 26.93 29.35 -44.41
CA THR B 113 26.39 30.61 -44.98
C THR B 113 27.41 31.75 -44.96
N VAL B 114 28.49 31.68 -44.15
CA VAL B 114 29.43 32.84 -43.95
C VAL B 114 30.01 33.24 -45.31
N GLU B 115 30.36 32.24 -46.14
CA GLU B 115 30.91 32.43 -47.51
C GLU B 115 29.89 33.20 -48.36
N LYS B 116 28.65 32.69 -48.42
CA LYS B 116 27.56 33.25 -49.28
C LYS B 116 27.19 34.68 -48.87
N LEU B 117 27.24 34.99 -47.56
CA LEU B 117 26.76 36.27 -46.96
C LEU B 117 27.81 37.40 -47.07
N ASP B 118 29.00 37.09 -47.62
CA ASP B 118 30.19 38.00 -47.63
C ASP B 118 29.77 39.42 -48.00
N GLY B 119 28.98 39.60 -49.06
CA GLY B 119 28.63 40.94 -49.56
C GLY B 119 27.14 41.19 -49.52
N GLN B 120 26.38 40.59 -48.61
CA GLN B 120 24.89 40.63 -48.70
C GLN B 120 24.28 41.44 -47.53
N LEU B 121 25.06 41.78 -46.52
CA LEU B 121 24.51 42.38 -45.26
C LEU B 121 24.51 43.91 -45.36
N THR B 122 23.51 44.55 -44.72
CA THR B 122 23.36 46.03 -44.68
C THR B 122 23.10 46.51 -43.25
N GLU B 123 22.81 47.81 -43.07
CA GLU B 123 22.53 48.49 -41.79
C GLU B 123 21.12 48.11 -41.27
N ASN B 124 20.28 47.50 -42.13
CA ASN B 124 18.87 47.18 -41.79
C ASN B 124 18.77 45.76 -41.24
N ALA B 125 18.53 45.62 -39.94
CA ALA B 125 18.49 44.34 -39.19
C ALA B 125 17.45 43.39 -39.81
N GLU B 126 16.26 43.91 -40.13
CA GLU B 126 15.12 43.09 -40.61
C GLU B 126 15.51 42.53 -41.99
N HIS B 127 16.16 43.34 -42.83
CA HIS B 127 16.71 42.91 -44.15
C HIS B 127 17.68 41.75 -43.90
N ASN B 128 18.64 41.94 -42.99
CA ASN B 128 19.68 40.93 -42.70
C ASN B 128 19.00 39.61 -42.30
N ILE B 129 17.93 39.66 -41.49
CA ILE B 129 17.20 38.44 -41.04
C ILE B 129 16.66 37.70 -42.27
N ASP B 130 15.99 38.40 -43.18
CA ASP B 130 15.36 37.80 -44.39
C ASP B 130 16.46 37.26 -45.31
N VAL B 131 17.58 37.98 -45.46
CA VAL B 131 18.75 37.57 -46.31
C VAL B 131 19.33 36.28 -45.73
N ILE B 132 19.58 36.26 -44.42
CA ILE B 132 20.26 35.12 -43.75
C ILE B 132 19.34 33.91 -43.84
N ARG B 133 18.04 34.07 -43.60
CA ARG B 133 17.06 32.95 -43.67
C ARG B 133 17.00 32.39 -45.09
N LYS B 134 16.98 33.24 -46.11
CA LYS B 134 16.93 32.79 -47.53
C LYS B 134 18.23 32.04 -47.83
N THR B 135 19.38 32.58 -47.37
CA THR B 135 20.73 31.98 -47.57
C THR B 135 20.76 30.58 -46.91
N MET B 136 20.25 30.46 -45.68
CA MET B 136 20.19 29.19 -44.91
C MET B 136 19.39 28.15 -45.72
N ARG B 137 18.21 28.52 -46.23
CA ARG B 137 17.35 27.60 -47.03
C ARG B 137 18.12 27.14 -48.27
N SER B 138 18.81 28.05 -48.97
CA SER B 138 19.62 27.75 -50.18
C SER B 138 20.74 26.78 -49.82
N ALA B 139 21.49 27.08 -48.75
CA ALA B 139 22.65 26.28 -48.27
C ALA B 139 22.19 24.84 -48.03
N LEU B 140 21.01 24.67 -47.42
CA LEU B 140 20.45 23.33 -47.09
C LEU B 140 19.99 22.65 -48.39
N SER B 141 19.40 23.39 -49.33
CA SER B 141 18.95 22.86 -50.64
C SER B 141 20.10 22.16 -51.36
N GLU B 142 21.32 22.68 -51.21
CA GLU B 142 22.54 22.20 -51.91
C GLU B 142 23.02 20.86 -51.31
N LEU B 143 22.61 20.51 -50.08
CA LEU B 143 23.07 19.29 -49.36
C LEU B 143 22.26 18.07 -49.85
N LYS B 144 22.94 16.92 -49.98
CA LYS B 144 22.32 15.67 -50.51
C LYS B 144 22.65 14.52 -49.58
N PRO B 145 21.97 14.40 -48.41
CA PRO B 145 22.14 13.24 -47.52
C PRO B 145 21.53 11.96 -48.12
N GLU B 146 22.10 10.79 -47.83
CA GLU B 146 21.62 9.49 -48.38
C GLU B 146 21.01 8.59 -47.29
N GLN B 147 21.62 8.51 -46.10
CA GLN B 147 21.16 7.64 -44.98
C GLN B 147 19.91 8.23 -44.34
N ALA B 148 18.95 7.36 -44.02
CA ALA B 148 17.61 7.73 -43.49
C ALA B 148 17.74 8.78 -42.37
N VAL B 149 18.66 8.57 -41.44
CA VAL B 149 18.80 9.42 -40.22
C VAL B 149 19.35 10.79 -40.61
N ASP B 150 20.19 10.86 -41.65
CA ASP B 150 20.82 12.14 -42.10
C ASP B 150 19.73 12.91 -42.87
N VAL B 151 18.90 12.19 -43.62
CA VAL B 151 17.76 12.77 -44.39
C VAL B 151 16.75 13.33 -43.38
N LEU B 152 16.53 12.60 -42.29
CA LEU B 152 15.59 13.01 -41.22
C LEU B 152 16.08 14.31 -40.58
N ARG B 153 17.33 14.32 -40.14
CA ARG B 153 17.96 15.51 -39.51
C ARG B 153 17.83 16.71 -40.48
N HIS B 154 18.14 16.48 -41.77
CA HIS B 154 18.11 17.50 -42.86
C HIS B 154 16.73 18.12 -42.95
N LYS B 155 15.69 17.29 -43.04
CA LYS B 155 14.30 17.76 -43.18
C LYS B 155 13.94 18.63 -41.98
N LEU B 156 14.25 18.16 -40.76
CA LEU B 156 13.82 18.82 -39.50
C LEU B 156 14.45 20.21 -39.43
N ILE B 157 15.73 20.35 -39.78
CA ILE B 157 16.44 21.67 -39.69
C ILE B 157 15.95 22.55 -40.85
N SER B 158 15.70 21.97 -42.03
CA SER B 158 15.20 22.71 -43.21
C SER B 158 13.88 23.40 -42.87
N GLU B 159 13.03 22.76 -42.08
CA GLU B 159 11.67 23.25 -41.78
C GLU B 159 11.66 24.08 -40.49
N SER B 160 12.81 24.30 -39.82
CA SER B 160 12.86 25.00 -38.51
C SER B 160 13.85 26.17 -38.51
N CYS B 161 14.89 26.18 -39.35
CA CYS B 161 16.01 27.15 -39.28
C CYS B 161 15.52 28.60 -39.44
N ASP B 162 14.41 28.80 -40.16
CA ASP B 162 13.88 30.13 -40.53
C ASP B 162 12.71 30.50 -39.60
N ALA B 163 12.50 29.77 -38.51
CA ALA B 163 11.41 30.03 -37.54
C ALA B 163 11.88 31.12 -36.57
N ASP B 164 10.90 31.81 -35.98
CA ASP B 164 11.13 32.84 -34.93
C ASP B 164 11.18 32.12 -33.58
N LEU B 165 10.36 31.07 -33.43
CA LEU B 165 10.21 30.29 -32.18
C LEU B 165 10.38 28.79 -32.48
N VAL B 166 11.32 28.14 -31.80
CA VAL B 166 11.58 26.67 -31.95
C VAL B 166 11.57 26.02 -30.56
N LEU B 167 10.62 25.14 -30.31
CA LEU B 167 10.57 24.36 -29.06
C LEU B 167 10.75 22.87 -29.39
N ASP B 168 11.91 22.33 -29.02
CA ASP B 168 12.25 20.89 -29.16
C ASP B 168 11.85 20.22 -27.85
N LEU B 169 10.80 19.40 -27.90
CA LEU B 169 10.20 18.80 -26.69
C LEU B 169 10.86 17.45 -26.45
N HIS B 170 11.49 17.32 -25.28
CA HIS B 170 12.28 16.16 -24.84
C HIS B 170 11.79 15.72 -23.46
N ALA B 171 12.44 14.70 -22.94
CA ALA B 171 12.27 14.20 -21.56
C ALA B 171 13.60 13.65 -21.13
N ASP B 172 13.75 13.44 -19.82
CA ASP B 172 14.95 12.80 -19.26
C ASP B 172 14.46 11.51 -18.61
N ASN B 173 15.39 10.67 -18.18
CA ASN B 173 15.03 9.30 -17.75
C ASN B 173 14.12 9.39 -16.52
N GLN B 174 14.49 10.24 -15.57
CA GLN B 174 13.66 10.57 -14.39
C GLN B 174 14.03 12.01 -14.01
N ALA B 175 13.12 12.96 -14.28
CA ALA B 175 13.47 14.38 -14.11
C ALA B 175 12.23 15.24 -13.92
N GLN B 176 12.44 16.39 -13.27
CA GLN B 176 11.50 17.51 -13.22
C GLN B 176 11.56 18.23 -14.56
N CYS B 177 10.49 18.93 -14.92
CA CYS B 177 10.46 19.85 -16.06
C CYS B 177 11.67 20.78 -15.96
N HIS B 178 12.48 20.87 -17.01
CA HIS B 178 13.64 21.79 -17.10
C HIS B 178 13.89 22.17 -18.57
N MET B 179 14.73 23.17 -18.78
CA MET B 179 14.88 23.84 -20.10
C MET B 179 16.37 24.09 -20.37
N TYR B 180 16.76 23.94 -21.64
CA TYR B 180 18.08 24.35 -22.15
C TYR B 180 17.86 25.42 -23.22
N THR B 181 18.67 26.47 -23.20
CA THR B 181 18.68 27.45 -24.29
C THR B 181 20.09 28.04 -24.44
N LEU B 182 20.25 28.78 -25.53
CA LEU B 182 21.50 29.50 -25.86
C LEU B 182 21.69 30.61 -24.81
N THR B 183 22.89 30.74 -24.25
CA THR B 183 23.18 31.71 -23.15
C THR B 183 22.58 33.09 -23.46
N PRO B 184 22.85 33.71 -24.63
CA PRO B 184 22.32 35.06 -24.91
C PRO B 184 20.81 35.18 -25.12
N LEU B 185 20.07 34.06 -25.19
CA LEU B 185 18.58 34.06 -25.30
C LEU B 185 17.98 34.05 -23.90
N TRP B 186 18.82 34.23 -22.89
CA TRP B 186 18.37 34.49 -21.51
C TRP B 186 18.56 35.96 -21.22
N PRO B 187 17.79 36.46 -20.23
CA PRO B 187 16.33 36.45 -20.15
C PRO B 187 15.24 36.57 -21.21
N ALA B 188 15.58 36.57 -22.50
CA ALA B 188 14.62 36.73 -23.60
C ALA B 188 13.55 35.64 -23.47
N MET B 189 13.91 34.41 -23.12
CA MET B 189 12.93 33.28 -23.05
C MET B 189 12.46 33.03 -21.60
N HIS B 190 12.46 34.04 -20.73
CA HIS B 190 11.89 33.96 -19.34
C HIS B 190 10.41 33.60 -19.41
N ASP B 191 9.66 34.19 -20.36
CA ASP B 191 8.20 33.96 -20.50
C ASP B 191 7.93 32.48 -20.80
N VAL B 192 8.71 31.90 -21.68
CA VAL B 192 8.59 30.49 -22.14
C VAL B 192 8.88 29.57 -20.94
N ALA B 193 9.98 29.86 -20.22
CA ALA B 193 10.42 29.08 -19.03
C ALA B 193 9.33 29.12 -17.96
N ALA B 194 8.70 30.28 -17.78
CA ALA B 194 7.69 30.50 -16.72
C ALA B 194 6.43 29.71 -17.09
N GLU B 195 5.99 29.77 -18.35
CA GLU B 195 4.72 29.14 -18.77
C GLU B 195 4.81 27.61 -18.61
N ILE B 196 5.96 27.01 -18.92
CA ILE B 196 6.15 25.53 -18.87
C ILE B 196 6.55 25.08 -17.45
N ASP B 197 6.79 26.00 -16.52
CA ASP B 197 7.12 25.73 -15.09
C ASP B 197 8.45 24.96 -15.03
N ALA B 198 9.47 25.44 -15.75
CA ALA B 198 10.82 24.85 -15.67
C ALA B 198 11.36 25.02 -14.25
N ARG B 199 12.03 24.00 -13.73
CA ARG B 199 12.60 24.01 -12.35
C ARG B 199 14.10 24.20 -12.46
N ALA B 200 14.60 24.24 -13.70
CA ALA B 200 16.01 24.54 -14.00
C ALA B 200 16.12 25.07 -15.43
N VAL B 201 16.95 26.11 -15.61
CA VAL B 201 17.18 26.69 -16.96
C VAL B 201 18.68 26.70 -17.16
N LEU B 202 19.15 25.92 -18.13
CA LEU B 202 20.61 25.64 -18.27
C LEU B 202 21.11 26.30 -19.56
N LEU B 203 22.14 27.13 -19.42
CA LEU B 203 22.62 28.04 -20.50
C LEU B 203 23.97 27.57 -21.02
N ALA B 204 24.11 27.51 -22.34
CA ALA B 204 25.41 27.25 -23.03
C ALA B 204 25.41 27.92 -24.40
N GLU B 205 26.59 28.29 -24.89
CA GLU B 205 26.78 28.84 -26.25
C GLU B 205 27.00 27.68 -27.21
N GLU B 206 27.76 26.68 -26.77
CA GLU B 206 27.98 25.40 -27.52
C GLU B 206 28.06 24.27 -26.49
N SER B 207 27.27 23.22 -26.68
CA SER B 207 27.14 22.07 -25.75
C SER B 207 27.91 20.89 -26.34
N GLY B 208 27.22 19.86 -26.82
CA GLY B 208 27.84 18.66 -27.39
C GLY B 208 28.01 18.77 -28.89
N GLY B 209 27.99 17.60 -29.54
CA GLY B 209 28.19 17.42 -31.00
C GLY B 209 26.97 17.86 -31.78
N HIS B 210 26.75 19.18 -31.84
CA HIS B 210 25.82 19.85 -32.78
C HIS B 210 24.39 19.33 -32.58
N PRO B 211 23.75 19.60 -31.40
CA PRO B 211 22.35 19.21 -31.20
C PRO B 211 21.39 20.17 -31.93
N PHE B 212 20.13 19.77 -32.06
CA PHE B 212 19.06 20.44 -32.87
C PHE B 212 18.78 21.86 -32.40
N ASP B 213 18.56 22.09 -31.10
CA ASP B 213 18.16 23.42 -30.57
C ASP B 213 19.26 24.43 -30.89
N GLU B 214 20.53 24.05 -30.66
CA GLU B 214 21.69 24.92 -30.93
C GLU B 214 21.85 25.09 -32.44
N ALA B 215 21.59 24.04 -33.24
CA ALA B 215 21.62 24.13 -34.72
C ALA B 215 20.68 25.25 -35.20
N CYS B 216 19.56 25.48 -34.52
CA CYS B 216 18.55 26.51 -34.85
C CYS B 216 18.98 27.90 -34.35
N SER B 217 19.46 28.05 -33.11
CA SER B 217 19.69 29.38 -32.47
C SER B 217 21.14 29.86 -32.59
N ALA B 218 22.12 28.95 -32.58
CA ALA B 218 23.57 29.29 -32.52
C ALA B 218 24.02 30.11 -33.73
N PRO B 219 23.54 29.79 -34.96
CA PRO B 219 23.99 30.48 -36.17
C PRO B 219 23.91 32.02 -36.07
N TRP B 220 22.87 32.51 -35.42
CA TRP B 220 22.57 33.96 -35.28
C TRP B 220 23.64 34.62 -34.41
N MET B 221 24.01 33.93 -33.33
CA MET B 221 25.08 34.34 -32.39
C MET B 221 26.43 34.33 -33.12
N ASN B 222 26.72 33.23 -33.86
CA ASN B 222 28.03 33.04 -34.52
C ASN B 222 28.16 33.96 -35.73
N LEU B 223 27.07 34.23 -36.46
CA LEU B 223 27.10 35.17 -37.62
C LEU B 223 27.32 36.59 -37.09
N SER B 224 26.64 36.96 -35.98
CA SER B 224 26.82 38.29 -35.32
C SER B 224 28.30 38.52 -35.05
N ARG B 225 29.00 37.50 -34.55
CA ARG B 225 30.44 37.56 -34.21
C ARG B 225 31.29 37.57 -35.49
N ALA B 226 30.89 36.82 -36.53
CA ALA B 226 31.56 36.76 -37.85
C ALA B 226 31.49 38.13 -38.54
N PHE B 227 30.38 38.86 -38.38
CA PHE B 227 30.10 40.14 -39.09
C PHE B 227 29.73 41.23 -38.09
N PRO B 228 30.66 41.65 -37.20
CA PRO B 228 30.33 42.56 -36.09
C PRO B 228 29.98 43.97 -36.55
N ASP B 229 30.18 44.22 -37.86
CA ASP B 229 29.98 45.52 -38.53
C ASP B 229 28.50 45.67 -38.90
N TYR B 230 27.68 44.63 -38.70
CA TYR B 230 26.26 44.62 -39.15
C TYR B 230 25.35 44.17 -38.00
N PRO B 231 24.11 44.71 -37.94
CA PRO B 231 23.12 44.24 -36.97
C PRO B 231 22.57 42.86 -37.35
N ILE B 232 22.96 41.83 -36.58
CA ILE B 232 22.42 40.44 -36.71
C ILE B 232 21.81 40.05 -35.37
N PRO B 233 20.48 40.23 -35.21
CA PRO B 233 19.78 39.86 -33.98
C PRO B 233 19.60 38.33 -33.89
N LEU B 234 19.29 37.86 -32.69
CA LEU B 234 19.11 36.41 -32.42
C LEU B 234 17.71 36.04 -32.90
N ALA B 235 17.54 35.99 -34.21
CA ALA B 235 16.23 35.91 -34.91
C ALA B 235 15.49 34.63 -34.55
N CYS B 236 16.20 33.52 -34.37
CA CYS B 236 15.58 32.20 -34.02
C CYS B 236 15.78 31.93 -32.53
N GLN B 237 14.68 32.02 -31.78
CA GLN B 237 14.67 31.76 -30.31
C GLN B 237 14.28 30.30 -30.09
N SER B 238 15.29 29.44 -29.90
CA SER B 238 15.11 27.98 -29.68
C SER B 238 15.36 27.67 -28.21
N ALA B 239 14.68 26.64 -27.73
CA ALA B 239 14.90 26.02 -26.41
C ALA B 239 14.55 24.52 -26.52
N THR B 240 15.24 23.70 -25.73
CA THR B 240 14.85 22.31 -25.44
C THR B 240 14.05 22.28 -24.13
N PHE B 241 12.85 21.74 -24.17
CA PHE B 241 12.05 21.50 -22.94
C PHE B 241 12.12 20.03 -22.58
N GLU B 242 12.75 19.69 -21.45
CA GLU B 242 12.64 18.35 -20.85
C GLU B 242 11.34 18.41 -20.04
N LEU B 243 10.25 17.83 -20.55
CA LEU B 243 8.90 18.06 -20.00
C LEU B 243 8.66 17.22 -18.75
N GLY B 244 9.56 16.30 -18.45
CA GLY B 244 9.42 15.36 -17.34
C GLY B 244 10.21 14.10 -17.59
N SER B 245 9.76 12.98 -17.01
CA SER B 245 10.42 11.67 -17.15
C SER B 245 10.02 11.06 -18.50
N ASN B 246 10.89 10.25 -19.11
CA ASN B 246 10.70 9.60 -20.42
C ASN B 246 9.31 8.96 -20.48
N ASP B 247 8.86 8.31 -19.42
CA ASP B 247 7.64 7.46 -19.45
C ASP B 247 6.51 8.18 -18.70
N GLU B 248 6.60 9.50 -18.52
CA GLU B 248 5.59 10.29 -17.77
C GLU B 248 4.41 10.60 -18.70
N VAL B 249 3.52 9.63 -18.87
CA VAL B 249 2.37 9.71 -19.80
C VAL B 249 1.11 9.85 -18.96
N ASP B 250 0.59 11.07 -18.84
CA ASP B 250 -0.55 11.38 -17.95
C ASP B 250 -1.46 12.37 -18.67
N LEU B 251 -2.77 12.13 -18.63
CA LEU B 251 -3.77 12.96 -19.35
C LEU B 251 -3.69 14.39 -18.84
N ARG B 252 -3.72 14.57 -17.51
CA ARG B 252 -3.75 15.91 -16.88
C ARG B 252 -2.47 16.65 -17.30
N LEU B 253 -1.30 16.00 -17.18
CA LEU B 253 -0.01 16.66 -17.45
C LEU B 253 0.07 17.08 -18.91
N ALA B 254 -0.26 16.18 -19.84
CA ALA B 254 -0.17 16.47 -21.30
C ALA B 254 -1.10 17.63 -21.65
N GLN B 255 -2.30 17.67 -21.06
CA GLN B 255 -3.28 18.77 -21.28
C GLN B 255 -2.72 20.07 -20.72
N ASP B 256 -2.14 20.05 -19.51
CA ASP B 256 -1.55 21.24 -18.84
C ASP B 256 -0.39 21.77 -19.71
N GLN B 257 0.43 20.88 -20.26
CA GLN B 257 1.61 21.27 -21.06
C GLN B 257 1.14 21.82 -22.40
N ALA B 258 0.13 21.20 -23.01
CA ALA B 258 -0.51 21.71 -24.26
C ALA B 258 -1.04 23.13 -24.01
N GLU B 259 -1.73 23.37 -22.88
CA GLU B 259 -2.32 24.68 -22.54
C GLU B 259 -1.17 25.70 -22.41
N ALA B 260 -0.08 25.31 -21.76
CA ALA B 260 1.10 26.19 -21.55
C ALA B 260 1.70 26.54 -22.92
N LEU B 261 1.86 25.55 -23.81
CA LEU B 261 2.44 25.77 -25.16
C LEU B 261 1.55 26.75 -25.94
N PHE B 262 0.22 26.59 -25.80
CA PHE B 262 -0.79 27.47 -26.44
C PHE B 262 -0.58 28.90 -25.93
N ARG B 263 -0.45 29.07 -24.62
CA ARG B 263 -0.25 30.39 -23.98
C ARG B 263 1.06 31.02 -24.51
N ILE B 264 2.10 30.21 -24.72
CA ILE B 264 3.41 30.67 -25.29
C ILE B 264 3.15 31.19 -26.69
N LEU B 265 2.39 30.44 -27.49
CA LEU B 265 2.03 30.85 -28.88
C LEU B 265 1.24 32.17 -28.84
N ILE B 266 0.31 32.34 -27.91
CA ILE B 266 -0.47 33.61 -27.80
C ILE B 266 0.53 34.75 -27.48
N ARG B 267 1.37 34.58 -26.47
CA ARG B 267 2.31 35.62 -25.98
C ARG B 267 3.22 36.08 -27.12
N ARG B 268 3.51 35.20 -28.09
CA ARG B 268 4.48 35.50 -29.16
C ARG B 268 3.77 35.81 -30.48
N GLY B 269 2.45 36.05 -30.43
CA GLY B 269 1.65 36.66 -31.52
C GLY B 269 1.24 35.66 -32.59
N PHE B 270 0.93 34.43 -32.22
CA PHE B 270 0.49 33.38 -33.15
C PHE B 270 -1.02 33.17 -33.07
N ILE B 271 -1.65 33.66 -32.01
CA ILE B 271 -3.10 33.38 -31.77
C ILE B 271 -3.82 34.70 -31.47
N GLU B 272 -4.90 34.94 -32.23
CA GLU B 272 -5.66 36.22 -32.27
C GLU B 272 -6.90 36.08 -31.38
N ASP B 273 -7.42 37.21 -30.88
CA ASP B 273 -8.70 37.30 -30.12
C ASP B 273 -8.63 36.49 -28.81
N VAL B 274 -7.42 36.30 -28.28
CA VAL B 274 -7.20 35.63 -26.96
C VAL B 274 -6.17 36.48 -26.22
N HIS B 275 -6.52 36.91 -25.00
CA HIS B 275 -5.61 37.59 -24.06
C HIS B 275 -5.12 36.53 -23.08
N VAL B 276 -3.85 36.59 -22.65
CA VAL B 276 -3.23 35.53 -21.80
C VAL B 276 -3.27 35.92 -20.33
N GLY B 277 -2.91 37.16 -20.01
CA GLY B 277 -2.90 37.61 -18.61
C GLY B 277 -1.53 37.49 -17.97
N GLU B 278 -1.46 37.39 -16.64
CA GLU B 278 -0.22 37.69 -15.89
C GLU B 278 0.73 36.51 -16.05
N LEU B 279 2.03 36.77 -16.26
CA LEU B 279 3.07 35.71 -16.42
C LEU B 279 3.23 34.94 -15.12
N PRO B 280 3.28 33.59 -15.16
CA PRO B 280 3.45 32.81 -13.93
C PRO B 280 4.85 33.05 -13.36
N GLN B 281 4.97 32.72 -12.08
CA GLN B 281 6.18 32.91 -11.25
C GLN B 281 7.27 32.01 -11.81
N LEU B 282 8.46 32.55 -12.08
CA LEU B 282 9.58 31.68 -12.52
C LEU B 282 10.20 31.02 -11.28
N ALA B 283 10.38 29.68 -11.31
CA ALA B 283 10.66 28.89 -10.09
C ALA B 283 12.17 28.87 -9.82
N CYS B 284 12.97 29.36 -10.77
CA CYS B 284 14.44 29.20 -10.78
C CYS B 284 15.10 30.34 -11.55
N GLU B 285 16.41 30.51 -11.37
CA GLU B 285 17.27 31.46 -12.11
C GLU B 285 17.83 30.69 -13.31
N GLY B 286 18.23 31.40 -14.34
CA GLY B 286 19.03 30.82 -15.44
C GLY B 286 20.41 30.61 -14.93
N THR B 287 20.98 29.42 -15.11
CA THR B 287 22.33 29.06 -14.64
C THR B 287 23.11 28.49 -15.83
N LEU B 288 24.44 28.56 -15.76
CA LEU B 288 25.34 27.98 -16.78
C LEU B 288 25.32 26.45 -16.70
N LEU B 289 25.41 25.81 -17.88
CA LEU B 289 25.54 24.34 -18.00
C LEU B 289 26.79 23.88 -17.26
N GLU B 290 27.86 24.67 -17.35
CA GLU B 290 29.16 24.36 -16.73
C GLU B 290 29.05 24.44 -15.20
N ALA B 291 27.98 24.99 -14.63
CA ALA B 291 27.77 25.04 -13.16
C ALA B 291 26.93 23.85 -12.72
N MET B 292 26.41 23.08 -13.68
CA MET B 292 25.60 21.87 -13.38
C MET B 292 26.55 20.71 -13.07
N GLN B 293 26.26 19.96 -12.00
CA GLN B 293 27.05 18.76 -11.67
C GLN B 293 26.35 17.55 -12.27
N GLN B 294 27.08 16.77 -13.07
CA GLN B 294 26.63 15.40 -13.42
C GLN B 294 27.14 14.49 -12.32
N LEU B 295 26.23 13.75 -11.66
CA LEU B 295 26.61 12.71 -10.70
C LEU B 295 26.93 11.47 -11.53
N LYS B 296 28.13 10.92 -11.41
CA LYS B 296 28.49 9.71 -12.18
C LYS B 296 28.83 8.60 -11.19
N ALA B 297 28.33 7.42 -11.53
CA ALA B 297 28.67 6.14 -10.87
C ALA B 297 30.12 5.87 -11.22
N PRO B 298 31.03 5.79 -10.21
CA PRO B 298 32.40 5.38 -10.47
C PRO B 298 32.52 3.88 -10.72
N CYS B 299 31.49 3.08 -10.46
CA CYS B 299 31.52 1.61 -10.65
C CYS B 299 30.13 1.06 -10.93
N GLN B 300 30.04 -0.21 -11.28
CA GLN B 300 28.77 -0.91 -11.55
C GLN B 300 28.09 -1.23 -10.22
N GLY B 301 26.77 -1.31 -10.19
CA GLY B 301 25.99 -1.71 -8.99
C GLY B 301 24.60 -1.07 -8.91
N LEU B 302 23.85 -1.39 -7.85
CA LEU B 302 22.51 -0.82 -7.59
C LEU B 302 22.64 0.68 -7.34
N ILE B 303 21.74 1.48 -7.89
CA ILE B 303 21.72 2.93 -7.62
C ILE B 303 20.73 3.17 -6.49
N VAL B 304 21.26 3.55 -5.33
CA VAL B 304 20.45 3.80 -4.11
C VAL B 304 20.48 5.29 -3.84
N TYR B 305 19.36 5.98 -4.02
CA TYR B 305 19.26 7.43 -3.85
C TYR B 305 18.92 7.70 -2.40
N HIS B 306 19.53 8.74 -1.85
CA HIS B 306 19.27 9.22 -0.48
C HIS B 306 18.43 10.49 -0.55
N ASN B 307 18.27 11.05 -1.74
CA ASN B 307 17.52 12.30 -1.96
C ASN B 307 16.40 12.02 -2.97
N ARG B 308 15.26 12.65 -2.75
CA ARG B 308 14.09 12.58 -3.65
C ARG B 308 14.35 13.48 -4.85
N LEU B 309 13.65 13.19 -5.95
CA LEU B 309 13.67 14.06 -7.16
C LEU B 309 13.19 15.43 -6.72
N GLY B 310 13.97 16.49 -6.98
CA GLY B 310 13.55 17.87 -6.73
C GLY B 310 14.03 18.41 -5.39
N ASP B 311 14.61 17.58 -4.51
CA ASP B 311 15.28 17.98 -3.25
C ASP B 311 16.36 19.02 -3.55
N PHE B 312 16.43 20.06 -2.72
CA PHE B 312 17.58 20.98 -2.72
C PHE B 312 18.68 20.29 -1.91
N VAL B 313 19.88 20.19 -2.49
CA VAL B 313 21.02 19.50 -1.88
C VAL B 313 22.16 20.49 -1.70
N ARG B 314 22.99 20.25 -0.70
CA ARG B 314 24.15 21.12 -0.37
C ARG B 314 25.44 20.35 -0.69
N SER B 315 26.46 21.07 -1.15
CA SER B 315 27.84 20.56 -1.31
C SER B 315 28.20 19.71 -0.08
N GLY B 316 28.61 18.46 -0.31
CA GLY B 316 29.02 17.52 0.74
C GLY B 316 27.93 16.53 1.12
N ASP B 317 26.68 16.79 0.75
CA ASP B 317 25.56 15.85 1.06
C ASP B 317 25.77 14.54 0.29
N LYS B 318 25.53 13.41 0.97
CA LYS B 318 25.50 12.08 0.32
C LYS B 318 24.18 11.99 -0.44
N VAL B 319 24.22 11.95 -1.77
CA VAL B 319 23.01 12.05 -2.60
C VAL B 319 22.62 10.66 -3.08
N VAL B 320 23.62 9.87 -3.44
CA VAL B 320 23.38 8.54 -4.03
C VAL B 320 24.57 7.63 -3.71
N SER B 321 24.31 6.34 -3.56
CA SER B 321 25.33 5.28 -3.32
C SER B 321 25.22 4.22 -4.41
N ILE B 322 26.34 3.67 -4.85
CA ILE B 322 26.36 2.49 -5.77
C ILE B 322 26.65 1.26 -4.92
N VAL B 323 25.73 0.30 -4.92
CA VAL B 323 25.76 -0.86 -3.99
C VAL B 323 25.93 -2.11 -4.80
N ASP B 324 27.10 -2.74 -4.68
CA ASP B 324 27.40 -4.05 -5.29
C ASP B 324 26.81 -5.08 -4.35
N PRO B 325 25.75 -5.79 -4.75
CA PRO B 325 25.05 -6.68 -3.82
C PRO B 325 25.92 -7.88 -3.40
N ILE B 326 27.04 -8.11 -4.11
CA ILE B 326 28.03 -9.17 -3.74
C ILE B 326 29.39 -8.52 -3.50
N GLY B 327 29.40 -7.23 -3.17
CA GLY B 327 30.65 -6.48 -3.00
C GLY B 327 30.48 -5.30 -2.07
N GLU B 328 31.10 -4.18 -2.47
CA GLU B 328 31.26 -2.96 -1.63
C GLU B 328 30.23 -1.91 -2.06
N THR B 329 30.04 -0.91 -1.20
CA THR B 329 29.16 0.26 -1.45
C THR B 329 30.05 1.51 -1.62
N VAL B 330 29.73 2.39 -2.56
CA VAL B 330 30.48 3.65 -2.83
C VAL B 330 29.50 4.83 -2.73
N ASP B 331 29.80 5.80 -1.87
CA ASP B 331 28.97 7.00 -1.61
C ASP B 331 29.37 8.08 -2.61
N ILE B 332 28.38 8.76 -3.22
CA ILE B 332 28.59 9.86 -4.22
C ILE B 332 27.98 11.15 -3.67
N LEU B 333 28.77 12.23 -3.62
CA LEU B 333 28.36 13.48 -2.92
C LEU B 333 27.99 14.56 -3.93
N ALA B 334 27.13 15.50 -3.52
CA ALA B 334 26.95 16.80 -4.20
C ALA B 334 28.22 17.62 -4.02
N HIS B 335 28.73 18.26 -5.07
CA HIS B 335 29.93 19.12 -5.01
C HIS B 335 29.55 20.58 -5.23
N THR B 336 28.25 20.88 -5.21
CA THR B 336 27.67 22.23 -5.37
C THR B 336 26.28 22.29 -4.75
N ASP B 337 25.87 23.47 -4.32
CA ASP B 337 24.50 23.74 -3.80
C ASP B 337 23.57 23.89 -5.00
N GLY B 338 22.41 23.21 -4.98
CA GLY B 338 21.44 23.26 -6.08
C GLY B 338 20.35 22.21 -5.99
N VAL B 339 19.53 22.14 -7.02
CA VAL B 339 18.33 21.25 -7.02
C VAL B 339 18.68 19.98 -7.79
N LEU B 340 18.39 18.84 -7.18
CA LEU B 340 18.52 17.53 -7.84
C LEU B 340 17.34 17.37 -8.82
N PHE B 341 17.38 18.08 -9.93
CA PHE B 341 16.26 18.13 -10.92
C PHE B 341 16.19 16.86 -11.77
N ALA B 342 17.23 16.01 -11.79
CA ALA B 342 17.19 14.72 -12.50
C ALA B 342 17.91 13.65 -11.69
N ARG B 343 17.40 12.42 -11.79
CA ARG B 343 18.03 11.20 -11.24
C ARG B 343 18.17 10.21 -12.39
N HIS B 344 17.59 9.01 -12.28
CA HIS B 344 17.49 8.04 -13.40
C HIS B 344 16.41 7.01 -13.11
N SER B 345 15.78 6.50 -14.18
CA SER B 345 14.64 5.55 -14.13
C SER B 345 15.13 4.13 -13.86
N GLN B 346 16.30 3.77 -14.40
CA GLN B 346 16.83 2.39 -14.25
C GLN B 346 17.94 2.44 -13.19
N THR B 347 17.64 1.84 -12.03
CA THR B 347 18.41 2.00 -10.77
C THR B 347 19.49 0.92 -10.72
N TYR B 348 20.29 0.78 -11.78
CA TYR B 348 21.56 0.02 -11.81
C TYR B 348 22.57 0.76 -12.69
N ALA B 349 23.83 0.79 -12.28
CA ALA B 349 24.89 1.61 -12.91
C ALA B 349 25.90 0.74 -13.63
N TYR B 350 26.54 1.32 -14.63
CA TYR B 350 27.84 0.92 -15.22
C TYR B 350 28.78 2.08 -14.95
N PRO B 351 30.11 1.86 -14.96
CA PRO B 351 31.05 2.93 -14.66
C PRO B 351 30.85 4.13 -15.58
N ASN B 352 30.79 5.34 -14.99
CA ASN B 352 30.70 6.64 -15.69
C ASN B 352 29.27 6.91 -16.18
N LYS B 353 28.30 6.06 -15.81
CA LYS B 353 26.88 6.34 -16.04
C LYS B 353 26.50 7.63 -15.29
N VAL B 354 25.83 8.56 -15.98
CA VAL B 354 25.26 9.76 -15.29
C VAL B 354 23.97 9.31 -14.61
N ILE B 355 23.91 9.51 -13.29
CA ILE B 355 22.82 8.96 -12.44
C ILE B 355 22.11 10.11 -11.71
N GLY B 356 22.37 11.36 -12.10
CA GLY B 356 21.66 12.52 -11.51
C GLY B 356 22.28 13.83 -11.93
N LYS B 357 21.54 14.92 -11.75
CA LYS B 357 21.98 16.27 -12.17
C LYS B 357 21.56 17.29 -11.12
N ILE B 358 22.50 18.17 -10.75
CA ILE B 358 22.28 19.25 -9.75
C ILE B 358 22.54 20.58 -10.42
N ALA B 359 21.53 21.45 -10.43
CA ALA B 359 21.58 22.81 -11.05
C ALA B 359 22.19 23.78 -10.05
N GLY B 360 23.48 24.06 -10.18
CA GLY B 360 24.24 24.98 -9.30
C GLY B 360 24.50 26.29 -10.02
N LYS B 361 25.07 27.27 -9.33
CA LYS B 361 25.29 28.65 -9.85
C LYS B 361 26.79 28.87 -10.06
N GLU B 362 27.65 28.27 -9.22
CA GLU B 362 29.12 28.40 -9.32
C GLU B 362 29.62 27.44 -10.39
N PRO B 363 30.38 27.95 -11.40
CA PRO B 363 30.95 27.07 -12.43
C PRO B 363 31.88 26.01 -11.81
N LEU B 364 31.81 24.76 -12.29
CA LEU B 364 32.59 23.63 -11.72
C LEU B 364 33.84 23.39 -12.57
N PRO B 365 35.01 23.16 -11.94
CA PRO B 365 36.27 22.99 -12.66
C PRO B 365 36.30 21.92 -13.77
N GLU B 366 35.60 20.80 -13.55
CA GLU B 366 35.60 19.62 -14.46
C GLU B 366 34.68 19.85 -15.67
N ARG B 367 33.74 20.80 -15.61
CA ARG B 367 32.66 20.95 -16.64
C ARG B 367 33.13 21.87 -17.78
N LYS B 368 34.10 21.45 -18.60
CA LYS B 368 34.56 22.22 -19.80
C LYS B 368 34.50 21.34 -21.06
N GLY B 369 33.90 21.84 -22.15
CA GLY B 369 33.93 21.17 -23.47
C GLY B 369 32.85 20.12 -23.67
N PHE B 370 32.08 19.77 -22.63
CA PHE B 370 30.90 18.83 -22.67
C PHE B 370 31.13 17.75 -23.72
N THR C 1 16.01 -0.27 43.12
CA THR C 1 16.27 0.01 41.67
C THR C 1 15.27 1.04 41.13
N SER C 2 14.01 1.00 41.57
CA SER C 2 12.89 1.77 40.97
C SER C 2 11.98 2.29 42.07
N ALA C 3 11.75 3.61 42.10
CA ALA C 3 10.79 4.27 43.03
C ALA C 3 9.39 4.12 42.43
N CYS C 4 8.38 3.98 43.29
CA CYS C 4 6.98 3.79 42.86
C CYS C 4 6.11 4.71 43.71
N GLU C 5 5.40 5.63 43.06
CA GLU C 5 4.44 6.54 43.73
C GLU C 5 3.04 6.19 43.22
N ASN C 6 2.05 6.19 44.10
CA ASN C 6 0.64 5.95 43.71
C ASN C 6 -0.15 7.21 44.06
N PHE C 7 -0.25 8.13 43.10
CA PHE C 7 -0.94 9.42 43.27
C PHE C 7 -2.45 9.23 43.22
N LEU C 8 -3.13 9.66 44.27
CA LEU C 8 -4.56 9.40 44.51
C LEU C 8 -5.37 10.59 44.02
N LEU C 9 -6.31 10.32 43.12
CA LEU C 9 -7.27 11.32 42.59
C LEU C 9 -8.43 11.46 43.57
N PRO C 10 -9.15 12.60 43.57
CA PRO C 10 -10.37 12.74 44.36
C PRO C 10 -11.45 11.80 43.83
N ALA C 11 -12.42 11.47 44.66
CA ALA C 11 -13.55 10.58 44.32
C ALA C 11 -14.40 11.19 43.20
N ASP C 12 -14.85 10.37 42.24
CA ASP C 12 -15.72 10.75 41.09
C ASP C 12 -17.19 10.81 41.56
N GLN C 13 -18.15 10.87 40.63
CA GLN C 13 -19.61 11.02 40.93
C GLN C 13 -20.15 9.77 41.66
N ASP C 14 -19.46 8.63 41.56
CA ASP C 14 -19.87 7.33 42.17
C ASP C 14 -19.09 7.13 43.48
N GLY C 15 -18.33 8.14 43.92
CA GLY C 15 -17.49 8.12 45.13
C GLY C 15 -16.28 7.21 44.99
N ILE C 16 -15.77 7.01 43.77
CA ILE C 16 -14.61 6.10 43.54
C ILE C 16 -13.33 6.93 43.35
N GLN C 17 -12.30 6.62 44.14
CA GLN C 17 -10.97 7.26 44.05
C GLN C 17 -10.07 6.36 43.22
N ARG C 18 -9.36 6.93 42.25
CA ARG C 18 -8.47 6.18 41.34
C ARG C 18 -7.02 6.58 41.64
N GLN C 19 -6.05 5.75 41.25
CA GLN C 19 -4.62 6.10 41.38
C GLN C 19 -3.91 6.11 40.03
N VAL C 20 -2.93 7.00 39.92
CA VAL C 20 -1.91 7.00 38.84
C VAL C 20 -0.63 6.41 39.43
N THR C 21 -0.22 5.27 38.93
CA THR C 21 1.07 4.65 39.34
C THR C 21 2.19 5.27 38.50
N ILE C 22 3.19 5.84 39.17
CA ILE C 22 4.37 6.47 38.52
C ILE C 22 5.66 5.76 38.97
N PHE C 23 6.52 5.36 38.02
CA PHE C 23 7.82 4.71 38.31
C PHE C 23 8.97 5.66 37.99
N ARG C 24 10.03 5.67 38.79
CA ARG C 24 11.21 6.57 38.61
C ARG C 24 12.49 5.74 38.73
N TYR C 25 13.39 5.85 37.75
CA TYR C 25 14.54 4.92 37.62
C TYR C 25 15.88 5.57 37.99
N GLY C 26 15.91 6.87 38.25
CA GLY C 26 17.22 7.55 38.43
C GLY C 26 17.38 8.22 39.78
N GLN C 27 18.26 9.21 39.81
CA GLN C 27 18.48 10.12 40.97
C GLN C 27 17.51 11.30 40.85
N GLU C 28 16.73 11.59 41.88
CA GLU C 28 15.64 12.61 41.82
C GLU C 28 16.21 13.97 41.39
N ASN C 29 15.58 14.61 40.39
CA ASN C 29 15.91 15.96 39.87
C ASN C 29 17.32 15.99 39.27
N SER C 30 17.88 14.87 38.82
CA SER C 30 19.33 14.78 38.44
C SER C 30 19.54 14.84 36.93
N ALA C 31 20.70 15.37 36.53
CA ALA C 31 21.37 15.25 35.20
C ALA C 31 20.37 15.60 34.10
N PRO C 32 20.25 14.81 33.01
CA PRO C 32 19.06 14.90 32.15
C PRO C 32 17.83 14.23 32.77
N LYS C 33 16.63 14.77 32.51
CA LYS C 33 15.34 14.17 32.96
C LYS C 33 14.50 13.74 31.75
N ALA C 34 14.06 12.47 31.76
CA ALA C 34 13.17 11.88 30.74
C ALA C 34 11.82 11.57 31.38
N TYR C 35 10.75 11.77 30.61
CA TYR C 35 9.36 11.45 31.00
C TYR C 35 8.71 10.71 29.85
N LEU C 36 8.21 9.51 30.13
CA LEU C 36 7.48 8.66 29.16
C LEU C 36 6.16 8.24 29.82
N GLN C 37 5.04 8.55 29.17
CA GLN C 37 3.71 8.08 29.61
C GLN C 37 3.02 7.37 28.45
N ALA C 38 2.08 6.49 28.78
CA ALA C 38 1.23 5.80 27.82
C ALA C 38 -0.18 5.68 28.40
N GLY C 39 -1.18 5.64 27.50
CA GLY C 39 -2.56 5.33 27.87
C GLY C 39 -3.27 6.55 28.42
N LEU C 40 -2.87 7.75 27.99
CA LEU C 40 -3.64 8.97 28.32
C LEU C 40 -5.05 8.79 27.72
N HIS C 41 -5.12 8.33 26.48
CA HIS C 41 -6.33 7.74 25.91
C HIS C 41 -6.30 6.27 26.33
N ALA C 42 -7.19 5.85 27.24
CA ALA C 42 -7.10 4.56 27.95
C ALA C 42 -7.43 3.40 27.01
N ASP C 43 -7.89 3.66 25.79
CA ASP C 43 -8.21 2.58 24.82
C ASP C 43 -7.07 2.42 23.80
N GLU C 44 -5.91 3.07 24.06
CA GLU C 44 -4.73 3.00 23.17
C GLU C 44 -3.64 2.20 23.88
N PHE C 45 -3.43 0.95 23.44
CA PHE C 45 -2.74 -0.12 24.22
C PHE C 45 -1.25 -0.29 23.90
N PRO C 46 -0.75 -0.15 22.65
CA PRO C 46 0.63 -0.53 22.36
C PRO C 46 1.68 0.10 23.29
N GLY C 47 1.50 1.37 23.64
CA GLY C 47 2.37 2.12 24.58
C GLY C 47 2.37 1.52 25.97
N MET C 48 1.23 0.97 26.41
CA MET C 48 1.12 0.36 27.76
C MET C 48 2.10 -0.81 27.85
N LEU C 49 2.05 -1.71 26.87
CA LEU C 49 2.88 -2.95 26.86
C LEU C 49 4.33 -2.56 26.60
N ALA C 50 4.58 -1.58 25.74
CA ALA C 50 5.95 -1.12 25.42
C ALA C 50 6.62 -0.60 26.69
N LEU C 51 5.91 0.19 27.50
CA LEU C 51 6.52 0.74 28.74
C LEU C 51 6.68 -0.38 29.78
N LYS C 52 5.81 -1.40 29.81
CA LYS C 52 6.04 -2.57 30.70
C LYS C 52 7.41 -3.19 30.35
N TYR C 53 7.70 -3.41 29.08
CA TYR C 53 8.98 -4.02 28.65
C TYR C 53 10.13 -3.01 28.78
N LEU C 54 9.89 -1.71 28.62
CA LEU C 54 10.96 -0.69 28.83
C LEU C 54 11.38 -0.74 30.30
N ARG C 55 10.42 -0.91 31.20
CA ARG C 55 10.71 -1.09 32.64
C ARG C 55 11.64 -2.29 32.84
N ASP C 56 11.33 -3.44 32.22
CA ASP C 56 12.21 -4.64 32.33
C ASP C 56 13.65 -4.24 31.95
N LEU C 57 13.83 -3.49 30.86
CA LEU C 57 15.18 -3.06 30.37
C LEU C 57 15.83 -2.12 31.37
N LEU C 58 15.06 -1.19 31.93
CA LEU C 58 15.57 -0.19 32.91
C LEU C 58 15.86 -0.88 34.26
N ASP C 59 15.09 -1.89 34.65
CA ASP C 59 15.35 -2.66 35.90
C ASP C 59 16.78 -3.20 35.82
N GLU C 60 17.13 -3.76 34.65
CA GLU C 60 18.46 -4.36 34.37
C GLU C 60 19.50 -3.25 34.36
N ALA C 61 19.23 -2.12 33.70
CA ALA C 61 20.15 -0.97 33.64
C ALA C 61 20.40 -0.43 35.07
N ALA C 62 19.39 -0.42 35.92
CA ALA C 62 19.49 0.07 37.32
C ALA C 62 20.36 -0.90 38.12
N ARG C 63 20.13 -2.20 37.97
CA ARG C 63 20.91 -3.26 38.66
C ARG C 63 22.39 -3.12 38.27
N ARG C 64 22.68 -2.80 37.00
CA ARG C 64 24.07 -2.63 36.47
C ARG C 64 24.59 -1.21 36.82
N ASN C 65 23.79 -0.40 37.50
CA ASN C 65 24.12 0.97 37.96
C ASN C 65 24.46 1.88 36.76
N ARG C 66 23.66 1.86 35.69
CA ARG C 66 23.99 2.55 34.41
C ARG C 66 23.02 3.69 34.11
N ILE C 67 22.12 4.01 35.03
CA ILE C 67 21.16 5.15 34.85
C ILE C 67 21.87 6.45 35.20
N LYS C 68 21.94 7.38 34.26
CA LYS C 68 22.73 8.64 34.39
C LYS C 68 21.84 9.74 34.95
N GLY C 69 20.58 9.81 34.53
CA GLY C 69 19.67 10.91 34.88
C GLY C 69 18.53 10.46 35.77
N GLU C 70 17.35 11.07 35.61
CA GLU C 70 16.05 10.60 36.15
C GLU C 70 15.15 10.23 34.98
N ILE C 71 14.69 8.96 34.92
CA ILE C 71 13.72 8.51 33.90
C ILE C 71 12.38 8.21 34.58
N VAL C 72 11.32 8.90 34.17
CA VAL C 72 9.95 8.74 34.73
C VAL C 72 9.08 7.95 33.75
N ILE C 73 8.49 6.84 34.20
CA ILE C 73 7.67 5.92 33.36
C ILE C 73 6.26 5.82 33.94
N ILE C 74 5.23 6.13 33.16
CA ILE C 74 3.79 5.94 33.53
C ILE C 74 3.08 5.11 32.46
N PRO C 75 3.05 3.78 32.60
CA PRO C 75 2.44 2.90 31.60
C PRO C 75 0.93 3.09 31.42
N GLN C 76 0.23 3.54 32.46
CA GLN C 76 -1.23 3.81 32.37
C GLN C 76 -1.52 5.17 33.00
N ALA C 77 -1.39 6.23 32.21
CA ALA C 77 -1.45 7.64 32.66
C ALA C 77 -2.89 8.04 32.98
N ASN C 78 -3.86 7.19 32.65
CA ASN C 78 -5.27 7.61 32.75
C ASN C 78 -6.13 6.46 33.26
N PRO C 79 -6.19 6.31 34.60
CA PRO C 79 -7.02 5.31 35.24
C PRO C 79 -8.52 5.65 35.25
N ILE C 80 -8.87 6.87 34.85
CA ILE C 80 -10.30 7.29 34.75
C ILE C 80 -10.88 6.63 33.49
N GLY C 81 -10.27 6.91 32.35
CA GLY C 81 -10.64 6.31 31.06
C GLY C 81 -10.61 4.80 31.11
N LEU C 82 -9.65 4.23 31.84
CA LEU C 82 -9.41 2.78 31.87
C LEU C 82 -10.59 2.04 32.51
N SER C 83 -11.46 2.74 33.24
CA SER C 83 -12.63 2.16 33.94
C SER C 83 -13.89 2.30 33.09
N GLN C 84 -13.82 3.07 32.00
CA GLN C 84 -15.02 3.50 31.24
C GLN C 84 -15.43 2.42 30.23
N TRP C 85 -16.03 1.33 30.74
CA TRP C 85 -16.63 0.27 29.90
C TRP C 85 -18.09 0.62 29.57
N LYS C 86 -18.50 0.42 28.33
CA LYS C 86 -19.91 0.53 27.91
C LYS C 86 -20.25 -0.65 26.99
N ASP C 87 -21.20 -1.49 27.43
CA ASP C 87 -21.69 -2.64 26.65
C ASP C 87 -20.50 -3.51 26.27
N GLY C 88 -19.51 -3.62 27.18
CA GLY C 88 -18.35 -4.52 27.07
C GLY C 88 -17.22 -3.98 26.21
N PHE C 89 -17.28 -2.70 25.85
N PHE C 89 -17.27 -2.69 25.84
CA PHE C 89 -16.21 -2.01 25.08
CA PHE C 89 -16.22 -2.01 25.07
C PHE C 89 -15.63 -0.88 25.91
C PHE C 89 -15.62 -0.87 25.90
N LEU C 90 -14.31 -0.68 25.81
CA LEU C 90 -13.61 0.35 26.61
C LEU C 90 -13.57 1.62 25.75
N LEU C 91 -14.22 2.68 26.25
CA LEU C 91 -14.24 4.01 25.61
C LEU C 91 -13.36 4.92 26.44
N GLY C 92 -12.12 5.11 26.00
CA GLY C 92 -11.05 5.72 26.83
C GLY C 92 -10.63 7.07 26.34
N ARG C 93 -11.32 7.63 25.35
CA ARG C 93 -10.88 8.87 24.68
C ARG C 93 -11.46 10.10 25.38
N PHE C 94 -12.70 10.03 25.86
CA PHE C 94 -13.43 11.16 26.48
C PHE C 94 -13.79 10.82 27.91
N ASP C 95 -13.80 11.84 28.76
CA ASP C 95 -14.15 11.75 30.20
C ASP C 95 -15.67 11.69 30.32
N HIS C 96 -16.21 10.64 30.93
CA HIS C 96 -17.68 10.38 30.98
C HIS C 96 -18.32 11.52 31.77
N GLN C 97 -17.66 11.97 32.85
CA GLN C 97 -18.16 12.97 33.82
C GLN C 97 -18.28 14.35 33.14
N THR C 98 -17.31 14.80 32.35
CA THR C 98 -17.25 16.18 31.77
C THR C 98 -17.60 16.14 30.27
N GLY C 99 -17.45 15.03 29.59
CA GLY C 99 -17.58 14.94 28.12
C GLY C 99 -16.31 15.40 27.39
N THR C 100 -15.29 15.89 28.12
CA THR C 100 -14.05 16.47 27.52
C THR C 100 -13.06 15.38 27.11
N ASN C 101 -12.21 15.68 26.15
CA ASN C 101 -11.11 14.82 25.66
C ASN C 101 -10.00 14.80 26.74
N PHE C 102 -9.48 13.63 27.04
CA PHE C 102 -8.41 13.46 28.06
C PHE C 102 -7.12 14.17 27.64
N ASN C 103 -6.91 14.40 26.34
CA ASN C 103 -5.66 15.01 25.83
C ASN C 103 -5.97 16.41 25.35
N ARG C 104 -6.80 17.15 26.11
CA ARG C 104 -7.15 18.57 25.85
C ARG C 104 -7.16 19.31 27.19
N ASP C 105 -7.13 20.65 27.12
CA ASP C 105 -7.31 21.58 28.26
C ASP C 105 -6.18 21.40 29.28
N TYR C 106 -4.94 21.28 28.81
CA TYR C 106 -3.74 21.35 29.69
C TYR C 106 -3.39 22.82 29.93
N PRO C 107 -2.71 23.15 31.05
CA PRO C 107 -2.21 24.49 31.35
C PRO C 107 -1.29 25.13 30.29
N ASP C 108 -1.45 26.44 30.05
CA ASP C 108 -0.52 27.27 29.26
C ASP C 108 0.56 27.79 30.21
N LEU C 109 1.74 27.18 30.20
CA LEU C 109 2.82 27.51 31.18
C LEU C 109 3.54 28.79 30.75
N CYS C 110 3.28 29.31 29.54
CA CYS C 110 3.75 30.67 29.16
C CYS C 110 2.88 31.70 29.89
N GLN C 111 1.57 31.66 29.69
CA GLN C 111 0.59 32.56 30.37
C GLN C 111 0.84 32.55 31.88
N LEU C 112 1.18 31.40 32.47
CA LEU C 112 1.27 31.24 33.95
C LEU C 112 2.63 31.72 34.49
N THR C 113 3.63 31.97 33.63
CA THR C 113 5.01 32.30 34.08
C THR C 113 5.50 33.66 33.56
N VAL C 114 4.88 34.25 32.51
CA VAL C 114 5.37 35.51 31.89
C VAL C 114 5.45 36.61 32.96
N GLU C 115 4.43 36.69 33.83
CA GLU C 115 4.34 37.65 34.96
C GLU C 115 5.56 37.47 35.87
N LYS C 116 5.76 36.24 36.35
CA LYS C 116 6.80 35.89 37.35
C LYS C 116 8.21 36.12 36.81
N LEU C 117 8.44 35.90 35.50
CA LEU C 117 9.77 35.91 34.84
C LEU C 117 10.24 37.35 34.53
N ASP C 118 9.36 38.35 34.74
CA ASP C 118 9.61 39.80 34.43
C ASP C 118 11.07 40.19 34.75
N GLY C 119 11.57 39.89 35.95
CA GLY C 119 12.89 40.40 36.36
C GLY C 119 13.91 39.29 36.57
N GLN C 120 13.72 38.08 36.04
CA GLN C 120 14.53 36.91 36.46
CA GLN C 120 14.53 36.91 36.47
C GLN C 120 15.47 36.40 35.35
N LEU C 121 15.30 36.87 34.12
CA LEU C 121 16.05 36.30 32.96
C LEU C 121 17.37 37.07 32.78
N THR C 122 18.40 36.38 32.30
CA THR C 122 19.76 36.92 32.06
C THR C 122 20.29 36.46 30.70
N GLU C 123 21.55 36.80 30.38
CA GLU C 123 22.20 36.49 29.08
C GLU C 123 22.68 35.03 29.05
N ASN C 124 22.61 34.34 30.19
CA ASN C 124 23.04 32.92 30.32
C ASN C 124 21.86 31.98 30.07
N ALA C 125 21.87 31.26 28.93
CA ALA C 125 20.78 30.35 28.49
C ALA C 125 20.51 29.28 29.54
N GLU C 126 21.57 28.68 30.08
CA GLU C 126 21.48 27.50 30.98
C GLU C 126 20.80 28.00 32.27
N HIS C 127 21.16 29.20 32.74
CA HIS C 127 20.53 29.86 33.91
C HIS C 127 19.03 30.05 33.64
N ASN C 128 18.70 30.61 32.47
CA ASN C 128 17.28 30.85 32.09
C ASN C 128 16.50 29.54 32.13
N ILE C 129 17.08 28.43 31.67
CA ILE C 129 16.40 27.09 31.67
C ILE C 129 16.03 26.72 33.12
N ASP C 130 16.99 26.83 34.05
CA ASP C 130 16.79 26.46 35.47
C ASP C 130 15.75 27.40 36.11
N VAL C 131 15.83 28.69 35.80
CA VAL C 131 14.90 29.74 36.33
C VAL C 131 13.47 29.44 35.83
N ILE C 132 13.32 29.18 34.53
CA ILE C 132 11.99 28.98 33.88
C ILE C 132 11.38 27.70 34.45
N ARG C 133 12.17 26.63 34.58
CA ARG C 133 11.67 25.33 35.11
C ARG C 133 11.22 25.51 36.57
N LYS C 134 12.00 26.23 37.39
CA LYS C 134 11.63 26.48 38.80
C LYS C 134 10.34 27.29 38.85
N THR C 135 10.25 28.33 38.00
CA THR C 135 9.05 29.21 37.90
C THR C 135 7.81 28.38 37.50
N MET C 136 7.96 27.48 36.52
CA MET C 136 6.85 26.59 36.04
C MET C 136 6.34 25.75 37.21
N ARG C 137 7.25 25.13 37.99
CA ARG C 137 6.88 24.28 39.15
C ARG C 137 6.11 25.11 40.17
N SER C 138 6.58 26.34 40.47
CA SER C 138 5.92 27.28 41.41
C SER C 138 4.51 27.61 40.91
N ALA C 139 4.40 28.00 39.64
CA ALA C 139 3.13 28.40 39.00
C ALA C 139 2.10 27.27 39.14
N LEU C 140 2.53 26.02 38.94
CA LEU C 140 1.64 24.83 39.01
C LEU C 140 1.27 24.56 40.47
N SER C 141 2.20 24.76 41.41
CA SER C 141 1.94 24.59 42.87
C SER C 141 0.75 25.47 43.30
N GLU C 142 0.63 26.65 42.71
CA GLU C 142 -0.40 27.67 43.07
C GLU C 142 -1.78 27.26 42.57
N LEU C 143 -1.88 26.35 41.59
CA LEU C 143 -3.17 25.94 40.97
C LEU C 143 -3.87 24.92 41.85
N LYS C 144 -5.21 25.02 41.94
CA LYS C 144 -6.05 24.14 42.79
C LYS C 144 -7.19 23.58 41.95
N PRO C 145 -6.94 22.55 41.12
CA PRO C 145 -8.02 21.82 40.43
C PRO C 145 -8.86 20.96 41.40
N GLU C 146 -10.15 20.77 41.10
CA GLU C 146 -11.11 20.04 42.00
C GLU C 146 -11.56 18.71 41.36
N GLN C 147 -11.90 18.71 40.05
CA GLN C 147 -12.41 17.51 39.35
C GLN C 147 -11.27 16.53 39.10
N ALA C 148 -11.54 15.23 39.29
CA ALA C 148 -10.56 14.14 39.17
C ALA C 148 -9.73 14.32 37.88
N VAL C 149 -10.39 14.64 36.77
CA VAL C 149 -9.74 14.68 35.42
C VAL C 149 -8.78 15.87 35.37
N ASP C 150 -9.11 16.98 36.04
CA ASP C 150 -8.29 18.22 36.06
C ASP C 150 -7.09 17.99 36.98
N VAL C 151 -7.31 17.27 38.07
CA VAL C 151 -6.23 16.92 39.05
C VAL C 151 -5.24 15.98 38.36
N LEU C 152 -5.78 15.06 37.55
CA LEU C 152 -4.94 14.08 36.79
C LEU C 152 -4.06 14.87 35.80
N ARG C 153 -4.67 15.73 34.99
CA ARG C 153 -3.94 16.53 33.96
C ARG C 153 -2.84 17.34 34.70
N HIS C 154 -3.19 17.96 35.85
CA HIS C 154 -2.30 18.80 36.68
C HIS C 154 -1.07 18.00 37.10
N LYS C 155 -1.28 16.81 37.67
CA LYS C 155 -0.18 15.95 38.15
C LYS C 155 0.75 15.61 36.97
N LEU C 156 0.19 15.22 35.83
CA LEU C 156 0.99 14.72 34.67
C LEU C 156 1.90 15.85 34.16
N ILE C 157 1.39 17.08 34.08
CA ILE C 157 2.20 18.24 33.56
C ILE C 157 3.21 18.64 34.65
N SER C 158 2.82 18.59 35.92
CA SER C 158 3.71 18.91 37.08
C SER C 158 4.95 18.02 37.04
N GLU C 159 4.80 16.76 36.62
CA GLU C 159 5.89 15.76 36.66
C GLU C 159 6.63 15.72 35.32
N SER C 160 6.25 16.52 34.32
CA SER C 160 6.84 16.46 32.94
C SER C 160 7.37 17.81 32.46
N CYS C 161 6.86 18.94 32.95
CA CYS C 161 7.14 20.31 32.40
C CYS C 161 8.65 20.61 32.42
N ASP C 162 9.37 20.04 33.38
CA ASP C 162 10.79 20.37 33.67
C ASP C 162 11.70 19.29 33.08
N ALA C 163 11.19 18.40 32.22
CA ALA C 163 11.96 17.29 31.63
C ALA C 163 12.68 17.84 30.40
N ASP C 164 13.78 17.17 30.00
CA ASP C 164 14.54 17.47 28.77
C ASP C 164 13.89 16.71 27.60
N LEU C 165 13.38 15.50 27.89
CA LEU C 165 12.76 14.59 26.89
C LEU C 165 11.39 14.13 27.38
N VAL C 166 10.34 14.34 26.59
CA VAL C 166 8.95 13.93 26.92
C VAL C 166 8.38 13.16 25.74
N LEU C 167 8.07 11.88 25.94
CA LEU C 167 7.39 11.06 24.93
C LEU C 167 6.01 10.67 25.47
N ASP C 168 4.95 11.23 24.86
CA ASP C 168 3.54 10.82 25.10
C ASP C 168 3.20 9.71 24.10
N LEU C 169 3.01 8.48 24.60
CA LEU C 169 2.78 7.29 23.77
C LEU C 169 1.28 7.08 23.56
N HIS C 170 0.87 7.12 22.30
CA HIS C 170 -0.53 7.04 21.84
C HIS C 170 -0.67 5.97 20.76
N ALA C 171 -1.87 5.85 20.18
CA ALA C 171 -2.21 5.00 19.03
C ALA C 171 -3.37 5.64 18.30
N ASP C 172 -3.68 5.18 17.09
CA ASP C 172 -4.87 5.62 16.34
C ASP C 172 -5.72 4.37 16.11
N ASN C 173 -6.93 4.52 15.58
CA ASN C 173 -7.88 3.39 15.52
C ASN C 173 -7.31 2.32 14.58
N GLN C 174 -6.75 2.73 13.44
CA GLN C 174 -5.97 1.82 12.56
C GLN C 174 -4.91 2.67 11.89
N ALA C 175 -3.65 2.53 12.29
CA ALA C 175 -2.58 3.44 11.80
C ALA C 175 -1.20 2.77 11.83
N GLN C 176 -0.33 3.28 10.96
CA GLN C 176 1.13 3.02 11.00
C GLN C 176 1.70 3.87 12.11
N CYS C 177 2.84 3.44 12.65
CA CYS C 177 3.63 4.27 13.58
C CYS C 177 3.86 5.64 12.93
N HIS C 178 3.51 6.70 13.66
CA HIS C 178 3.75 8.10 13.24
C HIS C 178 3.98 8.97 14.48
N MET C 179 4.42 10.20 14.24
CA MET C 179 4.89 11.13 15.30
C MET C 179 4.31 12.52 15.06
N TYR C 180 3.97 13.22 16.14
CA TYR C 180 3.63 14.66 16.15
C TYR C 180 4.65 15.38 17.03
N THR C 181 5.13 16.55 16.59
CA THR C 181 5.94 17.42 17.46
C THR C 181 5.72 18.89 17.07
N LEU C 182 6.29 19.76 17.90
CA LEU C 182 6.31 21.22 17.68
C LEU C 182 7.18 21.52 16.45
N THR C 183 6.69 22.35 15.53
CA THR C 183 7.38 22.66 14.24
C THR C 183 8.86 22.95 14.47
N PRO C 184 9.25 23.89 15.37
CA PRO C 184 10.67 24.20 15.56
C PRO C 184 11.54 23.13 16.22
N LEU C 185 10.96 22.02 16.71
CA LEU C 185 11.73 20.86 17.26
C LEU C 185 12.09 19.89 16.14
N TRP C 186 11.78 20.26 14.91
CA TRP C 186 12.23 19.51 13.71
C TRP C 186 13.35 20.31 13.05
N PRO C 187 14.52 19.77 12.66
CA PRO C 187 14.86 18.35 12.72
C PRO C 187 15.52 17.84 14.00
N ALA C 188 15.45 18.62 15.09
CA ALA C 188 16.09 18.30 16.39
C ALA C 188 15.70 16.89 16.84
N MET C 189 14.47 16.44 16.59
CA MET C 189 13.99 15.12 17.05
C MET C 189 13.97 14.10 15.90
N HIS C 190 14.85 14.27 14.90
CA HIS C 190 15.05 13.32 13.76
C HIS C 190 15.44 11.95 14.31
N ASP C 191 16.35 11.91 15.29
CA ASP C 191 16.91 10.66 15.86
C ASP C 191 15.77 9.85 16.49
N VAL C 192 14.87 10.51 17.22
CA VAL C 192 13.78 9.77 17.93
C VAL C 192 12.78 9.24 16.89
N ALA C 193 12.46 10.02 15.87
CA ALA C 193 11.54 9.62 14.78
C ALA C 193 12.14 8.39 14.05
N ALA C 194 13.46 8.40 13.83
CA ALA C 194 14.16 7.32 13.10
C ALA C 194 14.13 6.04 13.94
N GLU C 195 14.43 6.14 15.24
CA GLU C 195 14.53 4.95 16.13
C GLU C 195 13.18 4.24 16.22
N ILE C 196 12.07 4.98 16.29
CA ILE C 196 10.70 4.41 16.46
C ILE C 196 10.09 4.04 15.09
N ASP C 197 10.76 4.35 13.99
CA ASP C 197 10.36 4.00 12.59
C ASP C 197 9.02 4.68 12.28
N ALA C 198 8.94 5.99 12.54
CA ALA C 198 7.76 6.81 12.15
C ALA C 198 7.63 6.79 10.62
N ARG C 199 6.41 6.68 10.12
CA ARG C 199 6.11 6.66 8.67
C ARG C 199 5.44 7.98 8.30
N ALA C 200 5.30 8.86 9.30
CA ALA C 200 4.85 10.25 9.13
C ALA C 200 5.32 11.05 10.35
N VAL C 201 5.81 12.26 10.10
CA VAL C 201 6.13 13.22 11.19
C VAL C 201 5.33 14.50 10.90
N LEU C 202 4.40 14.85 11.78
CA LEU C 202 3.44 15.96 11.54
C LEU C 202 3.75 17.12 12.48
N LEU C 203 3.96 18.30 11.91
CA LEU C 203 4.51 19.50 12.60
C LEU C 203 3.42 20.58 12.75
N ALA C 204 3.31 21.16 13.94
CA ALA C 204 2.42 22.31 14.24
C ALA C 204 3.00 23.12 15.39
N GLU C 205 2.69 24.42 15.43
CA GLU C 205 3.08 25.29 16.57
C GLU C 205 1.95 25.23 17.59
N GLU C 206 0.70 25.21 17.11
CA GLU C 206 -0.51 25.11 17.97
C GLU C 206 -1.54 24.27 17.22
N SER C 207 -2.06 23.22 17.85
CA SER C 207 -2.97 22.23 17.24
C SER C 207 -4.40 22.50 17.71
N GLY C 208 -4.98 21.62 18.55
CA GLY C 208 -6.31 21.81 19.13
C GLY C 208 -6.26 22.56 20.46
N GLY C 209 -7.26 22.30 21.30
CA GLY C 209 -7.43 22.87 22.65
C GLY C 209 -6.41 22.33 23.64
N HIS C 210 -5.16 22.76 23.51
CA HIS C 210 -4.10 22.62 24.54
C HIS C 210 -3.84 21.15 24.87
N PRO C 211 -3.30 20.36 23.93
CA PRO C 211 -2.92 18.97 24.20
C PRO C 211 -1.62 18.85 25.02
N PHE C 212 -1.35 17.68 25.58
CA PHE C 212 -0.25 17.38 26.54
C PHE C 212 1.13 17.65 25.93
N ASP C 213 1.43 17.14 24.73
CA ASP C 213 2.78 17.27 24.12
C ASP C 213 3.11 18.76 23.93
N GLU C 214 2.15 19.52 23.40
CA GLU C 214 2.31 20.98 23.18
C GLU C 214 2.40 21.69 24.54
N ALA C 215 1.63 21.25 25.53
CA ALA C 215 1.68 21.81 26.90
C ALA C 215 3.12 21.75 27.43
N CYS C 216 3.88 20.72 27.07
CA CYS C 216 5.28 20.52 27.52
C CYS C 216 6.26 21.37 26.71
N SER C 217 6.14 21.41 25.37
CA SER C 217 7.20 22.00 24.49
C SER C 217 6.86 23.44 24.07
N ALA C 218 5.58 23.80 23.92
CA ALA C 218 5.13 25.11 23.36
C ALA C 218 5.58 26.26 24.25
N PRO C 219 5.53 26.16 25.60
CA PRO C 219 5.89 27.27 26.47
C PRO C 219 7.28 27.88 26.18
N TRP C 220 8.25 27.05 25.80
CA TRP C 220 9.65 27.48 25.50
C TRP C 220 9.65 28.35 24.24
N MET C 221 8.86 27.97 23.24
CA MET C 221 8.66 28.71 21.97
C MET C 221 7.97 30.04 22.27
N ASN C 222 6.90 30.01 23.07
CA ASN C 222 6.06 31.20 23.35
C ASN C 222 6.82 32.16 24.28
N LEU C 223 7.59 31.64 25.25
CA LEU C 223 8.41 32.48 26.16
C LEU C 223 9.54 33.15 25.36
N SER C 224 10.19 32.42 24.45
CA SER C 224 11.24 32.95 23.55
C SER C 224 10.69 34.18 22.81
N ARG C 225 9.45 34.10 22.32
CA ARG C 225 8.76 35.19 21.58
C ARG C 225 8.36 36.31 22.55
N ALA C 226 7.93 35.98 23.77
CA ALA C 226 7.54 36.95 24.83
C ALA C 226 8.77 37.76 25.27
N PHE C 227 9.95 37.14 25.32
CA PHE C 227 11.21 37.74 25.85
C PHE C 227 12.31 37.59 24.81
N PRO C 228 12.21 38.26 23.64
CA PRO C 228 13.18 38.08 22.55
C PRO C 228 14.57 38.63 22.87
N ASP C 229 14.66 39.33 24.01
CA ASP C 229 15.83 40.04 24.57
C ASP C 229 16.74 39.03 25.28
N TYR C 230 16.27 37.78 25.47
CA TYR C 230 17.00 36.76 26.28
C TYR C 230 17.08 35.43 25.51
N PRO C 231 18.18 34.66 25.71
CA PRO C 231 18.27 33.30 25.14
C PRO C 231 17.37 32.31 25.90
N ILE C 232 16.29 31.88 25.26
CA ILE C 232 15.35 30.84 25.78
C ILE C 232 15.29 29.71 24.76
N PRO C 233 16.11 28.65 24.94
CA PRO C 233 16.12 27.52 24.02
C PRO C 233 14.89 26.63 24.24
N LEU C 234 14.58 25.77 23.27
CA LEU C 234 13.45 24.82 23.38
C LEU C 234 13.88 23.65 24.28
N ALA C 235 13.96 23.93 25.58
CA ALA C 235 14.61 23.08 26.60
C ALA C 235 13.89 21.74 26.75
N CYS C 236 12.56 21.74 26.60
CA CYS C 236 11.72 20.52 26.70
C CYS C 236 11.36 20.03 25.30
N GLN C 237 11.98 18.91 24.90
CA GLN C 237 11.76 18.29 23.57
C GLN C 237 10.70 17.21 23.73
N SER C 238 9.44 17.55 23.41
CA SER C 238 8.27 16.65 23.52
C SER C 238 7.85 16.20 22.13
N ALA C 239 7.28 15.00 22.06
CA ALA C 239 6.63 14.44 20.86
C ALA C 239 5.50 13.50 21.32
N THR C 240 4.48 13.37 20.49
CA THR C 240 3.48 12.26 20.57
C THR C 240 3.92 11.15 19.61
N PHE C 241 4.06 9.93 20.12
CA PHE C 241 4.23 8.75 19.24
C PHE C 241 2.89 8.00 19.13
N GLU C 242 2.33 7.94 17.93
CA GLU C 242 1.23 7.00 17.65
C GLU C 242 1.91 5.69 17.26
N LEU C 243 1.97 4.72 18.17
CA LEU C 243 2.86 3.53 18.02
C LEU C 243 2.22 2.51 17.09
N GLY C 244 0.97 2.69 16.72
CA GLY C 244 0.25 1.74 15.84
C GLY C 244 -1.25 1.87 16.02
N SER C 245 -1.96 0.77 15.81
CA SER C 245 -3.43 0.72 15.97
C SER C 245 -3.75 0.59 17.46
N ASN C 246 -4.91 1.09 17.89
CA ASN C 246 -5.36 1.11 19.31
C ASN C 246 -5.19 -0.27 19.91
N ASP C 247 -5.51 -1.33 19.17
CA ASP C 247 -5.60 -2.70 19.73
C ASP C 247 -4.40 -3.53 19.28
N GLU C 248 -3.33 -2.89 18.81
CA GLU C 248 -2.12 -3.61 18.30
C GLU C 248 -1.24 -4.03 19.49
N VAL C 249 -1.65 -5.08 20.16
CA VAL C 249 -0.96 -5.66 21.35
C VAL C 249 -0.28 -6.95 20.91
N ASP C 250 1.02 -6.85 20.70
CA ASP C 250 1.87 -7.96 20.18
C ASP C 250 3.17 -7.93 21.00
N LEU C 251 3.59 -9.10 21.47
CA LEU C 251 4.82 -9.28 22.27
C LEU C 251 6.02 -8.74 21.48
N ARG C 252 6.20 -9.16 20.24
CA ARG C 252 7.35 -8.79 19.37
C ARG C 252 7.35 -7.27 19.23
N LEU C 253 6.22 -6.66 18.89
CA LEU C 253 6.14 -5.21 18.60
C LEU C 253 6.47 -4.43 19.87
N ALA C 254 5.86 -4.77 20.99
CA ALA C 254 6.07 -4.05 22.27
C ALA C 254 7.55 -4.14 22.67
N GLN C 255 8.18 -5.30 22.48
CA GLN C 255 9.62 -5.52 22.77
C GLN C 255 10.47 -4.66 21.84
N ASP C 256 10.15 -4.64 20.55
CA ASP C 256 10.88 -3.82 19.54
C ASP C 256 10.77 -2.33 19.90
N GLN C 257 9.58 -1.88 20.34
CA GLN C 257 9.29 -0.47 20.69
C GLN C 257 10.03 -0.14 21.98
N ALA C 258 10.01 -1.03 22.96
CA ALA C 258 10.76 -0.88 24.23
C ALA C 258 12.26 -0.73 23.91
N GLU C 259 12.81 -1.57 23.01
CA GLU C 259 14.24 -1.55 22.65
C GLU C 259 14.54 -0.20 21.99
N ALA C 260 13.66 0.28 21.11
CA ALA C 260 13.82 1.58 20.41
C ALA C 260 13.83 2.72 21.44
N LEU C 261 12.90 2.70 22.39
CA LEU C 261 12.80 3.74 23.46
C LEU C 261 14.09 3.74 24.29
N PHE C 262 14.61 2.54 24.60
CA PHE C 262 15.88 2.36 25.34
C PHE C 262 17.02 3.01 24.54
N ARG C 263 17.10 2.74 23.23
CA ARG C 263 18.14 3.31 22.33
C ARG C 263 18.03 4.85 22.33
N ILE C 264 16.81 5.39 22.36
CA ILE C 264 16.55 6.85 22.42
C ILE C 264 17.13 7.38 23.72
N LEU C 265 16.87 6.70 24.83
CA LEU C 265 17.38 7.08 26.17
C LEU C 265 18.91 7.07 26.15
N ILE C 266 19.53 6.06 25.53
CA ILE C 266 21.03 5.98 25.43
C ILE C 266 21.52 7.21 24.66
N ARG C 267 20.95 7.45 23.48
CA ARG C 267 21.38 8.55 22.56
C ARG C 267 21.31 9.90 23.27
N ARG C 268 20.39 10.07 24.22
CA ARG C 268 20.17 11.38 24.87
C ARG C 268 20.77 11.40 26.28
N GLY C 269 21.65 10.43 26.59
CA GLY C 269 22.57 10.47 27.75
C GLY C 269 21.92 10.03 29.05
N PHE C 270 21.03 9.05 29.01
CA PHE C 270 20.36 8.50 30.22
C PHE C 270 20.98 7.17 30.60
N ILE C 271 21.73 6.54 29.72
CA ILE C 271 22.29 5.18 29.96
C ILE C 271 23.77 5.18 29.61
N GLU C 272 24.66 4.69 30.50
CA GLU C 272 26.12 4.66 30.19
C GLU C 272 26.58 3.22 29.98
N ASP C 273 27.79 3.06 29.43
CA ASP C 273 28.47 1.76 29.15
C ASP C 273 27.65 0.96 28.12
N VAL C 274 26.93 1.64 27.22
CA VAL C 274 26.16 0.96 26.14
C VAL C 274 26.42 1.68 24.82
N HIS C 275 26.76 0.92 23.78
CA HIS C 275 26.95 1.39 22.38
C HIS C 275 25.60 1.37 21.64
N VAL C 276 25.30 2.43 20.89
CA VAL C 276 24.01 2.58 20.17
C VAL C 276 24.13 2.12 18.73
N GLY C 277 25.21 2.54 18.05
CA GLY C 277 25.45 2.20 16.64
C GLY C 277 24.85 3.23 15.71
N GLU C 278 24.76 2.87 14.44
CA GLU C 278 24.29 3.77 13.36
C GLU C 278 22.80 4.05 13.53
N LEU C 279 22.40 5.32 13.33
CA LEU C 279 20.98 5.74 13.37
C LEU C 279 20.24 5.10 12.20
N PRO C 280 19.03 4.52 12.42
CA PRO C 280 18.28 3.93 11.33
C PRO C 280 17.82 5.02 10.36
N GLN C 281 17.53 4.60 9.13
CA GLN C 281 16.94 5.43 8.05
C GLN C 281 15.54 5.86 8.49
N LEU C 282 15.25 7.15 8.45
CA LEU C 282 13.87 7.66 8.62
C LEU C 282 13.12 7.45 7.30
N ALA C 283 11.93 6.87 7.35
CA ALA C 283 11.20 6.39 6.16
C ALA C 283 10.28 7.47 5.58
N CYS C 284 10.35 8.70 6.12
CA CYS C 284 9.49 9.83 5.71
C CYS C 284 10.17 11.18 5.97
N GLU C 285 9.68 12.25 5.36
CA GLU C 285 10.10 13.65 5.66
C GLU C 285 9.13 14.22 6.68
N GLY C 286 9.60 15.19 7.49
CA GLY C 286 8.71 16.00 8.33
C GLY C 286 7.80 16.84 7.46
N THR C 287 6.50 16.84 7.72
CA THR C 287 5.49 17.62 6.98
C THR C 287 4.65 18.43 7.97
N LEU C 288 4.02 19.51 7.51
CA LEU C 288 3.06 20.32 8.31
C LEU C 288 1.75 19.56 8.52
N LEU C 289 1.18 19.70 9.72
CA LEU C 289 -0.13 19.13 10.10
C LEU C 289 -1.18 19.69 9.15
N GLU C 290 -1.06 20.97 8.81
CA GLU C 290 -2.05 21.66 7.93
C GLU C 290 -1.98 21.09 6.51
N ALA C 291 -0.92 20.33 6.16
CA ALA C 291 -0.79 19.69 4.83
C ALA C 291 -1.36 18.27 4.85
N MET C 292 -1.71 17.77 6.03
CA MET C 292 -2.33 16.44 6.21
C MET C 292 -3.82 16.53 5.86
N GLN C 293 -4.31 15.59 5.07
CA GLN C 293 -5.77 15.53 4.76
C GLN C 293 -6.44 14.55 5.72
N GLN C 294 -7.47 14.98 6.41
CA GLN C 294 -8.44 14.06 7.06
C GLN C 294 -9.49 13.66 6.00
N LEU C 295 -9.63 12.37 5.74
CA LEU C 295 -10.73 11.83 4.90
C LEU C 295 -11.97 11.75 5.77
N LYS C 296 -13.05 12.40 5.34
CA LYS C 296 -14.31 12.34 6.11
C LYS C 296 -15.39 11.69 5.25
N ALA C 297 -16.19 10.86 5.91
CA ALA C 297 -17.46 10.31 5.40
C ALA C 297 -18.45 11.46 5.31
N PRO C 298 -18.96 11.78 4.10
CA PRO C 298 -20.04 12.75 3.96
C PRO C 298 -21.40 12.21 4.43
N CYS C 299 -21.53 10.90 4.65
CA CYS C 299 -22.82 10.27 5.03
C CYS C 299 -22.58 8.97 5.80
N GLN C 300 -23.64 8.42 6.37
CA GLN C 300 -23.56 7.14 7.14
C GLN C 300 -23.44 5.98 6.14
N GLY C 301 -22.81 4.87 6.54
CA GLY C 301 -22.72 3.63 5.73
C GLY C 301 -21.45 2.82 5.97
N LEU C 302 -21.31 1.71 5.26
CA LEU C 302 -20.13 0.81 5.36
C LEU C 302 -18.90 1.54 4.83
N ILE C 303 -17.77 1.41 5.51
CA ILE C 303 -16.50 2.01 5.03
C ILE C 303 -15.74 0.96 4.23
N VAL C 304 -15.63 1.18 2.93
CA VAL C 304 -14.93 0.25 2.00
C VAL C 304 -13.66 0.94 1.52
N TYR C 305 -12.52 0.44 1.90
CA TYR C 305 -11.21 1.05 1.55
C TYR C 305 -10.74 0.47 0.22
N HIS C 306 -10.15 1.30 -0.64
CA HIS C 306 -9.58 0.90 -1.94
C HIS C 306 -8.05 0.91 -1.85
N ASN C 307 -7.53 1.44 -0.75
CA ASN C 307 -6.07 1.50 -0.51
C ASN C 307 -5.76 0.78 0.80
N ARG C 308 -4.63 0.10 0.83
CA ARG C 308 -4.09 -0.56 2.04
C ARG C 308 -3.49 0.50 2.95
N LEU C 309 -3.42 0.21 4.23
CA LEU C 309 -2.72 1.08 5.21
C LEU C 309 -1.27 1.20 4.75
N GLY C 310 -0.79 2.43 4.59
CA GLY C 310 0.62 2.73 4.24
C GLY C 310 0.85 2.96 2.76
N ASP C 311 -0.15 2.68 1.89
CA ASP C 311 -0.08 2.96 0.43
C ASP C 311 0.21 4.45 0.18
N PHE C 312 1.04 4.74 -0.81
CA PHE C 312 1.20 6.11 -1.35
C PHE C 312 0.03 6.39 -2.29
N VAL C 313 -0.66 7.50 -2.10
CA VAL C 313 -1.85 7.88 -2.93
C VAL C 313 -1.58 9.24 -3.60
N ARG C 314 -2.24 9.47 -4.74
CA ARG C 314 -2.15 10.75 -5.48
C ARG C 314 -3.48 11.50 -5.39
N SER C 315 -3.41 12.84 -5.39
CA SER C 315 -4.59 13.74 -5.48
C SER C 315 -5.51 13.22 -6.59
N GLY C 316 -6.78 13.00 -6.29
CA GLY C 316 -7.79 12.55 -7.27
C GLY C 316 -8.09 11.07 -7.16
N ASP C 317 -7.21 10.29 -6.53
CA ASP C 317 -7.42 8.83 -6.34
C ASP C 317 -8.66 8.59 -5.47
N LYS C 318 -9.47 7.60 -5.85
CA LYS C 318 -10.55 7.04 -5.00
C LYS C 318 -9.89 6.21 -3.90
N VAL C 319 -9.98 6.64 -2.65
CA VAL C 319 -9.23 6.01 -1.53
C VAL C 319 -10.19 5.16 -0.73
N VAL C 320 -11.40 5.65 -0.54
CA VAL C 320 -12.40 4.95 0.31
C VAL C 320 -13.81 5.35 -0.17
N SER C 321 -14.77 4.44 -0.03
CA SER C 321 -16.18 4.64 -0.41
C SER C 321 -17.08 4.38 0.78
N ILE C 322 -18.16 5.14 0.91
CA ILE C 322 -19.20 4.87 1.93
C ILE C 322 -20.38 4.20 1.22
N VAL C 323 -20.74 2.99 1.66
CA VAL C 323 -21.73 2.13 0.96
C VAL C 323 -22.92 1.94 1.89
N ASP C 324 -24.07 2.51 1.52
CA ASP C 324 -25.36 2.29 2.21
C ASP C 324 -25.87 0.95 1.69
N PRO C 325 -25.92 -0.10 2.52
CA PRO C 325 -26.28 -1.43 2.03
C PRO C 325 -27.71 -1.50 1.47
N ILE C 326 -28.56 -0.52 1.79
CA ILE C 326 -29.94 -0.41 1.24
C ILE C 326 -30.10 0.91 0.51
N GLY C 327 -29.00 1.49 0.05
CA GLY C 327 -29.00 2.80 -0.62
C GLY C 327 -27.82 2.94 -1.56
N GLU C 328 -27.23 4.14 -1.57
CA GLU C 328 -26.25 4.59 -2.59
C GLU C 328 -24.83 4.51 -2.03
N THR C 329 -23.86 4.57 -2.93
CA THR C 329 -22.41 4.54 -2.65
C THR C 329 -21.82 5.91 -2.98
N VAL C 330 -20.94 6.42 -2.12
CA VAL C 330 -20.24 7.72 -2.31
C VAL C 330 -18.73 7.48 -2.28
N ASP C 331 -18.03 7.88 -3.32
CA ASP C 331 -16.56 7.74 -3.45
C ASP C 331 -15.89 8.97 -2.80
N ILE C 332 -14.83 8.76 -2.03
CA ILE C 332 -14.08 9.82 -1.30
C ILE C 332 -12.65 9.88 -1.82
N LEU C 333 -12.24 11.07 -2.27
CA LEU C 333 -11.01 11.23 -3.10
C LEU C 333 -9.92 11.91 -2.26
N ALA C 334 -8.67 11.53 -2.54
CA ALA C 334 -7.47 12.21 -2.02
C ALA C 334 -7.43 13.62 -2.61
N HIS C 335 -7.09 14.62 -1.81
CA HIS C 335 -6.92 16.02 -2.27
C HIS C 335 -5.43 16.39 -2.22
N THR C 336 -4.56 15.43 -1.95
CA THR C 336 -3.09 15.68 -1.85
C THR C 336 -2.32 14.39 -2.08
N ASP C 337 -1.09 14.52 -2.59
CA ASP C 337 -0.13 13.38 -2.73
C ASP C 337 0.46 13.10 -1.34
N GLY C 338 0.54 11.82 -0.95
CA GLY C 338 1.13 11.43 0.34
C GLY C 338 0.81 10.00 0.74
N VAL C 339 1.16 9.65 1.98
CA VAL C 339 1.02 8.27 2.49
C VAL C 339 -0.25 8.17 3.33
N LEU C 340 -1.07 7.17 3.02
CA LEU C 340 -2.29 6.86 3.81
C LEU C 340 -1.86 6.17 5.11
N PHE C 341 -1.32 6.92 6.06
CA PHE C 341 -0.73 6.37 7.32
C PHE C 341 -1.81 6.00 8.33
N ALA C 342 -3.06 6.42 8.17
CA ALA C 342 -4.17 6.01 9.08
C ALA C 342 -5.45 5.76 8.28
N ARG C 343 -6.25 4.79 8.73
CA ARG C 343 -7.60 4.46 8.21
C ARG C 343 -8.53 4.46 9.42
N HIS C 344 -9.27 3.37 9.68
CA HIS C 344 -10.07 3.20 10.92
C HIS C 344 -10.41 1.71 11.14
N SER C 345 -10.57 1.33 12.41
CA SER C 345 -10.78 -0.06 12.86
C SER C 345 -12.25 -0.47 12.70
N GLN C 346 -13.19 0.47 12.89
CA GLN C 346 -14.64 0.17 12.82
C GLN C 346 -15.15 0.69 11.48
N THR C 347 -15.51 -0.24 10.60
CA THR C 347 -15.72 0.01 9.16
C THR C 347 -17.19 0.35 8.91
N TYR C 348 -17.72 1.30 9.69
CA TYR C 348 -19.03 1.95 9.46
C TYR C 348 -18.92 3.42 9.85
N ALA C 349 -19.54 4.31 9.07
CA ALA C 349 -19.39 5.77 9.22
C ALA C 349 -20.70 6.40 9.73
N TYR C 350 -20.54 7.55 10.38
CA TYR C 350 -21.56 8.61 10.58
C TYR C 350 -21.03 9.83 9.83
N PRO C 351 -21.90 10.79 9.44
CA PRO C 351 -21.45 11.97 8.70
C PRO C 351 -20.33 12.72 9.44
N ASN C 352 -19.26 13.08 8.72
CA ASN C 352 -18.08 13.85 9.21
C ASN C 352 -17.13 12.98 10.01
N LYS C 353 -17.36 11.66 10.07
CA LYS C 353 -16.41 10.73 10.73
C LYS C 353 -15.09 10.79 9.95
N VAL C 354 -13.98 10.97 10.66
CA VAL C 354 -12.62 10.86 10.04
C VAL C 354 -12.34 9.36 9.86
N ILE C 355 -12.12 8.97 8.61
CA ILE C 355 -12.00 7.54 8.21
C ILE C 355 -10.63 7.30 7.57
N GLY C 356 -9.71 8.26 7.67
CA GLY C 356 -8.34 8.10 7.16
C GLY C 356 -7.55 9.40 7.18
N LYS C 357 -6.23 9.31 7.05
CA LYS C 357 -5.30 10.46 7.07
C LYS C 357 -4.20 10.25 6.02
N ILE C 358 -3.93 11.29 5.23
CA ILE C 358 -2.86 11.30 4.19
C ILE C 358 -1.85 12.40 4.55
N ALA C 359 -0.58 12.03 4.74
CA ALA C 359 0.53 12.94 5.09
C ALA C 359 1.09 13.59 3.83
N GLY C 360 0.65 14.82 3.54
CA GLY C 360 0.99 15.55 2.31
C GLY C 360 1.97 16.66 2.56
N LYS C 361 2.41 17.37 1.52
CA LYS C 361 3.49 18.40 1.63
C LYS C 361 2.91 19.80 1.38
N GLU C 362 1.92 19.95 0.49
CA GLU C 362 1.25 21.25 0.21
C GLU C 362 0.20 21.50 1.29
N PRO C 363 0.25 22.67 1.98
CA PRO C 363 -0.79 23.03 2.97
C PRO C 363 -2.21 23.03 2.39
N LEU C 364 -3.21 22.64 3.20
CA LEU C 364 -4.66 22.47 2.81
C LEU C 364 -5.57 23.36 3.68
N SER D 2 -38.62 -6.53 -7.79
CA SER D 2 -38.39 -6.66 -6.32
C SER D 2 -39.34 -5.70 -5.58
N ALA D 3 -40.12 -6.22 -4.62
CA ALA D 3 -41.01 -5.42 -3.73
C ALA D 3 -40.16 -4.78 -2.63
N CYS D 4 -40.51 -3.58 -2.20
CA CYS D 4 -39.79 -2.86 -1.12
C CYS D 4 -40.80 -2.30 -0.13
N GLU D 5 -40.69 -2.68 1.14
CA GLU D 5 -41.54 -2.19 2.27
C GLU D 5 -40.63 -1.40 3.21
N ASN D 6 -41.09 -0.28 3.75
CA ASN D 6 -40.36 0.49 4.77
C ASN D 6 -41.22 0.50 6.03
N PHE D 7 -41.00 -0.47 6.90
CA PHE D 7 -41.80 -0.66 8.14
C PHE D 7 -41.35 0.36 9.19
N LEU D 8 -42.30 1.16 9.68
CA LEU D 8 -42.03 2.33 10.54
C LEU D 8 -42.18 1.92 12.00
N LEU D 9 -41.13 2.12 12.79
CA LEU D 9 -41.12 1.87 14.25
C LEU D 9 -41.72 3.07 14.96
N PRO D 10 -42.29 2.91 16.17
CA PRO D 10 -42.79 4.04 16.95
C PRO D 10 -41.61 4.94 17.37
N ALA D 11 -41.90 6.22 17.61
CA ALA D 11 -40.90 7.25 17.95
C ALA D 11 -40.24 6.90 19.30
N ASP D 12 -38.93 7.13 19.41
CA ASP D 12 -38.11 6.88 20.64
C ASP D 12 -38.29 8.06 21.61
N GLN D 13 -37.44 8.15 22.64
CA GLN D 13 -37.52 9.18 23.73
C GLN D 13 -37.24 10.58 23.14
N ASP D 14 -36.58 10.68 21.99
CA ASP D 14 -36.24 11.98 21.33
C ASP D 14 -37.26 12.29 20.23
N GLY D 15 -38.33 11.48 20.15
CA GLY D 15 -39.41 11.60 19.14
C GLY D 15 -38.95 11.23 17.74
N ILE D 16 -37.97 10.33 17.62
CA ILE D 16 -37.41 9.94 16.29
C ILE D 16 -37.95 8.55 15.91
N GLN D 17 -38.54 8.48 14.72
CA GLN D 17 -39.05 7.22 14.13
C GLN D 17 -38.00 6.68 13.17
N ARG D 18 -37.72 5.38 13.23
CA ARG D 18 -36.80 4.70 12.29
C ARG D 18 -37.60 3.74 11.41
N GLN D 19 -37.03 3.35 10.27
CA GLN D 19 -37.62 2.32 9.40
C GLN D 19 -36.71 1.11 9.21
N VAL D 20 -37.34 -0.05 9.06
CA VAL D 20 -36.71 -1.30 8.60
C VAL D 20 -37.07 -1.48 7.13
N THR D 21 -36.09 -1.43 6.26
CA THR D 21 -36.31 -1.66 4.82
C THR D 21 -36.29 -3.17 4.56
N ILE D 22 -37.36 -3.69 3.97
CA ILE D 22 -37.52 -5.13 3.63
C ILE D 22 -37.69 -5.30 2.12
N PHE D 23 -36.92 -6.17 1.50
CA PHE D 23 -37.00 -6.50 0.05
C PHE D 23 -37.59 -7.90 -0.12
N ARG D 24 -38.47 -8.09 -1.11
CA ARG D 24 -39.08 -9.41 -1.43
C ARG D 24 -38.91 -9.68 -2.92
N TYR D 25 -38.35 -10.83 -3.24
CA TYR D 25 -38.10 -11.32 -4.63
C TYR D 25 -39.09 -12.46 -4.83
N GLY D 26 -39.87 -12.49 -5.92
CA GLY D 26 -40.88 -13.54 -6.19
C GLY D 26 -42.27 -13.20 -5.69
N GLN D 27 -43.19 -14.15 -5.82
CA GLN D 27 -44.64 -14.01 -5.57
C GLN D 27 -44.97 -14.29 -4.09
N GLU D 28 -45.76 -13.43 -3.45
CA GLU D 28 -46.10 -13.54 -2.00
C GLU D 28 -46.66 -14.93 -1.65
N ASN D 29 -46.11 -15.58 -0.62
CA ASN D 29 -46.51 -16.90 -0.09
C ASN D 29 -46.30 -18.00 -1.13
N SER D 30 -45.39 -17.82 -2.09
CA SER D 30 -45.14 -18.81 -3.17
C SER D 30 -44.20 -19.90 -2.68
N ALA D 31 -44.50 -21.14 -3.09
CA ALA D 31 -43.60 -22.32 -3.15
C ALA D 31 -42.80 -22.46 -1.87
N PRO D 32 -41.45 -22.65 -1.91
CA PRO D 32 -40.61 -22.45 -0.74
C PRO D 32 -40.41 -20.97 -0.36
N LYS D 33 -40.30 -20.69 0.94
CA LYS D 33 -40.05 -19.32 1.46
C LYS D 33 -38.68 -19.26 2.16
N ALA D 34 -37.85 -18.28 1.75
CA ALA D 34 -36.53 -17.98 2.34
C ALA D 34 -36.59 -16.62 3.05
N TYR D 35 -35.90 -16.52 4.18
CA TYR D 35 -35.72 -15.27 4.95
C TYR D 35 -34.24 -15.11 5.30
N LEU D 36 -33.66 -14.00 4.88
CA LEU D 36 -32.25 -13.64 5.17
C LEU D 36 -32.23 -12.24 5.76
N GLN D 37 -31.68 -12.09 6.97
CA GLN D 37 -31.48 -10.77 7.59
C GLN D 37 -30.02 -10.64 8.02
N ALA D 38 -29.57 -9.39 8.11
CA ALA D 38 -28.24 -9.05 8.63
C ALA D 38 -28.38 -7.80 9.49
N GLY D 39 -27.46 -7.65 10.44
CA GLY D 39 -27.27 -6.42 11.22
C GLY D 39 -28.29 -6.29 12.33
N LEU D 40 -28.78 -7.41 12.85
CA LEU D 40 -29.61 -7.39 14.07
C LEU D 40 -28.76 -6.78 15.20
N HIS D 41 -27.50 -7.22 15.32
CA HIS D 41 -26.46 -6.48 16.04
C HIS D 41 -25.91 -5.45 15.04
N ALA D 42 -26.19 -4.16 15.26
CA ALA D 42 -25.95 -3.09 14.26
C ALA D 42 -24.46 -2.82 14.07
N ASP D 43 -23.58 -3.40 14.90
CA ASP D 43 -22.11 -3.21 14.79
C ASP D 43 -21.47 -4.43 14.11
N GLU D 44 -22.28 -5.33 13.54
CA GLU D 44 -21.80 -6.53 12.81
C GLU D 44 -22.08 -6.35 11.33
N PHE D 45 -21.03 -6.06 10.54
CA PHE D 45 -21.12 -5.49 9.18
C PHE D 45 -21.11 -6.53 8.05
N PRO D 46 -20.32 -7.62 8.07
CA PRO D 46 -20.10 -8.42 6.87
C PRO D 46 -21.39 -8.87 6.17
N GLY D 47 -22.41 -9.23 6.98
CA GLY D 47 -23.73 -9.63 6.48
C GLY D 47 -24.46 -8.52 5.72
N MET D 48 -24.26 -7.27 6.13
CA MET D 48 -24.88 -6.10 5.48
C MET D 48 -24.41 -6.04 4.03
N LEU D 49 -23.09 -6.08 3.80
CA LEU D 49 -22.50 -5.94 2.44
C LEU D 49 -22.82 -7.20 1.64
N ALA D 50 -22.81 -8.38 2.27
CA ALA D 50 -23.09 -9.66 1.60
C ALA D 50 -24.51 -9.63 1.03
N LEU D 51 -25.49 -9.17 1.82
CA LEU D 51 -26.89 -9.13 1.33
C LEU D 51 -27.04 -8.04 0.25
N LYS D 52 -26.30 -6.92 0.30
CA LYS D 52 -26.29 -5.94 -0.81
C LYS D 52 -25.94 -6.66 -2.12
N TYR D 53 -24.89 -7.46 -2.13
CA TYR D 53 -24.44 -8.16 -3.35
C TYR D 53 -25.36 -9.36 -3.66
N LEU D 54 -25.98 -9.98 -2.65
CA LEU D 54 -26.95 -11.08 -2.92
C LEU D 54 -28.13 -10.48 -3.70
N ARG D 55 -28.56 -9.27 -3.31
CA ARG D 55 -29.64 -8.55 -4.03
C ARG D 55 -29.22 -8.36 -5.48
N ASP D 56 -28.01 -7.89 -5.76
CA ASP D 56 -27.52 -7.73 -7.16
C ASP D 56 -27.76 -9.05 -7.93
N LEU D 57 -27.40 -10.20 -7.34
CA LEU D 57 -27.55 -11.53 -7.99
C LEU D 57 -29.03 -11.86 -8.19
N LEU D 58 -29.87 -11.58 -7.18
CA LEU D 58 -31.33 -11.85 -7.23
C LEU D 58 -32.03 -10.88 -8.20
N ASP D 59 -31.56 -9.63 -8.32
CA ASP D 59 -32.11 -8.65 -9.30
C ASP D 59 -32.04 -9.31 -10.69
N GLU D 60 -30.89 -9.90 -10.99
CA GLU D 60 -30.62 -10.56 -12.30
C GLU D 60 -31.50 -11.80 -12.42
N ALA D 61 -31.59 -12.62 -11.36
CA ALA D 61 -32.44 -13.83 -11.37
C ALA D 61 -33.92 -13.44 -11.56
N ALA D 62 -34.36 -12.32 -11.00
CA ALA D 62 -35.75 -11.80 -11.12
C ALA D 62 -35.99 -11.37 -12.57
N ARG D 63 -35.06 -10.63 -13.15
CA ARG D 63 -35.14 -10.16 -14.56
C ARG D 63 -35.24 -11.37 -15.49
N ARG D 64 -34.53 -12.47 -15.19
CA ARG D 64 -34.50 -13.72 -16.00
C ARG D 64 -35.71 -14.59 -15.64
N ASN D 65 -36.57 -14.13 -14.72
CA ASN D 65 -37.83 -14.79 -14.30
C ASN D 65 -37.52 -16.16 -13.68
N ARG D 66 -36.53 -16.25 -12.81
CA ARG D 66 -36.04 -17.56 -12.28
C ARG D 66 -36.32 -17.70 -10.79
N ILE D 67 -37.03 -16.77 -10.16
CA ILE D 67 -37.35 -16.87 -8.70
C ILE D 67 -38.58 -17.75 -8.53
N LYS D 68 -38.45 -18.87 -7.80
CA LYS D 68 -39.48 -19.94 -7.73
C LYS D 68 -40.43 -19.67 -6.56
N GLY D 69 -39.90 -19.23 -5.43
CA GLY D 69 -40.69 -19.04 -4.21
C GLY D 69 -40.73 -17.58 -3.82
N GLU D 70 -40.73 -17.31 -2.52
CA GLU D 70 -40.63 -15.94 -1.93
C GLU D 70 -39.32 -15.84 -1.16
N ILE D 71 -38.44 -14.93 -1.58
CA ILE D 71 -37.13 -14.70 -0.89
C ILE D 71 -37.16 -13.32 -0.23
N VAL D 72 -37.05 -13.27 1.10
CA VAL D 72 -37.13 -12.00 1.88
C VAL D 72 -35.73 -11.61 2.36
N ILE D 73 -35.29 -10.40 2.02
CA ILE D 73 -33.91 -9.88 2.29
C ILE D 73 -34.00 -8.61 3.13
N ILE D 74 -33.37 -8.60 4.31
CA ILE D 74 -33.24 -7.39 5.19
C ILE D 74 -31.77 -7.17 5.53
N PRO D 75 -31.04 -6.38 4.70
CA PRO D 75 -29.62 -6.11 4.94
C PRO D 75 -29.31 -5.39 6.26
N GLN D 76 -30.25 -4.58 6.78
CA GLN D 76 -30.03 -3.85 8.07
C GLN D 76 -31.28 -4.00 8.91
N ALA D 77 -31.37 -5.10 9.66
CA ALA D 77 -32.57 -5.53 10.40
C ALA D 77 -32.72 -4.67 11.66
N ASN D 78 -31.77 -3.79 11.95
CA ASN D 78 -31.79 -3.06 13.25
C ASN D 78 -31.33 -1.64 13.07
N PRO D 79 -32.25 -0.75 12.64
CA PRO D 79 -31.96 0.67 12.51
C PRO D 79 -31.93 1.42 13.85
N ILE D 80 -32.33 0.78 14.95
CA ILE D 80 -32.25 1.39 16.31
C ILE D 80 -30.77 1.40 16.72
N GLY D 81 -30.18 0.20 16.79
CA GLY D 81 -28.76 0.02 17.08
C GLY D 81 -27.88 0.82 16.14
N LEU D 82 -28.26 0.94 14.88
CA LEU D 82 -27.40 1.57 13.83
C LEU D 82 -27.22 3.07 14.11
N SER D 83 -28.05 3.66 14.97
CA SER D 83 -28.01 5.11 15.31
C SER D 83 -27.22 5.31 16.61
N GLN D 84 -26.88 4.23 17.31
CA GLN D 84 -26.35 4.29 18.71
C GLN D 84 -24.84 4.52 18.71
N TRP D 85 -24.42 5.75 18.37
CA TRP D 85 -23.00 6.17 18.45
C TRP D 85 -22.68 6.75 19.85
N LYS D 86 -21.54 6.39 20.41
CA LYS D 86 -21.02 6.98 21.67
C LYS D 86 -19.51 7.22 21.53
N ASP D 87 -19.06 8.46 21.68
CA ASP D 87 -17.62 8.82 21.67
C ASP D 87 -16.99 8.28 20.38
N GLY D 88 -17.74 8.34 19.28
CA GLY D 88 -17.25 8.02 17.92
C GLY D 88 -17.36 6.56 17.55
N PHE D 89 -17.92 5.73 18.43
N PHE D 89 -17.89 5.71 18.44
CA PHE D 89 -17.98 4.26 18.26
CA PHE D 89 -17.96 4.25 18.24
C PHE D 89 -19.45 3.83 18.20
C PHE D 89 -19.43 3.80 18.21
N LEU D 90 -19.74 2.86 17.33
CA LEU D 90 -21.12 2.32 17.14
C LEU D 90 -21.31 1.16 18.10
N LEU D 91 -22.23 1.31 19.04
CA LEU D 91 -22.58 0.25 20.02
C LEU D 91 -23.94 -0.31 19.61
N GLY D 92 -23.91 -1.42 18.87
CA GLY D 92 -25.10 -1.95 18.20
C GLY D 92 -25.61 -3.23 18.83
N ARG D 93 -25.07 -3.63 19.97
CA ARG D 93 -25.40 -4.94 20.59
C ARG D 93 -26.60 -4.81 21.53
N PHE D 94 -26.70 -3.73 22.29
CA PHE D 94 -27.75 -3.52 23.31
C PHE D 94 -28.57 -2.27 22.99
N ASP D 95 -29.86 -2.32 23.32
CA ASP D 95 -30.82 -1.22 23.11
C ASP D 95 -30.65 -0.18 24.24
N HIS D 96 -30.39 1.07 23.88
CA HIS D 96 -30.12 2.17 24.86
C HIS D 96 -31.37 2.53 25.66
N GLN D 97 -32.60 2.27 25.17
CA GLN D 97 -33.84 2.57 25.94
C GLN D 97 -33.97 1.54 27.09
N THR D 98 -33.84 0.26 26.78
CA THR D 98 -34.26 -0.88 27.64
C THR D 98 -33.03 -1.53 28.30
N GLY D 99 -31.84 -1.40 27.71
CA GLY D 99 -30.64 -2.12 28.16
C GLY D 99 -30.62 -3.56 27.67
N THR D 100 -31.62 -4.00 26.92
CA THR D 100 -31.78 -5.41 26.47
C THR D 100 -30.93 -5.68 25.23
N ASN D 101 -30.52 -6.93 25.06
CA ASN D 101 -29.78 -7.43 23.88
C ASN D 101 -30.77 -7.50 22.72
N PHE D 102 -30.40 -7.00 21.55
CA PHE D 102 -31.26 -6.99 20.34
C PHE D 102 -31.58 -8.43 19.90
N ASN D 103 -30.75 -9.41 20.23
CA ASN D 103 -30.94 -10.83 19.78
C ASN D 103 -31.33 -11.67 20.99
N ARG D 104 -32.19 -11.13 21.86
CA ARG D 104 -32.77 -11.85 23.03
C ARG D 104 -34.25 -11.49 23.14
N ASP D 105 -34.97 -12.29 23.93
CA ASP D 105 -36.39 -12.05 24.34
C ASP D 105 -37.31 -12.10 23.11
N TYR D 106 -37.10 -13.05 22.20
CA TYR D 106 -38.05 -13.35 21.10
C TYR D 106 -39.18 -14.24 21.63
N PRO D 107 -40.39 -14.18 21.04
CA PRO D 107 -41.52 -15.04 21.43
C PRO D 107 -41.27 -16.55 21.32
N ASP D 108 -41.81 -17.33 22.26
CA ASP D 108 -41.87 -18.81 22.19
C ASP D 108 -43.14 -19.21 21.42
N LEU D 109 -43.00 -19.57 20.14
CA LEU D 109 -44.14 -19.85 19.25
C LEU D 109 -44.70 -21.25 19.54
N CYS D 110 -44.00 -22.08 20.32
CA CYS D 110 -44.57 -23.37 20.82
C CYS D 110 -45.58 -23.02 21.92
N GLN D 111 -45.13 -22.34 22.97
CA GLN D 111 -46.01 -21.91 24.10
C GLN D 111 -47.24 -21.17 23.57
N LEU D 112 -47.11 -20.36 22.51
CA LEU D 112 -48.22 -19.50 21.99
C LEU D 112 -49.17 -20.28 21.07
N THR D 113 -48.83 -21.50 20.64
CA THR D 113 -49.66 -22.25 19.64
C THR D 113 -50.15 -23.61 20.18
N VAL D 114 -49.53 -24.18 21.22
CA VAL D 114 -49.85 -25.58 21.68
C VAL D 114 -51.34 -25.65 22.06
N GLU D 115 -51.85 -24.60 22.72
CA GLU D 115 -53.28 -24.44 23.12
C GLU D 115 -54.16 -24.50 21.86
N LYS D 116 -53.87 -23.64 20.89
CA LYS D 116 -54.67 -23.47 19.65
C LYS D 116 -54.69 -24.74 18.80
N LEU D 117 -53.59 -25.51 18.79
CA LEU D 117 -53.36 -26.69 17.90
C LEU D 117 -54.06 -27.96 18.45
N ASP D 118 -54.64 -27.87 19.67
CA ASP D 118 -55.33 -28.96 20.41
C ASP D 118 -56.07 -29.90 19.46
N GLY D 119 -56.90 -29.40 18.54
CA GLY D 119 -57.77 -30.28 17.74
C GLY D 119 -57.48 -30.17 16.27
N GLN D 120 -56.29 -29.72 15.86
CA GLN D 120 -56.09 -29.27 14.44
CA GLN D 120 -56.08 -29.26 14.44
C GLN D 120 -55.13 -30.19 13.69
N LEU D 121 -54.42 -31.08 14.38
CA LEU D 121 -53.33 -31.87 13.73
C LEU D 121 -53.88 -33.20 13.18
N THR D 122 -53.29 -33.70 12.10
CA THR D 122 -53.68 -34.97 11.41
C THR D 122 -52.44 -35.82 11.09
N GLU D 123 -52.63 -36.96 10.41
CA GLU D 123 -51.53 -37.87 9.97
C GLU D 123 -50.82 -37.35 8.72
N ASN D 124 -51.32 -36.25 8.14
CA ASN D 124 -50.74 -35.62 6.92
C ASN D 124 -49.74 -34.52 7.36
N ALA D 125 -48.44 -34.77 7.17
CA ALA D 125 -47.33 -33.90 7.60
C ALA D 125 -47.47 -32.52 6.94
N GLU D 126 -47.76 -32.49 5.64
CA GLU D 126 -47.82 -31.23 4.85
C GLU D 126 -48.97 -30.37 5.40
N HIS D 127 -50.11 -30.99 5.72
CA HIS D 127 -51.27 -30.33 6.37
C HIS D 127 -50.81 -29.70 7.68
N ASN D 128 -50.14 -30.48 8.52
CA ASN D 128 -49.68 -30.01 9.85
C ASN D 128 -48.79 -28.78 9.68
N ILE D 129 -47.90 -28.78 8.68
CA ILE D 129 -46.97 -27.64 8.40
C ILE D 129 -47.81 -26.38 8.16
N ASP D 130 -48.79 -26.47 7.25
CA ASP D 130 -49.63 -25.30 6.84
C ASP D 130 -50.47 -24.83 8.05
N VAL D 131 -51.02 -25.77 8.83
CA VAL D 131 -51.85 -25.49 10.03
C VAL D 131 -51.00 -24.76 11.06
N ILE D 132 -49.80 -25.28 11.34
CA ILE D 132 -48.90 -24.74 12.41
C ILE D 132 -48.48 -23.33 11.98
N ARG D 133 -48.10 -23.15 10.71
CA ARG D 133 -47.64 -21.82 10.20
C ARG D 133 -48.80 -20.81 10.30
N LYS D 134 -50.02 -21.20 9.92
CA LYS D 134 -51.21 -20.29 9.99
C LYS D 134 -51.46 -19.94 11.46
N THR D 135 -51.39 -20.93 12.36
CA THR D 135 -51.61 -20.74 13.81
C THR D 135 -50.58 -19.76 14.37
N MET D 136 -49.30 -19.93 13.99
CA MET D 136 -48.18 -19.04 14.41
C MET D 136 -48.49 -17.59 14.00
N ARG D 137 -48.91 -17.37 12.75
CA ARG D 137 -49.24 -16.01 12.22
C ARG D 137 -50.38 -15.40 13.06
N SER D 138 -51.42 -16.19 13.36
CA SER D 138 -52.58 -15.76 14.17
C SER D 138 -52.11 -15.36 15.57
N ALA D 139 -51.31 -16.23 16.21
CA ALA D 139 -50.80 -16.05 17.59
C ALA D 139 -50.05 -14.71 17.67
N LEU D 140 -49.23 -14.42 16.65
CA LEU D 140 -48.42 -13.16 16.59
C LEU D 140 -49.34 -11.96 16.36
N SER D 141 -50.37 -12.11 15.52
CA SER D 141 -51.35 -11.03 15.23
C SER D 141 -51.98 -10.52 16.54
N GLU D 142 -52.19 -11.42 17.51
CA GLU D 142 -52.86 -11.11 18.80
C GLU D 142 -51.95 -10.27 19.72
N LEU D 143 -50.63 -10.27 19.50
CA LEU D 143 -49.64 -9.58 20.38
C LEU D 143 -49.56 -8.09 20.03
N LYS D 144 -49.43 -7.22 21.05
CA LYS D 144 -49.47 -5.75 20.90
C LYS D 144 -48.28 -5.09 21.60
N PRO D 145 -47.07 -5.16 21.01
CA PRO D 145 -45.88 -4.51 21.60
C PRO D 145 -45.91 -2.98 21.46
N GLU D 146 -45.33 -2.25 22.42
CA GLU D 146 -45.36 -0.76 22.49
C GLU D 146 -43.97 -0.14 22.22
N GLN D 147 -42.91 -0.68 22.83
CA GLN D 147 -41.52 -0.11 22.71
C GLN D 147 -40.94 -0.47 21.34
N ALA D 148 -40.24 0.48 20.72
CA ALA D 148 -39.66 0.35 19.37
C ALA D 148 -38.94 -1.00 19.22
N VAL D 149 -38.14 -1.41 20.20
CA VAL D 149 -37.29 -2.63 20.13
C VAL D 149 -38.19 -3.87 20.14
N ASP D 150 -39.32 -3.83 20.87
CA ASP D 150 -40.27 -4.97 21.01
C ASP D 150 -41.05 -5.08 19.69
N VAL D 151 -41.39 -3.93 19.12
CA VAL D 151 -42.12 -3.84 17.82
C VAL D 151 -41.20 -4.39 16.72
N LEU D 152 -39.91 -4.04 16.79
CA LEU D 152 -38.89 -4.49 15.81
C LEU D 152 -38.78 -6.01 15.86
N ARG D 153 -38.56 -6.57 17.07
CA ARG D 153 -38.43 -8.04 17.26
C ARG D 153 -39.69 -8.72 16.71
N HIS D 154 -40.87 -8.17 17.03
CA HIS D 154 -42.21 -8.70 16.62
C HIS D 154 -42.29 -8.80 15.10
N LYS D 155 -41.95 -7.70 14.40
CA LYS D 155 -42.02 -7.64 12.93
C LYS D 155 -41.09 -8.71 12.34
N LEU D 156 -39.87 -8.81 12.84
CA LEU D 156 -38.83 -9.71 12.25
C LEU D 156 -39.29 -11.18 12.37
N ILE D 157 -39.85 -11.57 13.52
CA ILE D 157 -40.30 -12.99 13.73
C ILE D 157 -41.59 -13.21 12.92
N SER D 158 -42.47 -12.22 12.84
CA SER D 158 -43.73 -12.28 12.07
C SER D 158 -43.43 -12.60 10.60
N GLU D 159 -42.33 -12.07 10.06
CA GLU D 159 -42.01 -12.17 8.61
C GLU D 159 -41.08 -13.36 8.36
N SER D 160 -40.70 -14.13 9.39
CA SER D 160 -39.72 -15.24 9.26
C SER D 160 -40.25 -16.59 9.77
N CYS D 161 -41.20 -16.62 10.71
CA CYS D 161 -41.64 -17.85 11.44
C CYS D 161 -42.13 -18.94 10.47
N ASP D 162 -42.68 -18.55 9.33
CA ASP D 162 -43.37 -19.44 8.36
C ASP D 162 -42.44 -19.74 7.17
N ALA D 163 -41.15 -19.43 7.28
CA ALA D 163 -40.16 -19.69 6.20
C ALA D 163 -39.68 -21.15 6.29
N ASP D 164 -39.20 -21.68 5.17
CA ASP D 164 -38.56 -23.02 5.06
C ASP D 164 -37.08 -22.87 5.42
N LEU D 165 -36.48 -21.73 5.03
CA LEU D 165 -35.05 -21.42 5.22
C LEU D 165 -34.90 -20.05 5.88
N VAL D 166 -34.21 -19.98 7.02
CA VAL D 166 -33.94 -18.70 7.74
C VAL D 166 -32.44 -18.59 8.04
N LEU D 167 -31.77 -17.61 7.46
CA LEU D 167 -30.34 -17.34 7.72
C LEU D 167 -30.21 -15.97 8.39
N ASP D 168 -29.90 -15.95 9.69
CA ASP D 168 -29.58 -14.73 10.49
C ASP D 168 -28.08 -14.49 10.39
N LEU D 169 -27.69 -13.43 9.68
CA LEU D 169 -26.27 -13.15 9.37
C LEU D 169 -25.71 -12.23 10.46
N HIS D 170 -24.67 -12.73 11.13
CA HIS D 170 -24.00 -12.10 12.28
C HIS D 170 -22.49 -12.05 12.03
N ALA D 171 -21.76 -11.56 13.03
CA ALA D 171 -20.28 -11.58 13.09
C ALA D 171 -19.90 -11.64 14.57
N ASP D 172 -18.64 -11.94 14.85
CA ASP D 172 -18.08 -11.88 16.23
C ASP D 172 -16.99 -10.82 16.21
N ASN D 173 -16.46 -10.47 17.37
CA ASN D 173 -15.55 -9.31 17.48
C ASN D 173 -14.31 -9.57 16.63
N GLN D 174 -13.75 -10.77 16.73
CA GLN D 174 -12.66 -11.26 15.84
C GLN D 174 -12.86 -12.76 15.71
N ALA D 175 -13.27 -13.23 14.53
CA ALA D 175 -13.66 -14.63 14.34
C ALA D 175 -13.55 -15.09 12.88
N GLN D 176 -13.37 -16.39 12.71
CA GLN D 176 -13.53 -17.10 11.42
C GLN D 176 -15.03 -17.27 11.20
N CYS D 177 -15.38 -17.50 9.94
CA CYS D 177 -16.75 -17.92 9.57
C CYS D 177 -17.13 -19.14 10.42
N HIS D 178 -18.25 -19.07 11.10
CA HIS D 178 -18.83 -20.20 11.88
C HIS D 178 -20.36 -20.11 11.91
N MET D 179 -21.01 -21.17 12.36
CA MET D 179 -22.46 -21.38 12.26
C MET D 179 -23.01 -21.92 13.58
N TYR D 180 -24.20 -21.45 13.96
CA TYR D 180 -25.01 -21.99 15.07
C TYR D 180 -26.32 -22.50 14.47
N THR D 181 -26.79 -23.66 14.93
CA THR D 181 -28.13 -24.16 14.56
C THR D 181 -28.66 -25.06 15.67
N LEU D 182 -29.93 -25.42 15.53
CA LEU D 182 -30.64 -26.36 16.43
C LEU D 182 -30.02 -27.74 16.26
N THR D 183 -29.72 -28.41 17.37
CA THR D 183 -29.06 -29.75 17.40
C THR D 183 -29.68 -30.69 16.35
N PRO D 184 -31.02 -30.92 16.35
CA PRO D 184 -31.60 -31.86 15.39
C PRO D 184 -31.61 -31.43 13.91
N LEU D 185 -31.21 -30.19 13.59
CA LEU D 185 -31.09 -29.70 12.19
C LEU D 185 -29.70 -30.03 11.64
N TRP D 186 -28.92 -30.76 12.42
CA TRP D 186 -27.64 -31.34 11.96
C TRP D 186 -27.84 -32.83 11.73
N PRO D 187 -27.45 -33.48 10.61
CA PRO D 187 -26.69 -32.89 9.51
C PRO D 187 -27.52 -32.31 8.36
N ALA D 188 -28.82 -32.06 8.61
CA ALA D 188 -29.76 -31.53 7.60
C ALA D 188 -29.18 -30.27 6.93
N MET D 189 -28.47 -29.42 7.68
CA MET D 189 -27.94 -28.13 7.14
C MET D 189 -26.44 -28.25 6.88
N HIS D 190 -25.94 -29.45 6.57
CA HIS D 190 -24.53 -29.71 6.15
C HIS D 190 -24.22 -28.89 4.90
N ASP D 191 -25.12 -28.88 3.93
CA ASP D 191 -24.93 -28.21 2.61
C ASP D 191 -24.73 -26.70 2.84
N VAL D 192 -25.52 -26.10 3.72
CA VAL D 192 -25.43 -24.63 3.96
C VAL D 192 -24.10 -24.32 4.65
N ALA D 193 -23.70 -25.13 5.63
CA ALA D 193 -22.42 -24.97 6.37
C ALA D 193 -21.26 -25.09 5.38
N ALA D 194 -21.35 -26.02 4.44
CA ALA D 194 -20.27 -26.31 3.44
C ALA D 194 -20.13 -25.12 2.51
N GLU D 195 -21.26 -24.58 2.00
CA GLU D 195 -21.25 -23.50 0.98
C GLU D 195 -20.61 -22.24 1.57
N ILE D 196 -20.91 -21.93 2.84
CA ILE D 196 -20.44 -20.68 3.51
C ILE D 196 -19.04 -20.88 4.10
N ASP D 197 -18.51 -22.10 4.06
CA ASP D 197 -17.14 -22.46 4.54
C ASP D 197 -17.05 -22.18 6.03
N ALA D 198 -18.02 -22.69 6.81
CA ALA D 198 -17.98 -22.62 8.28
C ALA D 198 -16.74 -23.41 8.76
N ARG D 199 -16.05 -22.86 9.76
CA ARG D 199 -14.86 -23.50 10.36
C ARG D 199 -15.27 -24.00 11.75
N ALA D 200 -16.53 -23.83 12.12
CA ALA D 200 -17.14 -24.39 13.34
C ALA D 200 -18.65 -24.42 13.18
N VAL D 201 -19.28 -25.53 13.59
CA VAL D 201 -20.76 -25.65 13.62
C VAL D 201 -21.16 -26.02 15.04
N LEU D 202 -21.88 -25.12 15.73
CA LEU D 202 -22.16 -25.25 17.17
C LEU D 202 -23.65 -25.53 17.37
N LEU D 203 -23.96 -26.62 18.07
CA LEU D 203 -25.34 -27.19 18.15
C LEU D 203 -25.89 -27.00 19.58
N ALA D 204 -27.14 -26.56 19.69
CA ALA D 204 -27.89 -26.48 20.95
C ALA D 204 -29.39 -26.61 20.66
N GLU D 205 -30.14 -27.10 21.64
CA GLU D 205 -31.62 -27.18 21.56
C GLU D 205 -32.17 -25.86 22.11
N GLU D 206 -31.55 -25.35 23.17
CA GLU D 206 -31.89 -24.05 23.80
C GLU D 206 -30.59 -23.42 24.30
N SER D 207 -30.35 -22.16 23.94
CA SER D 207 -29.10 -21.41 24.25
C SER D 207 -29.39 -20.43 25.38
N GLY D 208 -29.35 -19.12 25.12
CA GLY D 208 -29.62 -18.08 26.13
C GLY D 208 -31.10 -17.69 26.15
N GLY D 209 -31.36 -16.43 26.51
CA GLY D 209 -32.71 -15.84 26.64
C GLY D 209 -33.37 -15.62 25.29
N HIS D 210 -33.77 -16.69 24.60
CA HIS D 210 -34.71 -16.70 23.44
C HIS D 210 -34.14 -15.87 22.30
N PRO D 211 -33.02 -16.29 21.67
CA PRO D 211 -32.51 -15.63 20.47
C PRO D 211 -33.35 -15.93 19.21
N PHE D 212 -33.15 -15.14 18.16
CA PHE D 212 -33.95 -15.10 16.91
C PHE D 212 -33.92 -16.45 16.18
N ASP D 213 -32.74 -17.05 15.95
CA ASP D 213 -32.60 -18.29 15.13
C ASP D 213 -33.41 -19.41 15.81
N GLU D 214 -33.26 -19.54 17.13
CA GLU D 214 -33.96 -20.57 17.92
C GLU D 214 -35.47 -20.25 17.94
N ALA D 215 -35.84 -18.96 18.03
CA ALA D 215 -37.25 -18.54 17.96
C ALA D 215 -37.92 -19.08 16.68
N CYS D 216 -37.17 -19.17 15.58
CA CYS D 216 -37.66 -19.66 14.25
C CYS D 216 -37.72 -21.19 14.21
N SER D 217 -36.68 -21.90 14.65
CA SER D 217 -36.54 -23.37 14.41
C SER D 217 -37.00 -24.21 15.61
N ALA D 218 -36.87 -23.71 16.85
CA ALA D 218 -37.14 -24.48 18.09
C ALA D 218 -38.59 -24.94 18.17
N PRO D 219 -39.57 -24.07 17.82
CA PRO D 219 -40.99 -24.43 17.94
C PRO D 219 -41.37 -25.76 17.26
N TRP D 220 -40.75 -26.08 16.13
CA TRP D 220 -41.02 -27.34 15.37
C TRP D 220 -40.56 -28.56 16.18
N MET D 221 -39.40 -28.44 16.83
CA MET D 221 -38.81 -29.48 17.72
C MET D 221 -39.72 -29.64 18.95
N ASN D 222 -40.12 -28.53 19.56
CA ASN D 222 -40.89 -28.53 20.83
C ASN D 222 -42.33 -28.98 20.56
N LEU D 223 -42.92 -28.61 19.41
CA LEU D 223 -44.29 -29.06 19.03
C LEU D 223 -44.26 -30.57 18.74
N SER D 224 -43.23 -31.05 18.03
CA SER D 224 -43.03 -32.50 17.73
C SER D 224 -43.08 -33.28 19.06
N ARG D 225 -42.43 -32.76 20.11
CA ARG D 225 -42.37 -33.39 21.45
C ARG D 225 -43.71 -33.24 22.18
N ALA D 226 -44.41 -32.10 22.01
CA ALA D 226 -45.73 -31.84 22.60
C ALA D 226 -46.77 -32.79 22.00
N PHE D 227 -46.66 -33.12 20.70
CA PHE D 227 -47.65 -33.91 19.93
C PHE D 227 -46.93 -35.07 19.23
N PRO D 228 -46.38 -36.06 19.98
CA PRO D 228 -45.60 -37.15 19.38
C PRO D 228 -46.48 -38.12 18.55
N ASP D 229 -47.79 -37.90 18.62
CA ASP D 229 -48.89 -38.68 17.99
C ASP D 229 -49.04 -38.23 16.53
N TYR D 230 -48.35 -37.16 16.12
CA TYR D 230 -48.54 -36.53 14.78
C TYR D 230 -47.19 -36.28 14.12
N PRO D 231 -47.10 -36.38 12.77
CA PRO D 231 -45.89 -35.99 12.03
C PRO D 231 -45.72 -34.46 12.01
N ILE D 232 -44.75 -33.96 12.77
CA ILE D 232 -44.34 -32.53 12.79
C ILE D 232 -42.85 -32.50 12.44
N PRO D 233 -42.50 -32.30 11.15
CA PRO D 233 -41.11 -32.19 10.74
C PRO D 233 -40.55 -30.82 11.13
N LEU D 234 -39.22 -30.71 11.12
CA LEU D 234 -38.50 -29.45 11.43
C LEU D 234 -38.61 -28.56 10.19
N ALA D 235 -39.80 -28.01 9.97
CA ALA D 235 -40.25 -27.34 8.73
C ALA D 235 -39.41 -26.07 8.50
N CYS D 236 -39.03 -25.37 9.56
CA CYS D 236 -38.21 -24.13 9.49
C CYS D 236 -36.77 -24.48 9.87
N GLN D 237 -35.89 -24.47 8.87
CA GLN D 237 -34.45 -24.73 9.04
C GLN D 237 -33.75 -23.38 9.16
N SER D 238 -33.48 -22.98 10.41
CA SER D 238 -32.80 -21.70 10.75
C SER D 238 -31.36 -22.00 11.16
N ALA D 239 -30.48 -21.05 10.89
CA ALA D 239 -29.09 -21.03 11.35
C ALA D 239 -28.67 -19.56 11.54
N THR D 240 -27.75 -19.33 12.47
CA THR D 240 -26.95 -18.08 12.55
C THR D 240 -25.62 -18.32 11.81
N PHE D 241 -25.30 -17.47 10.86
CA PHE D 241 -23.93 -17.43 10.28
C PHE D 241 -23.14 -16.26 10.90
N GLU D 242 -22.08 -16.56 11.65
CA GLU D 242 -21.06 -15.55 11.98
C GLU D 242 -20.12 -15.49 10.76
N LEU D 243 -20.24 -14.48 9.91
CA LEU D 243 -19.57 -14.46 8.58
C LEU D 243 -18.10 -14.07 8.73
N GLY D 244 -17.69 -13.61 9.91
CA GLY D 244 -16.31 -13.15 10.14
C GLY D 244 -16.23 -12.23 11.34
N SER D 245 -15.28 -11.30 11.31
CA SER D 245 -15.10 -10.28 12.35
C SER D 245 -16.11 -9.14 12.13
N ASN D 246 -16.54 -8.49 13.20
CA ASN D 246 -17.56 -7.40 13.20
C ASN D 246 -17.21 -6.39 12.10
N ASP D 247 -15.94 -6.04 11.90
CA ASP D 247 -15.54 -4.93 11.01
C ASP D 247 -14.92 -5.50 9.73
N GLU D 248 -15.19 -6.76 9.40
CA GLU D 248 -14.56 -7.43 8.22
C GLU D 248 -15.34 -7.05 6.95
N VAL D 249 -15.06 -5.86 6.44
CA VAL D 249 -15.80 -5.28 5.28
C VAL D 249 -14.85 -5.32 4.08
N ASP D 250 -15.03 -6.30 3.18
CA ASP D 250 -14.17 -6.45 2.00
C ASP D 250 -15.05 -6.78 0.79
N LEU D 251 -14.79 -6.14 -0.34
CA LEU D 251 -15.53 -6.32 -1.61
C LEU D 251 -15.52 -7.80 -2.03
N ARG D 252 -14.32 -8.38 -2.10
CA ARG D 252 -14.12 -9.77 -2.57
C ARG D 252 -14.90 -10.71 -1.64
N LEU D 253 -14.74 -10.55 -0.32
CA LEU D 253 -15.35 -11.45 0.68
C LEU D 253 -16.87 -11.37 0.58
N ALA D 254 -17.44 -10.16 0.55
CA ALA D 254 -18.90 -9.94 0.53
C ALA D 254 -19.47 -10.58 -0.75
N GLN D 255 -18.76 -10.44 -1.88
CA GLN D 255 -19.20 -11.02 -3.18
C GLN D 255 -19.16 -12.55 -3.07
N ASP D 256 -18.09 -13.11 -2.50
CA ASP D 256 -17.94 -14.60 -2.33
C ASP D 256 -19.05 -15.12 -1.41
N GLN D 257 -19.40 -14.40 -0.35
CA GLN D 257 -20.45 -14.79 0.62
C GLN D 257 -21.82 -14.69 -0.06
N ALA D 258 -22.06 -13.62 -0.82
CA ALA D 258 -23.28 -13.46 -1.64
C ALA D 258 -23.42 -14.65 -2.61
N GLU D 259 -22.34 -15.03 -3.30
CA GLU D 259 -22.35 -16.14 -4.30
C GLU D 259 -22.70 -17.44 -3.57
N ALA D 260 -22.11 -17.67 -2.38
CA ALA D 260 -22.38 -18.86 -1.57
C ALA D 260 -23.87 -18.89 -1.16
N LEU D 261 -24.40 -17.76 -0.70
CA LEU D 261 -25.83 -17.66 -0.27
C LEU D 261 -26.73 -17.96 -1.47
N PHE D 262 -26.36 -17.46 -2.66
CA PHE D 262 -27.10 -17.68 -3.94
C PHE D 262 -27.11 -19.19 -4.21
N ARG D 263 -25.95 -19.86 -4.11
CA ARG D 263 -25.82 -21.31 -4.35
C ARG D 263 -26.72 -22.08 -3.35
N ILE D 264 -26.80 -21.62 -2.11
CA ILE D 264 -27.68 -22.24 -1.07
C ILE D 264 -29.13 -22.11 -1.53
N LEU D 265 -29.52 -20.93 -1.98
CA LEU D 265 -30.91 -20.66 -2.48
C LEU D 265 -31.20 -21.59 -3.67
N ILE D 266 -30.25 -21.76 -4.59
CA ILE D 266 -30.46 -22.66 -5.77
C ILE D 266 -30.68 -24.08 -5.25
N ARG D 267 -29.78 -24.57 -4.38
CA ARG D 267 -29.80 -25.97 -3.85
C ARG D 267 -31.16 -26.26 -3.20
N ARG D 268 -31.81 -25.25 -2.61
CA ARG D 268 -33.04 -25.47 -1.83
C ARG D 268 -34.28 -25.02 -2.61
N GLY D 269 -34.13 -24.83 -3.92
CA GLY D 269 -35.25 -24.73 -4.90
C GLY D 269 -35.87 -23.35 -4.96
N PHE D 270 -35.07 -22.31 -4.82
CA PHE D 270 -35.56 -20.91 -4.90
C PHE D 270 -35.26 -20.32 -6.28
N ILE D 271 -34.30 -20.90 -6.99
CA ILE D 271 -33.81 -20.35 -8.28
C ILE D 271 -33.85 -21.46 -9.33
N GLU D 272 -34.50 -21.14 -10.46
CA GLU D 272 -34.88 -22.04 -11.58
C GLU D 272 -33.83 -21.92 -12.68
N ASP D 273 -33.69 -22.93 -13.53
CA ASP D 273 -32.82 -22.90 -14.75
C ASP D 273 -31.35 -22.74 -14.37
N VAL D 274 -30.95 -23.09 -13.15
CA VAL D 274 -29.53 -23.01 -12.71
C VAL D 274 -29.18 -24.33 -12.03
N HIS D 275 -28.15 -24.98 -12.55
CA HIS D 275 -27.49 -26.14 -11.90
C HIS D 275 -26.33 -25.59 -11.08
N VAL D 276 -26.12 -26.09 -9.86
CA VAL D 276 -25.06 -25.61 -8.93
C VAL D 276 -23.78 -26.43 -9.10
N GLY D 277 -23.92 -27.75 -9.12
CA GLY D 277 -22.79 -28.68 -9.22
C GLY D 277 -22.33 -29.09 -7.83
N GLU D 278 -21.03 -29.22 -7.62
CA GLU D 278 -20.51 -30.26 -6.69
C GLU D 278 -20.47 -29.55 -5.32
N LEU D 279 -20.93 -30.14 -4.20
CA LEU D 279 -20.91 -29.47 -2.86
C LEU D 279 -19.47 -29.33 -2.38
N PRO D 280 -19.04 -28.15 -1.87
CA PRO D 280 -17.70 -28.00 -1.31
C PRO D 280 -17.52 -28.87 -0.07
N GLN D 281 -16.24 -29.15 0.23
CA GLN D 281 -15.77 -29.85 1.45
C GLN D 281 -16.10 -28.98 2.66
N LEU D 282 -16.77 -29.54 3.67
CA LEU D 282 -16.92 -28.85 4.99
C LEU D 282 -15.62 -29.04 5.77
N ALA D 283 -15.06 -27.96 6.31
CA ALA D 283 -13.72 -27.94 6.95
C ALA D 283 -13.80 -28.28 8.44
N CYS D 284 -14.96 -28.69 8.95
CA CYS D 284 -15.19 -28.99 10.40
C CYS D 284 -16.35 -29.98 10.60
N GLU D 285 -16.44 -30.60 11.77
CA GLU D 285 -17.57 -31.48 12.16
C GLU D 285 -18.55 -30.63 13.00
N GLY D 286 -19.82 -31.03 13.08
CA GLY D 286 -20.77 -30.39 14.00
C GLY D 286 -20.44 -30.79 15.41
N THR D 287 -20.38 -29.84 16.34
CA THR D 287 -20.09 -30.09 17.78
C THR D 287 -21.18 -29.45 18.64
N LEU D 288 -21.39 -29.95 19.87
CA LEU D 288 -22.30 -29.30 20.86
C LEU D 288 -21.72 -27.98 21.37
N LEU D 289 -22.61 -27.02 21.61
CA LEU D 289 -22.28 -25.71 22.26
C LEU D 289 -21.59 -25.96 23.60
N GLU D 290 -22.07 -26.95 24.37
CA GLU D 290 -21.53 -27.23 25.72
C GLU D 290 -20.13 -27.85 25.60
N ALA D 291 -19.67 -28.25 24.41
CA ALA D 291 -18.29 -28.76 24.19
C ALA D 291 -17.36 -27.61 23.82
N MET D 292 -17.91 -26.41 23.55
CA MET D 292 -17.13 -25.22 23.20
C MET D 292 -16.58 -24.58 24.48
N GLN D 293 -15.31 -24.21 24.48
CA GLN D 293 -14.72 -23.49 25.63
C GLN D 293 -14.77 -22.00 25.36
N GLN D 294 -15.35 -21.24 26.27
CA GLN D 294 -15.14 -19.77 26.32
C GLN D 294 -13.88 -19.52 27.13
N LEU D 295 -12.89 -18.86 26.54
CA LEU D 295 -11.68 -18.42 27.28
C LEU D 295 -12.05 -17.14 28.01
N LYS D 296 -11.89 -17.10 29.32
CA LYS D 296 -12.29 -15.90 30.08
C LYS D 296 -11.07 -15.35 30.80
N ALA D 297 -10.96 -14.03 30.76
CA ALA D 297 -9.97 -13.25 31.52
C ALA D 297 -10.36 -13.35 32.97
N PRO D 298 -9.51 -13.92 33.85
CA PRO D 298 -9.78 -13.91 35.29
C PRO D 298 -9.54 -12.53 35.92
N CYS D 299 -8.91 -11.61 35.22
CA CYS D 299 -8.60 -10.26 35.73
C CYS D 299 -8.52 -9.27 34.58
N GLN D 300 -8.44 -7.99 34.94
CA GLN D 300 -8.27 -6.89 33.98
C GLN D 300 -6.82 -6.87 33.49
N GLY D 301 -6.58 -6.40 32.26
CA GLY D 301 -5.24 -6.25 31.67
C GLY D 301 -5.21 -6.39 30.15
N LEU D 302 -4.02 -6.21 29.56
CA LEU D 302 -3.78 -6.33 28.11
C LEU D 302 -4.03 -7.78 27.71
N ILE D 303 -4.71 -7.99 26.58
CA ILE D 303 -4.90 -9.36 26.05
C ILE D 303 -3.78 -9.66 25.07
N VAL D 304 -2.92 -10.59 25.43
CA VAL D 304 -1.76 -11.02 24.60
C VAL D 304 -2.03 -12.43 24.12
N TYR D 305 -2.26 -12.61 22.83
CA TYR D 305 -2.57 -13.93 22.24
C TYR D 305 -1.28 -14.62 21.87
N HIS D 306 -1.21 -15.92 22.12
CA HIS D 306 -0.08 -16.79 21.76
C HIS D 306 -0.46 -17.67 20.58
N ASN D 307 -1.71 -17.65 20.20
CA ASN D 307 -2.25 -18.42 19.05
C ASN D 307 -2.90 -17.45 18.08
N ARG D 308 -2.77 -17.74 16.79
CA ARG D 308 -3.45 -17.01 15.71
C ARG D 308 -4.90 -17.45 15.66
N LEU D 309 -5.73 -16.61 15.07
CA LEU D 309 -7.13 -16.94 14.74
C LEU D 309 -7.11 -18.16 13.84
N GLY D 310 -7.81 -19.22 14.23
CA GLY D 310 -8.01 -20.43 13.41
C GLY D 310 -7.03 -21.55 13.71
N ASP D 311 -6.02 -21.27 14.57
CA ASP D 311 -5.05 -22.27 15.07
C ASP D 311 -5.79 -23.44 15.73
N PHE D 312 -5.34 -24.65 15.49
CA PHE D 312 -5.75 -25.83 16.27
C PHE D 312 -4.92 -25.81 17.56
N VAL D 313 -5.58 -25.92 18.71
CA VAL D 313 -4.92 -25.86 20.05
C VAL D 313 -5.22 -27.16 20.79
N ARG D 314 -4.31 -27.52 21.70
CA ARG D 314 -4.46 -28.72 22.53
C ARG D 314 -4.73 -28.33 23.99
N SER D 315 -5.56 -29.10 24.69
CA SER D 315 -5.79 -28.96 26.15
C SER D 315 -4.45 -28.75 26.85
N GLY D 316 -4.32 -27.68 27.63
CA GLY D 316 -3.12 -27.37 28.41
C GLY D 316 -2.24 -26.33 27.73
N ASP D 317 -2.45 -26.06 26.44
CA ASP D 317 -1.72 -24.98 25.72
C ASP D 317 -2.01 -23.64 26.38
N LYS D 318 -0.98 -22.82 26.53
CA LYS D 318 -1.12 -21.36 26.82
C LYS D 318 -1.61 -20.70 25.53
N VAL D 319 -2.82 -20.18 25.54
CA VAL D 319 -3.48 -19.64 24.32
C VAL D 319 -3.40 -18.12 24.38
N VAL D 320 -3.59 -17.59 25.58
CA VAL D 320 -3.68 -16.12 25.77
C VAL D 320 -3.23 -15.82 27.20
N SER D 321 -2.64 -14.65 27.39
CA SER D 321 -2.17 -14.13 28.70
C SER D 321 -2.83 -12.77 28.95
N ILE D 322 -3.16 -12.49 30.20
CA ILE D 322 -3.65 -11.13 30.59
C ILE D 322 -2.48 -10.43 31.27
N VAL D 323 -2.07 -9.29 30.75
CA VAL D 323 -0.83 -8.58 31.19
C VAL D 323 -1.23 -7.25 31.80
N ASP D 324 -1.09 -7.10 33.12
CA ASP D 324 -1.26 -5.82 33.83
C ASP D 324 0.04 -5.06 33.62
N PRO D 325 0.04 -3.96 32.84
CA PRO D 325 1.29 -3.28 32.47
C PRO D 325 2.03 -2.71 33.69
N ILE D 326 1.35 -2.59 34.82
CA ILE D 326 1.97 -2.12 36.10
C ILE D 326 1.82 -3.19 37.17
N GLY D 327 1.62 -4.44 36.77
CA GLY D 327 1.35 -5.55 37.70
C GLY D 327 1.78 -6.89 37.14
N GLU D 328 0.93 -7.90 37.32
CA GLU D 328 1.24 -9.33 37.09
C GLU D 328 0.69 -9.77 35.73
N THR D 329 1.25 -10.87 35.24
CA THR D 329 0.79 -11.56 34.01
C THR D 329 0.18 -12.90 34.42
N VAL D 330 -0.97 -13.26 33.83
CA VAL D 330 -1.68 -14.54 34.12
C VAL D 330 -1.87 -15.28 32.80
N ASP D 331 -1.42 -16.53 32.77
CA ASP D 331 -1.47 -17.40 31.56
C ASP D 331 -2.81 -18.15 31.57
N ILE D 332 -3.50 -18.19 30.43
CA ILE D 332 -4.87 -18.79 30.30
C ILE D 332 -4.81 -19.96 29.33
N LEU D 333 -5.24 -21.13 29.81
CA LEU D 333 -4.95 -22.42 29.14
C LEU D 333 -6.20 -22.96 28.46
N ALA D 334 -5.98 -23.72 27.39
CA ALA D 334 -7.05 -24.46 26.70
C ALA D 334 -7.47 -25.60 27.63
N HIS D 335 -8.75 -25.92 27.74
CA HIS D 335 -9.25 -27.06 28.52
C HIS D 335 -9.79 -28.13 27.57
N THR D 336 -9.59 -27.95 26.26
CA THR D 336 -10.09 -28.92 25.25
C THR D 336 -9.29 -28.79 23.96
N ASP D 337 -9.19 -29.89 23.22
CA ASP D 337 -8.61 -29.92 21.86
C ASP D 337 -9.66 -29.33 20.92
N GLY D 338 -9.24 -28.41 20.03
CA GLY D 338 -10.15 -27.79 19.05
C GLY D 338 -9.57 -26.57 18.37
N VAL D 339 -10.41 -25.91 17.60
CA VAL D 339 -9.99 -24.77 16.74
C VAL D 339 -10.33 -23.48 17.48
N LEU D 340 -9.35 -22.60 17.61
CA LEU D 340 -9.54 -21.23 18.15
C LEU D 340 -10.22 -20.39 17.07
N PHE D 341 -11.51 -20.59 16.86
CA PHE D 341 -12.29 -19.95 15.77
C PHE D 341 -12.65 -18.50 16.11
N ALA D 342 -12.54 -18.08 17.37
CA ALA D 342 -12.78 -16.66 17.74
C ALA D 342 -11.75 -16.21 18.80
N ARG D 343 -11.37 -14.94 18.73
CA ARG D 343 -10.52 -14.24 19.74
C ARG D 343 -11.29 -13.01 20.20
N HIS D 344 -10.71 -11.81 20.08
CA HIS D 344 -11.43 -10.53 20.32
C HIS D 344 -10.68 -9.38 19.65
N SER D 345 -11.42 -8.36 19.22
CA SER D 345 -10.89 -7.20 18.46
C SER D 345 -10.25 -6.19 19.43
N GLN D 346 -10.81 -6.02 20.63
CA GLN D 346 -10.29 -5.02 21.59
C GLN D 346 -9.45 -5.72 22.64
N THR D 347 -8.14 -5.49 22.60
CA THR D 347 -7.12 -6.30 23.29
C THR D 347 -6.87 -5.72 24.69
N TYR D 348 -7.94 -5.46 25.44
CA TYR D 348 -7.87 -5.25 26.91
C TYR D 348 -9.07 -5.92 27.59
N ALA D 349 -8.87 -6.51 28.75
CA ALA D 349 -9.88 -7.35 29.44
C ALA D 349 -10.37 -6.67 30.70
N TYR D 350 -11.59 -7.00 31.08
CA TYR D 350 -12.18 -6.83 32.43
C TYR D 350 -12.44 -8.24 32.93
N PRO D 351 -12.54 -8.46 34.25
CA PRO D 351 -12.73 -9.80 34.78
C PRO D 351 -13.96 -10.47 34.16
N ASN D 352 -13.80 -11.72 33.73
CA ASN D 352 -14.84 -12.62 33.20
C ASN D 352 -15.19 -12.27 31.74
N LYS D 353 -14.44 -11.36 31.13
CA LYS D 353 -14.56 -11.06 29.69
C LYS D 353 -14.28 -12.33 28.89
N VAL D 354 -15.14 -12.69 27.97
CA VAL D 354 -14.84 -13.76 26.96
C VAL D 354 -13.82 -13.20 25.96
N ILE D 355 -12.64 -13.82 25.87
CA ILE D 355 -11.51 -13.32 25.04
C ILE D 355 -11.15 -14.35 23.96
N GLY D 356 -11.96 -15.39 23.77
CA GLY D 356 -11.72 -16.40 22.72
C GLY D 356 -12.62 -17.60 22.85
N LYS D 357 -12.75 -18.38 21.77
CA LYS D 357 -13.63 -19.58 21.73
C LYS D 357 -12.93 -20.73 21.02
N ILE D 358 -13.00 -21.92 21.61
CA ILE D 358 -12.38 -23.16 21.08
C ILE D 358 -13.49 -24.18 20.83
N ALA D 359 -13.65 -24.63 19.59
CA ALA D 359 -14.65 -25.65 19.17
C ALA D 359 -14.13 -27.05 19.46
N GLY D 360 -14.55 -27.63 20.59
CA GLY D 360 -14.11 -28.97 21.04
C GLY D 360 -15.21 -30.00 20.84
N LYS D 361 -14.96 -31.28 21.13
CA LYS D 361 -15.88 -32.40 20.79
C LYS D 361 -16.48 -33.00 22.07
N GLU D 362 -15.70 -33.07 23.15
CA GLU D 362 -16.16 -33.60 24.46
C GLU D 362 -16.87 -32.48 25.19
N PRO D 363 -18.12 -32.70 25.67
CA PRO D 363 -18.82 -31.73 26.53
C PRO D 363 -17.98 -31.33 27.77
N LEU D 364 -17.93 -30.04 28.11
CA LEU D 364 -17.06 -29.50 29.20
C LEU D 364 -17.87 -29.32 30.47
N PRO D 365 -17.32 -29.65 31.66
CA PRO D 365 -17.99 -29.38 32.93
C PRO D 365 -18.25 -27.88 33.18
N GLU D 366 -17.35 -27.04 32.67
CA GLU D 366 -17.43 -25.56 32.84
C GLU D 366 -18.46 -25.07 31.82
#